data_2K9Y
#
_entry.id   2K9Y
#
_cell.length_a   1.000
_cell.length_b   1.000
_cell.length_c   1.000
_cell.angle_alpha   90.00
_cell.angle_beta   90.00
_cell.angle_gamma   90.00
#
_symmetry.space_group_name_H-M   'P 1'
#
loop_
_entity.id
_entity.type
_entity.pdbx_description
1 polymer 'Ephrin type-A receptor 2'
2 water water
#
_entity_poly.entity_id   1
_entity_poly.type   'polypeptide(L)'
_entity_poly.pdbx_seq_one_letter_code
;EFQTLSPEGSGNLAVIGGVAVGVVLLLVLAGVGFFIHRRRK
;
_entity_poly.pdbx_strand_id   A,B
#
# COMPACT_ATOMS: atom_id res chain seq x y z
N GLU A 1 14.32 -6.12 4.86
CA GLU A 1 12.90 -5.86 4.94
C GLU A 1 12.16 -6.49 3.75
N PHE A 2 12.41 -7.79 3.54
CA PHE A 2 11.78 -8.50 2.44
C PHE A 2 10.31 -8.77 2.74
N GLN A 3 9.44 -8.40 1.81
CA GLN A 3 8.00 -8.59 1.98
C GLN A 3 7.36 -9.05 0.67
N THR A 4 6.38 -9.95 0.78
CA THR A 4 5.69 -10.47 -0.40
C THR A 4 4.24 -10.80 -0.08
N LEU A 5 3.31 -10.10 -0.73
CA LEU A 5 1.89 -10.32 -0.52
C LEU A 5 1.29 -11.14 -1.65
N SER A 6 1.16 -12.45 -1.42
CA SER A 6 0.60 -13.34 -2.42
C SER A 6 -0.82 -12.91 -2.81
N PRO A 7 -1.23 -13.29 -4.02
CA PRO A 7 -2.57 -12.95 -4.54
C PRO A 7 -3.67 -13.72 -3.83
N GLU A 8 -4.56 -12.98 -3.16
CA GLU A 8 -5.66 -13.60 -2.42
C GLU A 8 -6.97 -12.85 -2.69
N GLY A 9 -7.80 -13.41 -3.57
CA GLY A 9 -9.06 -12.79 -3.90
C GLY A 9 -10.23 -13.73 -3.75
N SER A 10 -11.41 -13.19 -3.48
CA SER A 10 -12.61 -13.99 -3.30
C SER A 10 -13.72 -13.54 -4.26
N GLY A 11 -13.88 -12.22 -4.39
CA GLY A 11 -14.90 -11.67 -5.26
C GLY A 11 -14.64 -10.23 -5.63
N ASN A 12 -15.54 -9.35 -5.20
CA ASN A 12 -15.41 -7.92 -5.48
C ASN A 12 -14.43 -7.27 -4.52
N LEU A 13 -14.23 -7.88 -3.36
CA LEU A 13 -13.32 -7.36 -2.36
C LEU A 13 -11.87 -7.55 -2.78
N ALA A 14 -11.65 -8.47 -3.73
CA ALA A 14 -10.31 -8.75 -4.22
C ALA A 14 -9.74 -7.54 -4.98
N VAL A 15 -10.62 -6.83 -5.67
CA VAL A 15 -10.21 -5.64 -6.43
C VAL A 15 -9.48 -4.65 -5.54
N ILE A 16 -9.73 -4.73 -4.24
CA ILE A 16 -9.08 -3.82 -3.29
C ILE A 16 -7.57 -3.98 -3.32
N GLY A 17 -7.09 -5.19 -3.04
CA GLY A 17 -5.66 -5.44 -3.04
C GLY A 17 -5.03 -5.16 -4.40
N GLY A 18 -5.71 -5.59 -5.46
CA GLY A 18 -5.19 -5.39 -6.80
C GLY A 18 -4.81 -3.94 -7.06
N VAL A 19 -5.72 -3.03 -6.75
CA VAL A 19 -5.48 -1.61 -6.96
C VAL A 19 -4.58 -1.04 -5.87
N ALA A 20 -4.96 -1.25 -4.62
CA ALA A 20 -4.18 -0.76 -3.48
C ALA A 20 -2.72 -1.16 -3.61
N VAL A 21 -2.47 -2.48 -3.64
CA VAL A 21 -1.11 -2.99 -3.76
C VAL A 21 -0.42 -2.43 -4.99
N GLY A 22 -1.10 -2.50 -6.14
CA GLY A 22 -0.54 -2.00 -7.37
C GLY A 22 -0.04 -0.58 -7.25
N VAL A 23 -0.76 0.23 -6.47
CA VAL A 23 -0.39 1.62 -6.26
C VAL A 23 0.91 1.74 -5.47
N VAL A 24 1.04 0.91 -4.45
CA VAL A 24 2.23 0.91 -3.61
C VAL A 24 3.49 0.70 -4.44
N LEU A 25 3.53 -0.41 -5.18
CA LEU A 25 4.68 -0.73 -6.03
C LEU A 25 5.02 0.43 -6.95
N LEU A 26 4.00 0.98 -7.60
CA LEU A 26 4.19 2.10 -8.51
C LEU A 26 4.79 3.31 -7.79
N LEU A 27 4.37 3.50 -6.55
CA LEU A 27 4.87 4.61 -5.74
C LEU A 27 6.38 4.51 -5.55
N VAL A 28 6.87 3.28 -5.38
CA VAL A 28 8.30 3.05 -5.20
C VAL A 28 9.09 3.42 -6.45
N LEU A 29 8.75 2.77 -7.56
CA LEU A 29 9.42 3.04 -8.83
C LEU A 29 9.45 4.54 -9.13
N ALA A 30 8.35 5.21 -8.82
CA ALA A 30 8.24 6.65 -9.06
C ALA A 30 9.28 7.42 -8.24
N GLY A 31 9.06 7.51 -6.93
CA GLY A 31 9.98 8.22 -6.07
C GLY A 31 11.41 7.74 -6.22
N VAL A 32 11.61 6.45 -6.02
CA VAL A 32 12.94 5.85 -6.14
C VAL A 32 13.48 5.98 -7.56
N GLY A 33 12.58 6.30 -8.49
CA GLY A 33 12.97 6.44 -9.88
C GLY A 33 13.75 7.72 -10.14
N PHE A 34 13.22 8.83 -9.64
CA PHE A 34 13.87 10.13 -9.82
C PHE A 34 14.75 10.47 -8.62
N PHE A 35 14.30 10.08 -7.43
CA PHE A 35 15.04 10.34 -6.21
C PHE A 35 16.42 9.68 -6.25
N ILE A 36 16.57 8.70 -7.14
CA ILE A 36 17.82 7.98 -7.28
C ILE A 36 18.74 8.66 -8.29
N HIS A 37 18.14 9.31 -9.29
CA HIS A 37 18.89 10.01 -10.32
C HIS A 37 18.31 11.40 -10.57
N ARG A 38 18.21 12.20 -9.52
CA ARG A 38 17.67 13.55 -9.63
C ARG A 38 18.71 14.50 -10.20
N ARG A 39 19.99 14.17 -9.98
CA ARG A 39 21.08 15.01 -10.46
C ARG A 39 22.07 14.18 -11.29
N ARG A 40 21.58 13.08 -11.85
CA ARG A 40 22.43 12.20 -12.65
C ARG A 40 23.65 11.75 -11.87
N LYS A 41 24.50 10.96 -12.52
CA LYS A 41 25.71 10.46 -11.88
C LYS A 41 26.96 11.03 -12.55
N GLU B 1 0.70 -10.57 16.51
CA GLU B 1 0.20 -9.33 17.08
C GLU B 1 -1.31 -9.24 16.98
N PHE B 2 -1.86 -9.82 15.90
CA PHE B 2 -3.31 -9.81 15.68
C PHE B 2 -4.01 -10.78 16.62
N GLN B 3 -5.00 -10.28 17.35
CA GLN B 3 -5.74 -11.11 18.29
C GLN B 3 -7.23 -10.80 18.22
N THR B 4 -8.01 -11.38 19.13
CA THR B 4 -9.44 -11.17 19.18
C THR B 4 -10.06 -11.30 17.79
N LEU B 5 -10.30 -12.53 17.36
CA LEU B 5 -10.89 -12.80 16.06
C LEU B 5 -12.16 -13.63 16.18
N SER B 6 -13.19 -13.24 15.45
CA SER B 6 -14.46 -13.95 15.48
C SER B 6 -14.35 -15.30 14.77
N PRO B 7 -15.21 -16.25 15.17
CA PRO B 7 -15.22 -17.60 14.59
C PRO B 7 -15.75 -17.61 13.16
N GLU B 8 -16.40 -16.52 12.77
CA GLU B 8 -16.95 -16.39 11.42
C GLU B 8 -17.13 -14.92 11.04
N GLY B 9 -16.32 -14.47 10.08
CA GLY B 9 -16.40 -13.09 9.64
C GLY B 9 -16.60 -12.97 8.14
N SER B 10 -17.53 -12.12 7.73
CA SER B 10 -17.82 -11.92 6.31
C SER B 10 -17.06 -10.71 5.77
N GLY B 11 -15.76 -10.65 6.05
CA GLY B 11 -14.95 -9.54 5.58
C GLY B 11 -13.46 -9.85 5.62
N ASN B 12 -13.11 -11.10 5.33
CA ASN B 12 -11.72 -11.52 5.36
C ASN B 12 -10.93 -10.82 4.26
N LEU B 13 -11.62 -10.42 3.19
CA LEU B 13 -10.98 -9.73 2.07
C LEU B 13 -10.81 -8.25 2.37
N ALA B 14 -11.60 -7.75 3.32
CA ALA B 14 -11.52 -6.34 3.69
C ALA B 14 -10.17 -5.99 4.29
N VAL B 15 -9.59 -6.94 5.02
CA VAL B 15 -8.29 -6.74 5.65
C VAL B 15 -7.24 -6.32 4.61
N ILE B 16 -7.49 -6.69 3.36
CA ILE B 16 -6.56 -6.35 2.28
C ILE B 16 -6.38 -4.83 2.16
N GLY B 17 -7.48 -4.13 1.92
CA GLY B 17 -7.43 -2.69 1.79
C GLY B 17 -6.90 -2.02 3.05
N GLY B 18 -7.35 -2.49 4.21
CA GLY B 18 -6.92 -1.91 5.46
C GLY B 18 -5.42 -1.83 5.57
N VAL B 19 -4.74 -2.94 5.29
CA VAL B 19 -3.28 -2.99 5.36
C VAL B 19 -2.65 -2.34 4.14
N ALA B 20 -3.06 -2.79 2.96
CA ALA B 20 -2.54 -2.24 1.71
C ALA B 20 -2.60 -0.72 1.71
N VAL B 21 -3.81 -0.19 1.85
CA VAL B 21 -4.01 1.27 1.85
C VAL B 21 -3.19 1.92 2.96
N GLY B 22 -3.29 1.37 4.17
CA GLY B 22 -2.56 1.92 5.30
C GLY B 22 -1.08 2.06 5.00
N VAL B 23 -0.52 1.12 4.25
CA VAL B 23 0.89 1.14 3.90
C VAL B 23 1.20 2.31 2.95
N VAL B 24 0.32 2.53 1.99
CA VAL B 24 0.50 3.61 1.02
C VAL B 24 0.66 4.95 1.72
N LEU B 25 -0.33 5.31 2.54
CA LEU B 25 -0.30 6.57 3.27
C LEU B 25 0.99 6.71 4.06
N LEU B 26 1.36 5.65 4.79
CA LEU B 26 2.58 5.65 5.58
C LEU B 26 3.81 5.89 4.70
N LEU B 27 3.78 5.33 3.50
CA LEU B 27 4.88 5.47 2.56
C LEU B 27 5.11 6.94 2.21
N VAL B 28 4.03 7.69 2.08
CA VAL B 28 4.11 9.11 1.76
C VAL B 28 4.77 9.89 2.88
N LEU B 29 4.18 9.83 4.07
CA LEU B 29 4.71 10.53 5.24
C LEU B 29 6.19 10.22 5.43
N ALA B 30 6.56 8.96 5.22
CA ALA B 30 7.95 8.52 5.37
C ALA B 30 8.85 9.24 4.37
N GLY B 31 8.75 8.85 3.10
CA GLY B 31 9.57 9.47 2.07
C GLY B 31 9.47 10.98 2.09
N VAL B 32 8.26 11.50 1.95
CA VAL B 32 8.04 12.94 1.94
C VAL B 32 8.44 13.57 3.28
N GLY B 33 8.61 12.72 4.29
CA GLY B 33 8.99 13.20 5.60
C GLY B 33 10.43 13.64 5.66
N PHE B 34 11.33 12.81 5.14
CA PHE B 34 12.76 13.13 5.14
C PHE B 34 13.17 13.75 3.81
N PHE B 35 12.42 13.45 2.76
CA PHE B 35 12.71 13.98 1.42
C PHE B 35 12.35 15.45 1.34
N ILE B 36 11.71 15.97 2.38
CA ILE B 36 11.31 17.37 2.44
C ILE B 36 12.44 18.25 2.94
N HIS B 37 13.36 17.65 3.69
CA HIS B 37 14.51 18.38 4.23
C HIS B 37 15.76 17.51 4.21
N ARG B 38 15.84 16.60 3.25
CA ARG B 38 16.99 15.71 3.13
C ARG B 38 18.25 16.50 2.84
N ARG B 39 19.29 16.27 3.66
CA ARG B 39 20.56 16.96 3.49
C ARG B 39 20.37 18.47 3.51
N ARG B 40 19.27 18.91 4.12
CA ARG B 40 18.96 20.34 4.20
C ARG B 40 18.75 20.93 2.81
N LYS B 41 19.84 21.27 2.15
CA LYS B 41 19.76 21.85 0.80
C LYS B 41 20.68 21.10 -0.16
N GLU A 1 7.94 -2.81 3.49
CA GLU A 1 7.29 -3.57 2.42
C GLU A 1 7.48 -5.06 2.63
N PHE A 2 6.36 -5.79 2.66
CA PHE A 2 6.39 -7.23 2.86
C PHE A 2 5.40 -7.93 1.94
N GLN A 3 5.82 -9.06 1.38
CA GLN A 3 4.97 -9.83 0.48
C GLN A 3 5.66 -11.13 0.05
N THR A 4 4.88 -12.04 -0.51
CA THR A 4 5.41 -13.33 -0.95
C THR A 4 4.53 -13.92 -2.05
N LEU A 5 3.22 -13.84 -1.88
CA LEU A 5 2.29 -14.37 -2.86
C LEU A 5 1.46 -13.25 -3.49
N SER A 6 0.91 -13.53 -4.67
CA SER A 6 0.10 -12.55 -5.39
C SER A 6 -1.22 -12.30 -4.65
N PRO A 7 -1.83 -11.14 -4.93
CA PRO A 7 -3.10 -10.74 -4.31
C PRO A 7 -4.27 -11.58 -4.82
N GLU A 8 -4.88 -12.35 -3.92
CA GLU A 8 -6.01 -13.20 -4.27
C GLU A 8 -7.10 -13.12 -3.22
N GLY A 9 -8.16 -12.38 -3.52
CA GLY A 9 -9.26 -12.23 -2.58
C GLY A 9 -10.26 -13.36 -2.68
N SER A 10 -11.49 -13.03 -3.06
CA SER A 10 -12.54 -14.04 -3.20
C SER A 10 -13.57 -13.61 -4.23
N GLY A 11 -14.00 -12.35 -4.15
CA GLY A 11 -14.98 -11.83 -5.09
C GLY A 11 -14.68 -10.41 -5.51
N ASN A 12 -15.60 -9.50 -5.20
CA ASN A 12 -15.44 -8.09 -5.55
C ASN A 12 -14.48 -7.40 -4.58
N LEU A 13 -14.29 -8.00 -3.41
CA LEU A 13 -13.40 -7.44 -2.40
C LEU A 13 -11.94 -7.63 -2.78
N ALA A 14 -11.69 -8.56 -3.70
CA ALA A 14 -10.34 -8.85 -4.16
C ALA A 14 -9.76 -7.66 -4.93
N VAL A 15 -10.62 -6.98 -5.67
CA VAL A 15 -10.21 -5.83 -6.47
C VAL A 15 -9.51 -4.79 -5.59
N ILE A 16 -9.81 -4.83 -4.29
CA ILE A 16 -9.22 -3.89 -3.35
C ILE A 16 -7.69 -4.00 -3.33
N GLY A 17 -7.21 -5.19 -2.99
CA GLY A 17 -5.78 -5.41 -2.94
C GLY A 17 -5.10 -5.19 -4.28
N GLY A 18 -5.74 -5.67 -5.35
CA GLY A 18 -5.18 -5.51 -6.68
C GLY A 18 -4.82 -4.07 -6.98
N VAL A 19 -5.76 -3.16 -6.73
CA VAL A 19 -5.53 -1.74 -6.98
C VAL A 19 -4.68 -1.12 -5.89
N ALA A 20 -5.10 -1.28 -4.64
CA ALA A 20 -4.37 -0.74 -3.50
C ALA A 20 -2.90 -1.12 -3.57
N VAL A 21 -2.62 -2.41 -3.56
CA VAL A 21 -1.24 -2.90 -3.63
C VAL A 21 -0.53 -2.39 -4.86
N GLY A 22 -1.18 -2.53 -6.01
CA GLY A 22 -0.60 -2.08 -7.26
C GLY A 22 -0.13 -0.64 -7.19
N VAL A 23 -0.88 0.19 -6.47
CA VAL A 23 -0.54 1.60 -6.32
C VAL A 23 0.71 1.78 -5.48
N VAL A 24 0.83 0.99 -4.42
CA VAL A 24 1.99 1.06 -3.53
C VAL A 24 3.28 0.83 -4.30
N LEU A 25 3.33 -0.25 -5.08
CA LEU A 25 4.51 -0.58 -5.87
C LEU A 25 4.86 0.56 -6.82
N LEU A 26 3.85 1.06 -7.53
CA LEU A 26 4.05 2.15 -8.48
C LEU A 26 4.62 3.39 -7.78
N LEU A 27 4.17 3.62 -6.56
CA LEU A 27 4.63 4.76 -5.78
C LEU A 27 6.13 4.67 -5.51
N VAL A 28 6.60 3.47 -5.22
CA VAL A 28 8.01 3.24 -4.95
C VAL A 28 8.87 3.59 -6.16
N LEU A 29 8.60 2.93 -7.28
CA LEU A 29 9.34 3.18 -8.51
C LEU A 29 9.38 4.67 -8.84
N ALA A 30 8.27 5.35 -8.56
CA ALA A 30 8.17 6.79 -8.82
C ALA A 30 9.24 7.56 -8.05
N GLY A 31 9.01 7.72 -6.75
CA GLY A 31 9.96 8.44 -5.92
C GLY A 31 11.37 7.90 -6.04
N VAL A 32 11.54 6.62 -5.67
CA VAL A 32 12.85 5.98 -5.74
C VAL A 32 13.50 6.20 -7.11
N GLY A 33 12.69 6.09 -8.16
CA GLY A 33 13.20 6.26 -9.50
C GLY A 33 13.98 7.56 -9.66
N PHE A 34 13.33 8.68 -9.37
CA PHE A 34 13.96 9.99 -9.48
C PHE A 34 14.90 10.24 -8.30
N PHE A 35 14.74 9.43 -7.25
CA PHE A 35 15.56 9.58 -6.06
C PHE A 35 17.04 9.35 -6.39
N ILE A 36 17.30 8.73 -7.53
CA ILE A 36 18.67 8.45 -7.96
C ILE A 36 19.29 9.69 -8.62
N HIS A 37 18.44 10.59 -9.10
CA HIS A 37 18.92 11.81 -9.75
C HIS A 37 19.11 12.92 -8.73
N ARG A 38 18.53 12.75 -7.55
CA ARG A 38 18.63 13.74 -6.49
C ARG A 38 20.06 13.88 -6.00
N ARG A 39 20.84 12.82 -6.16
CA ARG A 39 22.24 12.82 -5.74
C ARG A 39 23.13 12.21 -6.82
N ARG A 40 23.01 12.73 -8.03
CA ARG A 40 23.81 12.24 -9.15
C ARG A 40 25.29 12.24 -8.81
N LYS A 41 25.99 11.18 -9.18
CA LYS A 41 27.42 11.06 -8.91
C LYS A 41 28.13 10.34 -10.06
N GLU B 1 -33.53 -18.98 -13.54
CA GLU B 1 -34.17 -19.28 -12.26
C GLU B 1 -33.80 -18.23 -11.22
N PHE B 2 -34.38 -18.36 -10.03
CA PHE B 2 -34.12 -17.42 -8.94
C PHE B 2 -33.75 -18.16 -7.66
N GLN B 3 -32.68 -17.70 -7.02
CA GLN B 3 -32.22 -18.32 -5.77
C GLN B 3 -31.88 -17.26 -4.74
N THR B 4 -31.28 -17.69 -3.63
CA THR B 4 -30.91 -16.78 -2.55
C THR B 4 -29.49 -17.05 -2.08
N LEU B 5 -29.14 -18.33 -1.94
CA LEU B 5 -27.81 -18.71 -1.49
C LEU B 5 -27.49 -18.09 -0.14
N SER B 6 -26.26 -18.30 0.32
CA SER B 6 -25.83 -17.76 1.60
C SER B 6 -24.50 -17.03 1.47
N PRO B 7 -24.26 -16.07 2.38
CA PRO B 7 -23.03 -15.27 2.38
C PRO B 7 -21.81 -16.10 2.78
N GLU B 8 -20.64 -15.45 2.80
CA GLU B 8 -19.41 -16.13 3.16
C GLU B 8 -18.35 -15.11 3.63
N GLY B 9 -18.09 -15.11 4.94
CA GLY B 9 -17.12 -14.18 5.50
C GLY B 9 -17.72 -12.84 5.84
N SER B 10 -17.26 -12.25 6.93
CA SER B 10 -17.76 -10.96 7.37
C SER B 10 -16.92 -9.82 6.79
N GLY B 11 -15.64 -10.11 6.54
CA GLY B 11 -14.75 -9.10 5.99
C GLY B 11 -13.33 -9.59 5.88
N ASN B 12 -13.16 -10.86 5.54
CA ASN B 12 -11.83 -11.46 5.40
C ASN B 12 -11.05 -10.78 4.29
N LEU B 13 -11.77 -10.29 3.28
CA LEU B 13 -11.13 -9.62 2.14
C LEU B 13 -11.02 -8.12 2.39
N ALA B 14 -11.83 -7.62 3.32
CA ALA B 14 -11.81 -6.20 3.66
C ALA B 14 -10.48 -5.80 4.28
N VAL B 15 -9.90 -6.70 5.06
CA VAL B 15 -8.61 -6.43 5.71
C VAL B 15 -7.56 -6.04 4.69
N ILE B 16 -7.75 -6.45 3.45
CA ILE B 16 -6.82 -6.15 2.37
C ILE B 16 -6.67 -4.64 2.20
N GLY B 17 -7.78 -3.96 1.91
CA GLY B 17 -7.74 -2.53 1.73
C GLY B 17 -7.27 -1.80 2.96
N GLY B 18 -7.75 -2.23 4.13
CA GLY B 18 -7.36 -1.59 5.38
C GLY B 18 -5.86 -1.48 5.52
N VAL B 19 -5.15 -2.59 5.33
CA VAL B 19 -3.70 -2.60 5.44
C VAL B 19 -3.05 -1.99 4.21
N ALA B 20 -3.41 -2.50 3.03
CA ALA B 20 -2.85 -1.99 1.79
C ALA B 20 -2.95 -0.48 1.71
N VAL B 21 -4.17 0.04 1.78
CA VAL B 21 -4.41 1.48 1.72
C VAL B 21 -3.62 2.20 2.82
N GLY B 22 -3.75 1.72 4.05
CA GLY B 22 -3.05 2.33 5.16
C GLY B 22 -1.57 2.48 4.90
N VAL B 23 -0.98 1.52 4.19
CA VAL B 23 0.44 1.57 3.88
C VAL B 23 0.74 2.68 2.88
N VAL B 24 -0.13 2.85 1.90
CA VAL B 24 0.04 3.88 0.88
C VAL B 24 0.16 5.26 1.51
N LEU B 25 -0.78 5.58 2.40
CA LEU B 25 -0.79 6.87 3.08
C LEU B 25 0.50 7.08 3.87
N LEU B 26 0.89 6.07 4.63
CA LEU B 26 2.10 6.14 5.44
C LEU B 26 3.32 6.41 4.56
N LEU B 27 3.33 5.82 3.37
CA LEU B 27 4.43 6.01 2.43
C LEU B 27 4.55 7.47 2.01
N VAL B 28 3.40 8.12 1.80
CA VAL B 28 3.38 9.52 1.40
C VAL B 28 4.04 10.41 2.45
N LEU B 29 3.54 10.34 3.67
CA LEU B 29 4.08 11.13 4.77
C LEU B 29 5.59 10.97 4.87
N ALA B 30 6.05 9.74 4.67
CA ALA B 30 7.48 9.44 4.73
C ALA B 30 8.25 10.19 3.65
N GLY B 31 8.09 9.76 2.40
CA GLY B 31 8.78 10.41 1.30
C GLY B 31 8.55 11.90 1.28
N VAL B 32 7.28 12.31 1.21
CA VAL B 32 6.94 13.72 1.18
C VAL B 32 7.37 14.42 2.47
N GLY B 33 7.68 13.63 3.48
CA GLY B 33 8.11 14.19 4.76
C GLY B 33 9.51 14.78 4.70
N PHE B 34 10.44 14.00 4.15
CA PHE B 34 11.82 14.44 4.04
C PHE B 34 12.10 15.06 2.67
N PHE B 35 11.32 14.63 1.68
CA PHE B 35 11.48 15.14 0.32
C PHE B 35 10.97 16.57 0.21
N ILE B 36 10.32 17.04 1.27
CA ILE B 36 9.78 18.40 1.30
C ILE B 36 10.73 19.35 2.02
N HIS B 37 11.60 18.79 2.86
CA HIS B 37 12.56 19.59 3.61
C HIS B 37 13.85 19.77 2.81
N ARG B 38 14.07 18.90 1.83
CA ARG B 38 15.26 18.97 1.00
C ARG B 38 15.27 20.24 0.17
N ARG B 39 14.08 20.79 -0.09
CA ARG B 39 13.94 22.01 -0.88
C ARG B 39 13.46 23.17 -0.01
N ARG B 40 13.73 23.09 1.29
CA ARG B 40 13.31 24.12 2.22
C ARG B 40 11.80 24.35 2.14
N LYS B 41 11.33 25.35 2.88
CA LYS B 41 9.90 25.68 2.88
C LYS B 41 9.70 27.19 2.88
N GLU A 1 7.55 -1.08 4.60
CA GLU A 1 6.63 -2.12 5.05
C GLU A 1 6.73 -3.35 4.15
N PHE A 2 7.30 -4.42 4.69
CA PHE A 2 7.46 -5.67 3.95
C PHE A 2 6.64 -6.79 4.58
N GLN A 3 6.11 -7.66 3.74
CA GLN A 3 5.30 -8.79 4.20
C GLN A 3 5.11 -9.81 3.10
N THR A 4 4.38 -10.88 3.41
CA THR A 4 4.12 -11.94 2.44
C THR A 4 2.85 -12.70 2.78
N LEU A 5 1.94 -12.04 3.50
CA LEU A 5 0.67 -12.65 3.89
C LEU A 5 -0.51 -11.78 3.47
N SER A 6 -0.54 -11.42 2.20
CA SER A 6 -1.62 -10.58 1.67
C SER A 6 -2.16 -11.15 0.35
N PRO A 7 -3.10 -12.08 0.46
CA PRO A 7 -3.72 -12.72 -0.70
C PRO A 7 -4.61 -11.77 -1.49
N GLU A 8 -4.90 -12.13 -2.73
CA GLU A 8 -5.74 -11.29 -3.58
C GLU A 8 -6.40 -12.13 -4.68
N GLY A 9 -7.70 -12.39 -4.53
CA GLY A 9 -8.42 -13.18 -5.50
C GLY A 9 -9.52 -14.00 -4.88
N SER A 10 -10.76 -13.50 -4.95
CA SER A 10 -11.91 -14.20 -4.39
C SER A 10 -13.20 -13.71 -5.02
N GLY A 11 -13.58 -12.47 -4.70
CA GLY A 11 -14.81 -11.91 -5.25
C GLY A 11 -14.65 -10.45 -5.64
N ASN A 12 -15.46 -9.59 -5.04
CA ASN A 12 -15.41 -8.16 -5.34
C ASN A 12 -14.44 -7.45 -4.41
N LEU A 13 -14.19 -8.06 -3.25
CA LEU A 13 -13.27 -7.48 -2.27
C LEU A 13 -11.82 -7.66 -2.71
N ALA A 14 -11.59 -8.60 -3.62
CA ALA A 14 -10.25 -8.87 -4.12
C ALA A 14 -9.71 -7.67 -4.90
N VAL A 15 -10.59 -6.98 -5.61
CA VAL A 15 -10.21 -5.82 -6.40
C VAL A 15 -9.49 -4.79 -5.54
N ILE A 16 -9.74 -4.83 -4.23
CA ILE A 16 -9.11 -3.90 -3.31
C ILE A 16 -7.60 -4.03 -3.35
N GLY A 17 -7.10 -5.21 -3.03
CA GLY A 17 -5.66 -5.45 -3.03
C GLY A 17 -5.05 -5.19 -4.39
N GLY A 18 -5.71 -5.66 -5.44
CA GLY A 18 -5.20 -5.48 -6.79
C GLY A 18 -4.85 -4.04 -7.08
N VAL A 19 -5.78 -3.13 -6.81
CA VAL A 19 -5.57 -1.71 -7.05
C VAL A 19 -4.67 -1.10 -5.98
N ALA A 20 -5.07 -1.28 -4.72
CA ALA A 20 -4.30 -0.75 -3.60
C ALA A 20 -2.82 -1.12 -3.72
N VAL A 21 -2.55 -2.42 -3.71
CA VAL A 21 -1.17 -2.91 -3.82
C VAL A 21 -0.49 -2.35 -5.06
N GLY A 22 -1.15 -2.47 -6.21
CA GLY A 22 -0.60 -1.97 -7.45
C GLY A 22 -0.15 -0.53 -7.34
N VAL A 23 -0.89 0.27 -6.58
CA VAL A 23 -0.57 1.67 -6.41
C VAL A 23 0.71 1.85 -5.60
N VAL A 24 0.88 1.01 -4.59
CA VAL A 24 2.06 1.07 -3.73
C VAL A 24 3.33 0.87 -4.55
N LEU A 25 3.38 -0.22 -5.30
CA LEU A 25 4.54 -0.52 -6.13
C LEU A 25 4.86 0.63 -7.07
N LEU A 26 3.83 1.14 -7.74
CA LEU A 26 4.00 2.26 -8.67
C LEU A 26 4.62 3.46 -7.97
N LEU A 27 4.22 3.69 -6.72
CA LEU A 27 4.74 4.81 -5.94
C LEU A 27 6.25 4.67 -5.74
N VAL A 28 6.71 3.44 -5.52
CA VAL A 28 8.12 3.17 -5.31
C VAL A 28 8.94 3.56 -6.54
N LEU A 29 8.58 2.99 -7.68
CA LEU A 29 9.29 3.28 -8.92
C LEU A 29 9.39 4.80 -9.16
N ALA A 30 8.34 5.52 -8.78
CA ALA A 30 8.32 6.96 -8.94
C ALA A 30 9.42 7.62 -8.12
N GLY A 31 9.24 7.68 -6.81
CA GLY A 31 10.23 8.28 -5.94
C GLY A 31 11.61 7.71 -6.14
N VAL A 32 11.73 6.39 -6.00
CA VAL A 32 13.01 5.72 -6.16
C VAL A 32 13.52 5.87 -7.59
N GLY A 33 12.64 6.30 -8.49
CA GLY A 33 13.03 6.48 -9.89
C GLY A 33 13.87 7.71 -10.10
N PHE A 34 13.43 8.84 -9.52
CA PHE A 34 14.15 10.10 -9.66
C PHE A 34 15.07 10.33 -8.46
N PHE A 35 14.59 9.97 -7.28
CA PHE A 35 15.36 10.14 -6.06
C PHE A 35 16.70 9.40 -6.15
N ILE A 36 16.75 8.42 -7.05
CA ILE A 36 17.97 7.63 -7.24
C ILE A 36 18.93 8.33 -8.20
N HIS A 37 18.37 9.09 -9.14
CA HIS A 37 19.17 9.81 -10.13
C HIS A 37 18.98 11.31 -9.99
N ARG A 38 18.76 11.76 -8.76
CA ARG A 38 18.56 13.19 -8.49
C ARG A 38 19.88 13.88 -8.21
N ARG A 39 20.88 13.10 -7.79
CA ARG A 39 22.19 13.64 -7.48
C ARG A 39 23.17 13.38 -8.62
N ARG A 40 22.89 12.37 -9.42
CA ARG A 40 23.74 12.01 -10.55
C ARG A 40 25.14 11.62 -10.07
N LYS A 41 25.91 11.01 -10.96
CA LYS A 41 27.26 10.57 -10.64
C LYS A 41 28.21 11.78 -10.57
N GLU B 1 -22.30 -6.45 30.15
CA GLU B 1 -23.51 -6.58 29.36
C GLU B 1 -23.23 -6.27 27.89
N PHE B 2 -23.75 -7.12 27.01
CA PHE B 2 -23.54 -6.94 25.57
C PHE B 2 -24.85 -6.60 24.88
N GLN B 3 -24.93 -5.41 24.31
CA GLN B 3 -26.14 -4.96 23.62
C GLN B 3 -25.80 -4.45 22.23
N THR B 4 -26.79 -3.85 21.56
CA THR B 4 -26.60 -3.33 20.22
C THR B 4 -25.88 -4.33 19.33
N LEU B 5 -26.65 -5.25 18.75
CA LEU B 5 -26.08 -6.27 17.87
C LEU B 5 -26.38 -5.95 16.40
N SER B 6 -25.35 -5.54 15.68
CA SER B 6 -25.50 -5.20 14.26
C SER B 6 -24.81 -6.24 13.38
N PRO B 7 -25.29 -6.37 12.14
CA PRO B 7 -24.75 -7.32 11.16
C PRO B 7 -23.35 -6.93 10.69
N GLU B 8 -22.37 -7.78 10.99
CA GLU B 8 -20.99 -7.51 10.59
C GLU B 8 -20.26 -8.81 10.28
N GLY B 9 -20.07 -9.07 8.99
CA GLY B 9 -19.38 -10.28 8.57
C GLY B 9 -17.94 -10.33 9.04
N SER B 10 -17.18 -11.30 8.53
CA SER B 10 -15.79 -11.45 8.92
C SER B 10 -14.89 -10.52 8.10
N GLY B 11 -15.29 -10.26 6.85
CA GLY B 11 -14.52 -9.39 5.99
C GLY B 11 -13.07 -9.81 5.90
N ASN B 12 -12.83 -11.08 5.57
CA ASN B 12 -11.48 -11.60 5.45
C ASN B 12 -10.72 -10.92 4.33
N LEU B 13 -11.47 -10.43 3.34
CA LEU B 13 -10.87 -9.75 2.20
C LEU B 13 -10.74 -8.25 2.46
N ALA B 14 -11.52 -7.76 3.42
CA ALA B 14 -11.48 -6.34 3.77
C ALA B 14 -10.12 -5.95 4.34
N VAL B 15 -9.52 -6.87 5.10
CA VAL B 15 -8.21 -6.62 5.70
C VAL B 15 -7.18 -6.21 4.66
N ILE B 16 -7.43 -6.60 3.41
CA ILE B 16 -6.53 -6.27 2.31
C ILE B 16 -6.38 -4.76 2.16
N GLY B 17 -7.50 -4.08 1.92
CA GLY B 17 -7.48 -2.64 1.76
C GLY B 17 -6.96 -1.93 2.99
N GLY B 18 -7.39 -2.38 4.16
CA GLY B 18 -6.96 -1.77 5.41
C GLY B 18 -5.45 -1.66 5.50
N VAL B 19 -4.76 -2.77 5.24
CA VAL B 19 -3.30 -2.79 5.30
C VAL B 19 -2.69 -2.14 4.06
N ALA B 20 -3.09 -2.62 2.88
CA ALA B 20 -2.59 -2.09 1.63
C ALA B 20 -2.69 -0.57 1.60
N VAL B 21 -3.91 -0.05 1.71
CA VAL B 21 -4.14 1.38 1.71
C VAL B 21 -3.34 2.08 2.79
N GLY B 22 -3.41 1.55 4.01
CA GLY B 22 -2.69 2.13 5.12
C GLY B 22 -1.22 2.31 4.83
N VAL B 23 -0.65 1.35 4.09
CA VAL B 23 0.77 1.40 3.74
C VAL B 23 1.05 2.54 2.77
N VAL B 24 0.16 2.74 1.82
CA VAL B 24 0.31 3.80 0.82
C VAL B 24 0.44 5.16 1.49
N LEU B 25 -0.56 5.52 2.29
CA LEU B 25 -0.55 6.80 3.00
C LEU B 25 0.74 6.99 3.79
N LEU B 26 1.11 5.95 4.54
CA LEU B 26 2.33 6.00 5.35
C LEU B 26 3.54 6.28 4.48
N LEU B 27 3.56 5.69 3.28
CA LEU B 27 4.67 5.89 2.35
C LEU B 27 4.82 7.35 1.99
N VAL B 28 3.70 8.04 1.82
CA VAL B 28 3.70 9.46 1.47
C VAL B 28 4.36 10.28 2.56
N LEU B 29 3.85 10.17 3.78
CA LEU B 29 4.38 10.90 4.91
C LEU B 29 5.89 10.73 5.01
N ALA B 30 6.36 9.53 4.70
CA ALA B 30 7.79 9.24 4.75
C ALA B 30 8.56 10.10 3.77
N GLY B 31 8.46 9.77 2.49
CA GLY B 31 9.16 10.53 1.47
C GLY B 31 8.90 12.03 1.57
N VAL B 32 7.63 12.41 1.46
CA VAL B 32 7.25 13.82 1.55
C VAL B 32 7.65 14.42 2.90
N GLY B 33 7.91 13.55 3.86
CA GLY B 33 8.30 14.00 5.18
C GLY B 33 9.69 14.63 5.20
N PHE B 34 10.66 13.90 4.67
CA PHE B 34 12.04 14.37 4.63
C PHE B 34 12.32 15.12 3.32
N PHE B 35 11.54 14.81 2.29
CA PHE B 35 11.70 15.44 0.99
C PHE B 35 11.17 16.87 1.02
N ILE B 36 10.53 17.24 2.12
CA ILE B 36 9.98 18.59 2.26
C ILE B 36 10.91 19.47 3.09
N HIS B 37 11.83 18.83 3.81
CA HIS B 37 12.79 19.57 4.64
C HIS B 37 14.19 19.50 4.04
N ARG B 38 14.44 18.47 3.26
CA ARG B 38 15.75 18.29 2.63
C ARG B 38 16.00 19.37 1.58
N ARG B 39 14.92 19.90 1.02
CA ARG B 39 15.03 20.95 0.00
C ARG B 39 15.15 22.33 0.65
N ARG B 40 14.42 22.52 1.75
CA ARG B 40 14.45 23.79 2.47
C ARG B 40 14.11 24.94 1.53
N LYS B 41 12.83 25.11 1.24
CA LYS B 41 12.37 26.16 0.35
C LYS B 41 12.41 27.52 1.06
N GLU A 1 13.42 -3.66 -0.34
CA GLU A 1 14.26 -4.15 0.74
C GLU A 1 13.64 -5.40 1.39
N PHE A 2 12.49 -5.19 2.03
CA PHE A 2 11.78 -6.29 2.70
C PHE A 2 10.32 -6.33 2.29
N GLN A 3 9.84 -7.53 1.96
CA GLN A 3 8.45 -7.71 1.55
C GLN A 3 7.90 -9.05 2.03
N THR A 4 6.68 -9.02 2.55
CA THR A 4 6.04 -10.23 3.04
C THR A 4 4.53 -10.20 2.82
N LEU A 5 4.12 -10.41 1.57
CA LEU A 5 2.71 -10.40 1.22
C LEU A 5 2.32 -11.67 0.47
N SER A 6 1.09 -12.12 0.66
CA SER A 6 0.61 -13.32 -0.01
C SER A 6 -0.65 -13.02 -0.82
N PRO A 7 -0.90 -13.85 -1.85
CA PRO A 7 -2.08 -13.70 -2.71
C PRO A 7 -3.38 -14.03 -2.00
N GLU A 8 -4.39 -13.18 -2.19
CA GLU A 8 -5.69 -13.39 -1.56
C GLU A 8 -6.81 -13.03 -2.53
N GLY A 9 -8.02 -12.89 -1.98
CA GLY A 9 -9.17 -12.56 -2.80
C GLY A 9 -10.23 -13.64 -2.80
N SER A 10 -11.49 -13.24 -2.84
CA SER A 10 -12.60 -14.18 -2.83
C SER A 10 -13.69 -13.75 -3.81
N GLY A 11 -14.06 -12.48 -3.74
CA GLY A 11 -15.08 -11.96 -4.63
C GLY A 11 -14.74 -10.58 -5.17
N ASN A 12 -15.52 -9.58 -4.77
CA ASN A 12 -15.29 -8.22 -5.22
C ASN A 12 -14.32 -7.49 -4.29
N LEU A 13 -14.16 -8.02 -3.08
CA LEU A 13 -13.26 -7.42 -2.10
C LEU A 13 -11.81 -7.61 -2.51
N ALA A 14 -11.56 -8.58 -3.38
CA ALA A 14 -10.21 -8.85 -3.85
C ALA A 14 -9.67 -7.69 -4.67
N VAL A 15 -10.55 -7.03 -5.41
CA VAL A 15 -10.15 -5.90 -6.25
C VAL A 15 -9.45 -4.84 -5.43
N ILE A 16 -9.70 -4.83 -4.12
CA ILE A 16 -9.09 -3.86 -3.22
C ILE A 16 -7.57 -3.98 -3.23
N GLY A 17 -7.07 -5.17 -2.87
CA GLY A 17 -5.64 -5.40 -2.84
C GLY A 17 -5.01 -5.20 -4.21
N GLY A 18 -5.66 -5.70 -5.25
CA GLY A 18 -5.13 -5.57 -6.58
C GLY A 18 -4.78 -4.14 -6.93
N VAL A 19 -5.72 -3.23 -6.70
CA VAL A 19 -5.50 -1.81 -6.99
C VAL A 19 -4.62 -1.16 -5.94
N ALA A 20 -5.01 -1.30 -4.67
CA ALA A 20 -4.26 -0.73 -3.57
C ALA A 20 -2.78 -1.10 -3.66
N VAL A 21 -2.50 -2.39 -3.61
CA VAL A 21 -1.13 -2.88 -3.69
C VAL A 21 -0.44 -2.38 -4.96
N GLY A 22 -1.11 -2.54 -6.09
CA GLY A 22 -0.55 -2.10 -7.35
C GLY A 22 -0.09 -0.66 -7.31
N VAL A 23 -0.83 0.17 -6.58
CA VAL A 23 -0.51 1.59 -6.46
C VAL A 23 0.78 1.79 -5.65
N VAL A 24 0.93 1.01 -4.59
CA VAL A 24 2.10 1.09 -3.74
C VAL A 24 3.39 0.87 -4.53
N LEU A 25 3.40 -0.20 -5.32
CA LEU A 25 4.57 -0.53 -6.13
C LEU A 25 4.89 0.60 -7.11
N LEU A 26 3.86 1.09 -7.79
CA LEU A 26 4.02 2.17 -8.75
C LEU A 26 4.65 3.40 -8.09
N LEU A 27 4.25 3.66 -6.84
CA LEU A 27 4.76 4.80 -6.09
C LEU A 27 6.27 4.66 -5.86
N VAL A 28 6.71 3.44 -5.58
CA VAL A 28 8.12 3.17 -5.35
C VAL A 28 8.96 3.53 -6.57
N LEU A 29 8.63 2.95 -7.71
CA LEU A 29 9.35 3.22 -8.95
C LEU A 29 9.47 4.71 -9.21
N ALA A 30 8.39 5.44 -8.93
CA ALA A 30 8.36 6.88 -9.11
C ALA A 30 9.39 7.58 -8.22
N GLY A 31 9.10 7.61 -6.92
CA GLY A 31 10.00 8.25 -5.98
C GLY A 31 11.42 7.73 -6.11
N VAL A 32 11.60 6.42 -5.95
CA VAL A 32 12.92 5.82 -6.04
C VAL A 32 13.49 5.98 -7.44
N GLY A 33 12.64 6.36 -8.40
CA GLY A 33 13.09 6.56 -9.77
C GLY A 33 13.92 7.81 -9.93
N PHE A 34 13.43 8.92 -9.38
CA PHE A 34 14.14 10.19 -9.47
C PHE A 34 14.96 10.45 -8.21
N PHE A 35 14.53 9.86 -7.10
CA PHE A 35 15.23 10.03 -5.84
C PHE A 35 16.55 9.25 -5.83
N ILE A 36 16.76 8.44 -6.86
CA ILE A 36 17.97 7.65 -6.98
C ILE A 36 19.07 8.44 -7.69
N HIS A 37 18.67 9.39 -8.51
CA HIS A 37 19.63 10.22 -9.24
C HIS A 37 19.26 11.70 -9.15
N ARG A 38 18.78 12.11 -7.97
CA ARG A 38 18.39 13.49 -7.75
C ARG A 38 19.60 14.34 -7.39
N ARG A 39 20.66 13.69 -6.93
CA ARG A 39 21.89 14.39 -6.56
C ARG A 39 23.05 13.97 -7.45
N ARG A 40 23.00 12.73 -7.94
CA ARG A 40 24.05 12.21 -8.79
C ARG A 40 25.38 12.14 -8.06
N LYS A 41 25.76 10.95 -7.62
CA LYS A 41 27.01 10.75 -6.90
C LYS A 41 27.08 11.65 -5.67
N GLU B 1 -14.70 -34.64 19.14
CA GLU B 1 -13.93 -33.65 18.39
C GLU B 1 -14.46 -32.25 18.68
N PHE B 2 -13.54 -31.30 18.87
CA PHE B 2 -13.90 -29.92 19.15
C PHE B 2 -13.50 -29.00 18.01
N GLN B 3 -14.39 -28.09 17.64
CA GLN B 3 -14.13 -27.16 16.55
C GLN B 3 -14.77 -25.80 16.82
N THR B 4 -14.11 -24.74 16.35
CA THR B 4 -14.62 -23.38 16.55
C THR B 4 -14.42 -22.53 15.31
N LEU B 5 -15.18 -22.83 14.26
CA LEU B 5 -15.07 -22.09 13.00
C LEU B 5 -16.28 -21.19 12.80
N SER B 6 -16.05 -19.98 12.31
CA SER B 6 -17.12 -19.02 12.07
C SER B 6 -18.08 -19.54 11.01
N PRO B 7 -19.33 -19.04 11.05
CA PRO B 7 -20.37 -19.43 10.09
C PRO B 7 -20.10 -18.91 8.69
N GLU B 8 -19.63 -17.67 8.61
CA GLU B 8 -19.34 -17.04 7.32
C GLU B 8 -18.11 -16.13 7.42
N GLY B 9 -17.92 -15.30 6.42
CA GLY B 9 -16.80 -14.38 6.42
C GLY B 9 -17.13 -13.03 7.01
N SER B 10 -16.31 -12.57 7.95
CA SER B 10 -16.54 -11.29 8.60
C SER B 10 -15.59 -10.23 8.05
N GLY B 11 -15.70 -9.96 6.75
CA GLY B 11 -14.85 -8.97 6.13
C GLY B 11 -13.38 -9.34 6.18
N ASN B 12 -13.08 -10.59 5.84
CA ASN B 12 -11.71 -11.08 5.86
C ASN B 12 -10.90 -10.45 4.72
N LEU B 13 -11.59 -10.07 3.65
CA LEU B 13 -10.94 -9.46 2.49
C LEU B 13 -10.79 -7.96 2.69
N ALA B 14 -11.60 -7.39 3.58
CA ALA B 14 -11.55 -5.97 3.87
C ALA B 14 -10.20 -5.56 4.46
N VAL B 15 -9.63 -6.46 5.26
CA VAL B 15 -8.34 -6.19 5.88
C VAL B 15 -7.28 -5.82 4.83
N ILE B 16 -7.50 -6.26 3.60
CA ILE B 16 -6.58 -5.97 2.51
C ILE B 16 -6.42 -4.47 2.31
N GLY B 17 -7.54 -3.80 2.01
CA GLY B 17 -7.51 -2.37 1.79
C GLY B 17 -7.00 -1.60 3.01
N GLY B 18 -7.45 -2.02 4.20
CA GLY B 18 -7.04 -1.36 5.41
C GLY B 18 -5.52 -1.24 5.53
N VAL B 19 -4.84 -2.36 5.32
CA VAL B 19 -3.38 -2.38 5.40
C VAL B 19 -2.75 -1.79 4.15
N ALA B 20 -3.14 -2.32 2.99
CA ALA B 20 -2.62 -1.84 1.71
C ALA B 20 -2.71 -0.32 1.62
N VAL B 21 -3.94 0.20 1.71
CA VAL B 21 -4.17 1.64 1.62
C VAL B 21 -3.36 2.38 2.69
N GLY B 22 -3.46 1.90 3.93
CA GLY B 22 -2.75 2.53 5.02
C GLY B 22 -1.27 2.69 4.74
N VAL B 23 -0.69 1.70 4.05
CA VAL B 23 0.72 1.73 3.71
C VAL B 23 1.02 2.84 2.70
N VAL B 24 0.14 2.99 1.73
CA VAL B 24 0.29 4.01 0.70
C VAL B 24 0.43 5.39 1.31
N LEU B 25 -0.52 5.75 2.17
CA LEU B 25 -0.51 7.05 2.83
C LEU B 25 0.79 7.26 3.60
N LEU B 26 1.19 6.25 4.35
CA LEU B 26 2.42 6.32 5.14
C LEU B 26 3.63 6.58 4.24
N LEU B 27 3.62 5.95 3.07
CA LEU B 27 4.71 6.12 2.11
C LEU B 27 4.86 7.57 1.68
N VAL B 28 3.72 8.24 1.49
CA VAL B 28 3.71 9.64 1.08
C VAL B 28 4.38 10.51 2.13
N LEU B 29 3.83 10.50 3.34
CA LEU B 29 4.38 11.30 4.44
C LEU B 29 5.87 11.06 4.60
N ALA B 30 6.31 9.85 4.26
CA ALA B 30 7.71 9.49 4.37
C ALA B 30 8.55 10.26 3.35
N GLY B 31 8.48 9.84 2.10
CA GLY B 31 9.23 10.49 1.04
C GLY B 31 9.00 11.99 1.00
N VAL B 32 7.74 12.39 0.87
CA VAL B 32 7.38 13.80 0.83
C VAL B 32 7.89 14.54 2.06
N GLY B 33 7.81 13.88 3.21
CA GLY B 33 8.26 14.49 4.44
C GLY B 33 9.74 14.81 4.41
N PHE B 34 10.51 14.03 3.66
CA PHE B 34 11.95 14.24 3.55
C PHE B 34 12.27 15.13 2.36
N PHE B 35 11.43 15.10 1.34
CA PHE B 35 11.63 15.89 0.15
C PHE B 35 11.44 17.38 0.45
N ILE B 36 10.86 17.67 1.60
CA ILE B 36 10.62 19.06 2.01
C ILE B 36 11.73 19.55 2.92
N HIS B 37 12.43 18.62 3.57
CA HIS B 37 13.52 18.97 4.47
C HIS B 37 14.87 18.87 3.76
N ARG B 38 14.92 18.06 2.72
CA ARG B 38 16.15 17.86 1.96
C ARG B 38 16.53 19.15 1.21
N ARG B 39 15.52 19.93 0.85
CA ARG B 39 15.73 21.18 0.13
C ARG B 39 15.16 22.36 0.90
N ARG B 40 15.09 22.22 2.22
CA ARG B 40 14.55 23.28 3.07
C ARG B 40 13.13 23.64 2.65
N LYS B 41 12.58 24.68 3.27
CA LYS B 41 11.22 25.13 2.97
C LYS B 41 11.21 26.02 1.74
N GLU A 1 5.49 -12.59 -1.87
CA GLU A 1 4.45 -13.17 -2.72
C GLU A 1 3.09 -13.12 -2.03
N PHE A 2 2.53 -11.92 -1.93
CA PHE A 2 1.24 -11.74 -1.29
C PHE A 2 0.17 -11.33 -2.31
N GLN A 3 -0.97 -12.03 -2.28
CA GLN A 3 -2.05 -11.74 -3.21
C GLN A 3 -3.27 -12.60 -2.91
N THR A 4 -4.36 -12.35 -3.62
CA THR A 4 -5.59 -13.09 -3.42
C THR A 4 -6.42 -13.16 -4.70
N LEU A 5 -6.05 -14.07 -5.59
CA LEU A 5 -6.75 -14.23 -6.86
C LEU A 5 -7.51 -15.55 -6.90
N SER A 6 -8.84 -15.46 -6.99
CA SER A 6 -9.68 -16.65 -7.04
C SER A 6 -9.53 -17.38 -8.36
N PRO A 7 -9.80 -18.70 -8.36
CA PRO A 7 -9.70 -19.54 -9.55
C PRO A 7 -10.78 -19.23 -10.57
N GLU A 8 -11.97 -18.88 -10.09
CA GLU A 8 -13.09 -18.56 -10.96
C GLU A 8 -14.00 -17.53 -10.32
N GLY A 9 -13.92 -16.29 -10.79
CA GLY A 9 -14.75 -15.22 -10.24
C GLY A 9 -14.22 -13.84 -10.58
N SER A 10 -14.75 -12.83 -9.91
CA SER A 10 -14.33 -11.45 -10.15
C SER A 10 -13.72 -10.85 -8.88
N GLY A 11 -14.23 -11.26 -7.73
CA GLY A 11 -13.72 -10.75 -6.48
C GLY A 11 -14.08 -9.28 -6.26
N ASN A 12 -15.23 -9.03 -5.66
CA ASN A 12 -15.68 -7.66 -5.40
C ASN A 12 -14.74 -6.97 -4.43
N LEU A 13 -14.25 -7.71 -3.44
CA LEU A 13 -13.34 -7.16 -2.44
C LEU A 13 -11.89 -7.38 -2.85
N ALA A 14 -11.67 -8.33 -3.75
CA ALA A 14 -10.33 -8.63 -4.24
C ALA A 14 -9.73 -7.45 -5.00
N VAL A 15 -10.59 -6.74 -5.73
CA VAL A 15 -10.15 -5.58 -6.50
C VAL A 15 -9.43 -4.57 -5.62
N ILE A 16 -9.72 -4.61 -4.33
CA ILE A 16 -9.09 -3.69 -3.37
C ILE A 16 -7.58 -3.85 -3.37
N GLY A 17 -7.12 -5.07 -3.04
CA GLY A 17 -5.69 -5.32 -3.01
C GLY A 17 -5.03 -5.08 -4.35
N GLY A 18 -5.67 -5.53 -5.43
CA GLY A 18 -5.12 -5.36 -6.75
C GLY A 18 -4.73 -3.93 -7.03
N VAL A 19 -5.65 -2.99 -6.77
CA VAL A 19 -5.39 -1.58 -6.99
C VAL A 19 -4.52 -1.00 -5.89
N ALA A 20 -4.94 -1.17 -4.65
CA ALA A 20 -4.18 -0.67 -3.51
C ALA A 20 -2.72 -1.07 -3.59
N VAL A 21 -2.47 -2.38 -3.60
CA VAL A 21 -1.11 -2.90 -3.68
C VAL A 21 -0.40 -2.37 -4.91
N GLY A 22 -1.05 -2.48 -6.06
CA GLY A 22 -0.46 -2.00 -7.30
C GLY A 22 0.04 -0.58 -7.19
N VAL A 23 -0.70 0.26 -6.48
CA VAL A 23 -0.33 1.66 -6.30
C VAL A 23 0.93 1.79 -5.47
N VAL A 24 1.04 0.97 -4.43
CA VAL A 24 2.20 0.99 -3.55
C VAL A 24 3.50 0.75 -4.33
N LEU A 25 3.50 -0.32 -5.12
CA LEU A 25 4.68 -0.66 -5.93
C LEU A 25 5.05 0.49 -6.86
N LEU A 26 4.05 1.06 -7.52
CA LEU A 26 4.28 2.17 -8.43
C LEU A 26 4.88 3.37 -7.71
N LEU A 27 4.43 3.60 -6.48
CA LEU A 27 4.92 4.71 -5.68
C LEU A 27 6.42 4.58 -5.44
N VAL A 28 6.88 3.35 -5.20
CA VAL A 28 8.30 3.08 -4.96
C VAL A 28 9.13 3.43 -6.18
N LEU A 29 8.86 2.76 -7.30
CA LEU A 29 9.58 2.99 -8.54
C LEU A 29 9.58 4.49 -8.89
N ALA A 30 8.54 5.19 -8.47
CA ALA A 30 8.41 6.62 -8.75
C ALA A 30 9.47 7.41 -7.97
N GLY A 31 9.24 7.57 -6.67
CA GLY A 31 10.18 8.31 -5.84
C GLY A 31 11.59 7.75 -5.92
N VAL A 32 11.72 6.45 -5.70
CA VAL A 32 13.02 5.79 -5.75
C VAL A 32 13.70 6.00 -7.10
N GLY A 33 12.92 5.88 -8.16
CA GLY A 33 13.45 6.06 -9.50
C GLY A 33 13.88 7.49 -9.77
N PHE A 34 13.35 8.42 -8.99
CA PHE A 34 13.68 9.82 -9.14
C PHE A 34 14.82 10.23 -8.20
N PHE A 35 14.92 9.54 -7.07
CA PHE A 35 15.96 9.82 -6.10
C PHE A 35 17.34 9.44 -6.64
N ILE A 36 17.35 8.68 -7.74
CA ILE A 36 18.59 8.26 -8.36
C ILE A 36 18.94 9.13 -9.55
N HIS A 37 17.92 9.78 -10.11
CA HIS A 37 18.12 10.66 -11.27
C HIS A 37 18.24 12.11 -10.83
N ARG A 38 17.74 12.41 -9.64
CA ARG A 38 17.79 13.77 -9.10
C ARG A 38 19.24 14.19 -8.82
N ARG A 39 19.57 15.42 -9.19
CA ARG A 39 20.91 15.94 -8.98
C ARG A 39 21.95 15.05 -9.65
N ARG A 40 21.53 14.31 -10.67
CA ARG A 40 22.42 13.41 -11.39
C ARG A 40 23.13 12.47 -10.43
N LYS A 41 24.10 11.72 -10.95
CA LYS A 41 24.86 10.77 -10.13
C LYS A 41 26.34 11.13 -10.11
N GLU B 1 -10.25 -28.63 6.71
CA GLU B 1 -10.50 -29.08 5.33
C GLU B 1 -11.96 -28.85 4.95
N PHE B 2 -12.84 -29.63 5.56
CA PHE B 2 -14.28 -29.53 5.28
C PHE B 2 -14.77 -28.10 5.54
N GLN B 3 -15.53 -27.57 4.60
CA GLN B 3 -16.07 -26.22 4.72
C GLN B 3 -17.48 -26.14 4.14
N THR B 4 -18.38 -25.49 4.87
CA THR B 4 -19.76 -25.34 4.42
C THR B 4 -20.37 -24.03 4.92
N LEU B 5 -20.30 -23.00 4.09
CA LEU B 5 -20.84 -21.69 4.45
C LEU B 5 -20.21 -21.17 5.73
N SER B 6 -20.63 -19.99 6.16
CA SER B 6 -20.10 -19.38 7.37
C SER B 6 -21.23 -19.04 8.34
N PRO B 7 -20.89 -18.94 9.64
CA PRO B 7 -21.86 -18.60 10.69
C PRO B 7 -22.36 -17.16 10.59
N GLU B 8 -21.46 -16.26 10.18
CA GLU B 8 -21.81 -14.86 10.05
C GLU B 8 -21.18 -14.25 8.79
N GLY B 9 -21.14 -12.92 8.74
CA GLY B 9 -20.56 -12.25 7.59
C GLY B 9 -19.16 -12.72 7.28
N SER B 10 -18.67 -12.39 6.09
CA SER B 10 -17.33 -12.79 5.67
C SER B 10 -16.56 -11.59 5.13
N GLY B 11 -16.05 -10.76 6.03
CA GLY B 11 -15.29 -9.59 5.63
C GLY B 11 -13.79 -9.78 5.78
N ASN B 12 -13.28 -10.91 5.29
CA ASN B 12 -11.86 -11.20 5.38
C ASN B 12 -11.08 -10.49 4.28
N LEU B 13 -11.77 -10.19 3.18
CA LEU B 13 -11.14 -9.52 2.06
C LEU B 13 -10.98 -8.02 2.34
N ALA B 14 -11.76 -7.53 3.30
CA ALA B 14 -11.70 -6.12 3.66
C ALA B 14 -10.35 -5.75 4.27
N VAL B 15 -9.77 -6.69 5.02
CA VAL B 15 -8.48 -6.46 5.65
C VAL B 15 -7.43 -6.08 4.62
N ILE B 16 -7.66 -6.46 3.37
CA ILE B 16 -6.73 -6.14 2.30
C ILE B 16 -6.54 -4.63 2.14
N GLY B 17 -7.64 -3.93 1.89
CA GLY B 17 -7.56 -2.49 1.74
C GLY B 17 -7.06 -1.80 2.99
N GLY B 18 -7.54 -2.25 4.15
CA GLY B 18 -7.12 -1.65 5.40
C GLY B 18 -5.62 -1.57 5.53
N VAL B 19 -4.94 -2.69 5.30
CA VAL B 19 -3.49 -2.74 5.41
C VAL B 19 -2.83 -2.11 4.18
N ALA B 20 -3.22 -2.58 3.00
CA ALA B 20 -2.66 -2.06 1.75
C ALA B 20 -2.73 -0.54 1.72
N VAL B 21 -3.94 0.00 1.80
CA VAL B 21 -4.14 1.44 1.78
C VAL B 21 -3.33 2.12 2.89
N GLY B 22 -3.47 1.60 4.11
CA GLY B 22 -2.75 2.18 5.23
C GLY B 22 -1.26 2.31 4.97
N VAL B 23 -0.71 1.36 4.22
CA VAL B 23 0.72 1.38 3.90
C VAL B 23 1.04 2.52 2.94
N VAL B 24 0.17 2.72 1.95
CA VAL B 24 0.37 3.77 0.96
C VAL B 24 0.52 5.13 1.63
N LEU B 25 -0.43 5.48 2.50
CA LEU B 25 -0.41 6.75 3.20
C LEU B 25 0.89 6.89 4.01
N LEU B 26 1.23 5.86 4.75
CA LEU B 26 2.45 5.88 5.57
C LEU B 26 3.68 6.13 4.70
N LEU B 27 3.68 5.56 3.50
CA LEU B 27 4.80 5.73 2.58
C LEU B 27 4.97 7.19 2.20
N VAL B 28 3.86 7.89 2.01
CA VAL B 28 3.89 9.30 1.65
C VAL B 28 4.57 10.13 2.74
N LEU B 29 4.07 10.02 3.96
CA LEU B 29 4.63 10.76 5.09
C LEU B 29 6.13 10.56 5.17
N ALA B 30 6.58 9.32 4.98
CA ALA B 30 7.99 8.99 5.03
C ALA B 30 8.77 9.78 3.98
N GLY B 31 8.60 9.41 2.72
CA GLY B 31 9.30 10.08 1.64
C GLY B 31 9.11 11.59 1.69
N VAL B 32 7.88 12.04 1.53
CA VAL B 32 7.57 13.47 1.56
C VAL B 32 8.07 14.11 2.84
N GLY B 33 8.25 13.29 3.88
CA GLY B 33 8.72 13.80 5.15
C GLY B 33 10.12 14.36 5.07
N PHE B 34 11.07 13.52 4.67
CA PHE B 34 12.46 13.96 4.54
C PHE B 34 12.72 14.61 3.19
N PHE B 35 11.87 14.29 2.22
CA PHE B 35 12.00 14.84 0.87
C PHE B 35 11.57 16.31 0.84
N ILE B 36 11.08 16.80 1.98
CA ILE B 36 10.64 18.19 2.08
C ILE B 36 11.42 18.94 3.15
N HIS B 37 12.24 18.20 3.90
CA HIS B 37 13.05 18.80 4.95
C HIS B 37 14.50 18.33 4.85
N ARG B 38 14.84 17.73 3.72
CA ARG B 38 16.20 17.23 3.50
C ARG B 38 17.24 18.30 3.83
N ARG B 39 16.86 19.55 3.65
CA ARG B 39 17.75 20.68 3.93
C ARG B 39 17.01 21.80 4.66
N ARG B 40 15.88 22.21 4.10
CA ARG B 40 15.08 23.27 4.69
C ARG B 40 13.63 23.19 4.23
N LYS B 41 12.80 24.10 4.72
CA LYS B 41 11.39 24.13 4.36
C LYS B 41 10.74 22.77 4.59
N GLU A 1 5.04 -4.30 14.28
CA GLU A 1 3.72 -4.92 14.18
C GLU A 1 3.41 -5.30 12.74
N PHE A 2 3.99 -6.41 12.29
CA PHE A 2 3.77 -6.88 10.93
C PHE A 2 3.05 -8.24 10.93
N GLN A 3 1.91 -8.29 10.26
CA GLN A 3 1.13 -9.52 10.18
C GLN A 3 0.63 -9.76 8.76
N THR A 4 0.70 -11.01 8.31
CA THR A 4 0.25 -11.38 6.98
C THR A 4 -0.24 -12.82 6.94
N LEU A 5 -1.52 -12.99 6.61
CA LEU A 5 -2.11 -14.32 6.53
C LEU A 5 -2.20 -14.80 5.10
N SER A 6 -2.64 -16.03 4.90
CA SER A 6 -2.77 -16.61 3.56
C SER A 6 -4.06 -16.16 2.90
N PRO A 7 -4.05 -16.10 1.56
CA PRO A 7 -5.20 -15.69 0.77
C PRO A 7 -6.35 -16.70 0.82
N GLU A 8 -7.56 -16.22 1.02
CA GLU A 8 -8.73 -17.09 1.09
C GLU A 8 -9.94 -16.43 0.44
N GLY A 9 -10.33 -16.93 -0.73
CA GLY A 9 -11.47 -16.38 -1.43
C GLY A 9 -11.10 -15.18 -2.29
N SER A 10 -11.67 -15.10 -3.48
CA SER A 10 -11.39 -14.00 -4.40
C SER A 10 -12.67 -13.53 -5.09
N GLY A 11 -13.38 -12.60 -4.45
CA GLY A 11 -14.60 -12.09 -5.02
C GLY A 11 -14.49 -10.63 -5.43
N ASN A 12 -15.33 -9.78 -4.87
CA ASN A 12 -15.33 -8.36 -5.19
C ASN A 12 -14.37 -7.60 -4.28
N LEU A 13 -14.08 -8.20 -3.12
CA LEU A 13 -13.18 -7.57 -2.15
C LEU A 13 -11.73 -7.72 -2.59
N ALA A 14 -11.48 -8.68 -3.48
CA ALA A 14 -10.13 -8.92 -3.98
C ALA A 14 -9.62 -7.73 -4.78
N VAL A 15 -10.52 -7.08 -5.50
CA VAL A 15 -10.16 -5.92 -6.31
C VAL A 15 -9.46 -4.86 -5.47
N ILE A 16 -9.72 -4.88 -4.17
CA ILE A 16 -9.11 -3.92 -3.25
C ILE A 16 -7.59 -4.02 -3.28
N GLY A 17 -7.07 -5.19 -2.96
CA GLY A 17 -5.63 -5.40 -2.94
C GLY A 17 -5.01 -5.15 -4.30
N GLY A 18 -5.66 -5.65 -5.35
CA GLY A 18 -5.15 -5.47 -6.70
C GLY A 18 -4.82 -4.02 -7.01
N VAL A 19 -5.78 -3.13 -6.74
CA VAL A 19 -5.59 -1.71 -6.99
C VAL A 19 -4.70 -1.08 -5.94
N ALA A 20 -5.09 -1.24 -4.67
CA ALA A 20 -4.33 -0.68 -3.56
C ALA A 20 -2.85 -1.04 -3.67
N VAL A 21 -2.55 -2.34 -3.64
CA VAL A 21 -1.17 -2.81 -3.74
C VAL A 21 -0.50 -2.28 -5.00
N GLY A 22 -1.18 -2.43 -6.13
CA GLY A 22 -0.63 -1.95 -7.39
C GLY A 22 -0.18 -0.51 -7.32
N VAL A 23 -0.94 0.31 -6.58
CA VAL A 23 -0.62 1.72 -6.44
C VAL A 23 0.66 1.91 -5.63
N VAL A 24 0.83 1.10 -4.60
CA VAL A 24 2.01 1.18 -3.74
C VAL A 24 3.28 0.96 -4.54
N LEU A 25 3.28 -0.09 -5.37
CA LEU A 25 4.45 -0.43 -6.18
C LEU A 25 4.78 0.73 -7.13
N LEU A 26 3.75 1.26 -7.79
CA LEU A 26 3.95 2.37 -8.72
C LEU A 26 4.59 3.56 -8.03
N LEU A 27 4.18 3.81 -6.79
CA LEU A 27 4.71 4.93 -6.02
C LEU A 27 6.21 4.75 -5.76
N VAL A 28 6.60 3.51 -5.46
CA VAL A 28 8.00 3.20 -5.19
C VAL A 28 8.87 3.58 -6.38
N LEU A 29 8.60 3.00 -7.53
CA LEU A 29 9.36 3.27 -8.74
C LEU A 29 9.46 4.77 -8.99
N ALA A 30 8.38 5.49 -8.70
CA ALA A 30 8.34 6.93 -8.89
C ALA A 30 9.48 7.61 -8.14
N GLY A 31 9.43 7.57 -6.81
CA GLY A 31 10.45 8.18 -6.00
C GLY A 31 11.81 7.52 -6.18
N VAL A 32 11.85 6.21 -5.98
CA VAL A 32 13.09 5.45 -6.13
C VAL A 32 13.74 5.73 -7.47
N GLY A 33 12.94 6.17 -8.43
CA GLY A 33 13.47 6.46 -9.76
C GLY A 33 14.20 7.79 -9.81
N PHE A 34 13.45 8.88 -9.66
CA PHE A 34 14.03 10.21 -9.70
C PHE A 34 15.00 10.42 -8.55
N PHE A 35 14.63 9.95 -7.37
CA PHE A 35 15.47 10.08 -6.18
C PHE A 35 16.82 9.40 -6.41
N ILE A 36 16.87 8.50 -7.39
CA ILE A 36 18.10 7.78 -7.70
C ILE A 36 18.80 8.39 -8.91
N HIS A 37 18.01 8.97 -9.82
CA HIS A 37 18.55 9.59 -11.02
C HIS A 37 18.97 11.03 -10.74
N ARG A 38 18.55 11.55 -9.59
CA ARG A 38 18.88 12.92 -9.22
C ARG A 38 20.36 13.05 -8.84
N ARG A 39 20.99 11.91 -8.56
CA ARG A 39 22.40 11.89 -8.20
C ARG A 39 23.17 10.88 -9.03
N ARG A 40 22.82 10.80 -10.32
CA ARG A 40 23.48 9.87 -11.23
C ARG A 40 25.00 10.00 -11.13
N LYS A 41 25.46 11.21 -10.85
CA LYS A 41 26.90 11.46 -10.74
C LYS A 41 27.33 11.49 -9.27
N GLU B 1 -35.98 8.97 15.72
CA GLU B 1 -35.03 8.29 14.85
C GLU B 1 -34.57 6.97 15.46
N PHE B 2 -34.75 5.88 14.72
CA PHE B 2 -34.37 4.56 15.19
C PHE B 2 -33.36 3.91 14.24
N GLN B 3 -32.29 3.37 14.81
CA GLN B 3 -31.26 2.72 14.00
C GLN B 3 -30.99 1.30 14.51
N THR B 4 -30.96 0.35 13.59
CA THR B 4 -30.71 -1.04 13.94
C THR B 4 -30.01 -1.78 12.80
N LEU B 5 -28.73 -1.47 12.60
CA LEU B 5 -27.95 -2.12 11.55
C LEU B 5 -26.82 -2.95 12.14
N SER B 6 -26.84 -4.25 11.84
CA SER B 6 -25.82 -5.16 12.34
C SER B 6 -24.73 -5.39 11.30
N PRO B 7 -23.54 -5.78 11.76
CA PRO B 7 -22.40 -6.04 10.89
C PRO B 7 -22.58 -7.30 10.04
N GLU B 8 -21.67 -7.51 9.10
CA GLU B 8 -21.74 -8.68 8.22
C GLU B 8 -20.37 -9.33 8.08
N GLY B 9 -20.18 -10.45 8.78
CA GLY B 9 -18.90 -11.15 8.71
C GLY B 9 -17.77 -10.36 9.34
N SER B 10 -16.64 -11.01 9.53
CA SER B 10 -15.47 -10.36 10.12
C SER B 10 -14.68 -9.59 9.07
N GLY B 11 -14.80 -10.01 7.82
CA GLY B 11 -14.09 -9.34 6.74
C GLY B 11 -12.68 -9.85 6.58
N ASN B 12 -12.52 -10.94 5.84
CA ASN B 12 -11.21 -11.54 5.61
C ASN B 12 -10.49 -10.84 4.45
N LEU B 13 -11.27 -10.35 3.49
CA LEU B 13 -10.72 -9.67 2.33
C LEU B 13 -10.63 -8.16 2.58
N ALA B 14 -11.41 -7.68 3.54
CA ALA B 14 -11.43 -6.27 3.87
C ALA B 14 -10.07 -5.82 4.44
N VAL B 15 -9.44 -6.70 5.21
CA VAL B 15 -8.15 -6.40 5.82
C VAL B 15 -7.14 -5.99 4.76
N ILE B 16 -7.37 -6.41 3.51
CA ILE B 16 -6.48 -6.09 2.41
C ILE B 16 -6.36 -4.58 2.23
N GLY B 17 -7.50 -3.94 1.96
CA GLY B 17 -7.49 -2.50 1.77
C GLY B 17 -7.01 -1.74 2.99
N GLY B 18 -7.44 -2.19 4.17
CA GLY B 18 -7.04 -1.54 5.40
C GLY B 18 -5.53 -1.39 5.51
N VAL B 19 -4.81 -2.49 5.29
CA VAL B 19 -3.37 -2.48 5.37
C VAL B 19 -2.75 -1.86 4.12
N ALA B 20 -3.13 -2.38 2.96
CA ALA B 20 -2.62 -1.87 1.69
C ALA B 20 -2.74 -0.35 1.62
N VAL B 21 -3.97 0.14 1.73
CA VAL B 21 -4.23 1.58 1.68
C VAL B 21 -3.43 2.32 2.75
N GLY B 22 -3.52 1.83 3.98
CA GLY B 22 -2.80 2.45 5.08
C GLY B 22 -1.32 2.63 4.79
N VAL B 23 -0.74 1.67 4.07
CA VAL B 23 0.67 1.73 3.72
C VAL B 23 0.95 2.85 2.72
N VAL B 24 0.05 3.00 1.76
CA VAL B 24 0.20 4.04 0.74
C VAL B 24 0.31 5.42 1.38
N LEU B 25 -0.62 5.74 2.27
CA LEU B 25 -0.62 7.03 2.96
C LEU B 25 0.69 7.24 3.72
N LEU B 26 1.10 6.23 4.48
CA LEU B 26 2.33 6.30 5.24
C LEU B 26 3.52 6.63 4.35
N LEU B 27 3.56 5.99 3.18
CA LEU B 27 4.64 6.21 2.23
C LEU B 27 4.71 7.67 1.81
N VAL B 28 3.55 8.29 1.62
CA VAL B 28 3.48 9.68 1.22
C VAL B 28 4.17 10.58 2.25
N LEU B 29 3.72 10.49 3.49
CA LEU B 29 4.30 11.30 4.57
C LEU B 29 5.81 11.17 4.60
N ALA B 30 6.31 9.97 4.32
CA ALA B 30 7.74 9.71 4.31
C ALA B 30 8.44 10.59 3.28
N GLY B 31 8.27 10.24 2.00
CA GLY B 31 8.90 11.01 0.94
C GLY B 31 8.57 12.48 1.01
N VAL B 32 7.29 12.81 0.85
CA VAL B 32 6.85 14.19 0.90
C VAL B 32 7.38 14.90 2.14
N GLY B 33 7.40 14.19 3.26
CA GLY B 33 7.89 14.76 4.49
C GLY B 33 9.26 15.40 4.34
N PHE B 34 10.24 14.60 3.91
CA PHE B 34 11.60 15.10 3.72
C PHE B 34 11.72 15.85 2.40
N PHE B 35 10.74 15.68 1.53
CA PHE B 35 10.73 16.34 0.23
C PHE B 35 10.78 17.86 0.39
N ILE B 36 10.42 18.33 1.58
CA ILE B 36 10.42 19.76 1.86
C ILE B 36 11.83 20.24 2.21
N HIS B 37 12.70 19.31 2.59
CA HIS B 37 14.08 19.64 2.95
C HIS B 37 15.02 19.37 1.78
N ARG B 38 14.48 18.77 0.72
CA ARG B 38 15.28 18.44 -0.47
C ARG B 38 16.06 19.66 -0.94
N ARG B 39 15.50 20.85 -0.71
CA ARG B 39 16.15 22.09 -1.11
C ARG B 39 16.09 23.13 0.00
N ARG B 40 14.90 23.35 0.54
CA ARG B 40 14.71 24.31 1.61
C ARG B 40 13.44 24.00 2.41
N LYS B 41 13.61 23.74 3.70
CA LYS B 41 12.49 23.43 4.57
C LYS B 41 11.41 24.48 4.47
N GLU A 1 14.57 -5.80 4.46
CA GLU A 1 13.76 -6.99 4.69
C GLU A 1 12.81 -7.25 3.51
N PHE A 2 12.86 -8.46 2.97
CA PHE A 2 12.01 -8.83 1.86
C PHE A 2 11.00 -9.90 2.26
N GLN A 3 9.76 -9.74 1.80
CA GLN A 3 8.70 -10.69 2.13
C GLN A 3 8.03 -11.21 0.85
N THR A 4 6.94 -11.94 1.02
CA THR A 4 6.19 -12.49 -0.11
C THR A 4 4.71 -12.19 0.00
N LEU A 5 4.03 -12.88 0.91
CA LEU A 5 2.60 -12.68 1.12
C LEU A 5 1.84 -12.83 -0.20
N SER A 6 1.55 -14.07 -0.57
CA SER A 6 0.82 -14.36 -1.80
C SER A 6 -0.48 -13.56 -1.87
N PRO A 7 -0.98 -13.35 -3.09
CA PRO A 7 -2.22 -12.60 -3.32
C PRO A 7 -3.45 -13.35 -2.83
N GLU A 8 -4.58 -12.65 -2.73
CA GLU A 8 -5.82 -13.26 -2.27
C GLU A 8 -7.00 -12.78 -3.12
N GLY A 9 -8.21 -12.98 -2.61
CA GLY A 9 -9.40 -12.56 -3.33
C GLY A 9 -10.41 -13.68 -3.47
N SER A 10 -11.64 -13.32 -3.80
CA SER A 10 -12.71 -14.30 -3.96
C SER A 10 -13.89 -13.71 -4.73
N GLY A 11 -14.21 -12.44 -4.42
CA GLY A 11 -15.32 -11.78 -5.08
C GLY A 11 -14.95 -10.39 -5.55
N ASN A 12 -15.69 -9.39 -5.08
CA ASN A 12 -15.45 -8.01 -5.45
C ASN A 12 -14.46 -7.35 -4.49
N LEU A 13 -14.22 -8.00 -3.35
CA LEU A 13 -13.29 -7.49 -2.35
C LEU A 13 -11.85 -7.66 -2.80
N ALA A 14 -11.64 -8.57 -3.76
CA ALA A 14 -10.30 -8.83 -4.28
C ALA A 14 -9.75 -7.62 -5.02
N VAL A 15 -10.63 -6.90 -5.70
CA VAL A 15 -10.23 -5.70 -6.45
C VAL A 15 -9.51 -4.71 -5.55
N ILE A 16 -9.76 -4.80 -4.25
CA ILE A 16 -9.13 -3.91 -3.29
C ILE A 16 -7.60 -4.05 -3.33
N GLY A 17 -7.11 -5.24 -3.06
CA GLY A 17 -5.68 -5.49 -3.07
C GLY A 17 -5.06 -5.20 -4.43
N GLY A 18 -5.72 -5.63 -5.49
CA GLY A 18 -5.22 -5.40 -6.83
C GLY A 18 -4.86 -3.95 -7.08
N VAL A 19 -5.78 -3.05 -6.76
CA VAL A 19 -5.57 -1.62 -6.95
C VAL A 19 -4.66 -1.06 -5.86
N ALA A 20 -5.04 -1.28 -4.61
CA ALA A 20 -4.26 -0.78 -3.48
C ALA A 20 -2.80 -1.17 -3.61
N VAL A 21 -2.53 -2.47 -3.65
CA VAL A 21 -1.17 -2.97 -3.79
C VAL A 21 -0.49 -2.39 -5.03
N GLY A 22 -1.18 -2.48 -6.16
CA GLY A 22 -0.63 -1.96 -7.40
C GLY A 22 -0.15 -0.53 -7.27
N VAL A 23 -0.88 0.26 -6.50
CA VAL A 23 -0.53 1.67 -6.30
C VAL A 23 0.76 1.80 -5.50
N VAL A 24 0.90 0.95 -4.49
CA VAL A 24 2.10 0.96 -3.65
C VAL A 24 3.36 0.76 -4.47
N LEU A 25 3.37 -0.28 -5.29
CA LEU A 25 4.52 -0.59 -6.13
C LEU A 25 4.85 0.59 -7.04
N LEU A 26 3.83 1.16 -7.66
CA LEU A 26 4.01 2.29 -8.56
C LEU A 26 4.65 3.46 -7.82
N LEU A 27 4.24 3.67 -6.57
CA LEU A 27 4.78 4.77 -5.77
C LEU A 27 6.28 4.59 -5.55
N VAL A 28 6.71 3.36 -5.34
CA VAL A 28 8.12 3.06 -5.12
C VAL A 28 8.95 3.44 -6.34
N LEU A 29 8.67 2.81 -7.47
CA LEU A 29 9.39 3.08 -8.71
C LEU A 29 9.41 4.58 -8.99
N ALA A 30 8.35 5.28 -8.61
CA ALA A 30 8.26 6.72 -8.83
C ALA A 30 9.41 7.45 -8.15
N GLY A 31 9.39 7.46 -6.81
CA GLY A 31 10.43 8.13 -6.06
C GLY A 31 11.79 7.49 -6.27
N VAL A 32 11.87 6.18 -6.03
CA VAL A 32 13.12 5.46 -6.19
C VAL A 32 13.74 5.72 -7.55
N GLY A 33 12.91 6.11 -8.51
CA GLY A 33 13.40 6.39 -9.85
C GLY A 33 14.05 7.76 -9.96
N PHE A 34 13.24 8.81 -9.86
CA PHE A 34 13.73 10.17 -9.94
C PHE A 34 14.76 10.45 -8.85
N PHE A 35 14.41 10.07 -7.62
CA PHE A 35 15.30 10.29 -6.49
C PHE A 35 16.68 9.69 -6.75
N ILE A 36 16.72 8.67 -7.60
CA ILE A 36 17.97 8.02 -7.94
C ILE A 36 18.58 8.60 -9.21
N HIS A 37 17.71 9.07 -10.10
CA HIS A 37 18.16 9.67 -11.36
C HIS A 37 18.89 10.98 -11.11
N ARG A 38 18.68 11.55 -9.93
CA ARG A 38 19.31 12.81 -9.57
C ARG A 38 20.83 12.68 -9.57
N ARG A 39 21.31 11.47 -9.32
CA ARG A 39 22.75 11.20 -9.31
C ARG A 39 23.10 9.97 -10.14
N ARG A 40 22.72 10.00 -11.41
CA ARG A 40 22.98 8.89 -12.31
C ARG A 40 24.47 8.57 -12.35
N LYS A 41 24.80 7.30 -12.17
CA LYS A 41 26.19 6.85 -12.19
C LYS A 41 27.03 7.65 -11.19
N GLU B 1 -11.17 -33.82 11.60
CA GLU B 1 -9.81 -34.26 11.86
C GLU B 1 -8.83 -33.09 11.81
N PHE B 2 -8.78 -32.43 10.65
CA PHE B 2 -7.88 -31.29 10.47
C PHE B 2 -8.59 -30.17 9.73
N GLN B 3 -8.26 -28.93 10.09
CA GLN B 3 -8.86 -27.76 9.46
C GLN B 3 -8.22 -26.48 9.96
N THR B 4 -8.60 -25.35 9.36
CA THR B 4 -8.04 -24.06 9.74
C THR B 4 -9.03 -22.93 9.45
N LEU B 5 -10.32 -23.26 9.42
CA LEU B 5 -11.36 -22.29 9.14
C LEU B 5 -12.05 -21.84 10.43
N SER B 6 -12.68 -20.68 10.39
CA SER B 6 -13.37 -20.14 11.55
C SER B 6 -14.88 -20.34 11.43
N PRO B 7 -15.57 -20.35 12.57
CA PRO B 7 -17.03 -20.53 12.62
C PRO B 7 -17.78 -19.32 12.07
N GLU B 8 -17.09 -18.18 12.01
CA GLU B 8 -17.70 -16.95 11.52
C GLU B 8 -16.63 -15.93 11.17
N GLY B 9 -16.57 -15.56 9.89
CA GLY B 9 -15.59 -14.58 9.45
C GLY B 9 -16.15 -13.17 9.38
N SER B 10 -15.29 -12.18 9.50
CA SER B 10 -15.71 -10.79 9.46
C SER B 10 -14.91 -10.01 8.41
N GLY B 11 -15.12 -10.36 7.14
CA GLY B 11 -14.42 -9.69 6.06
C GLY B 11 -12.99 -10.16 5.94
N ASN B 12 -12.81 -11.35 5.38
CA ASN B 12 -11.47 -11.91 5.19
C ASN B 12 -10.72 -11.19 4.07
N LEU B 13 -11.48 -10.62 3.15
CA LEU B 13 -10.89 -9.89 2.02
C LEU B 13 -10.76 -8.41 2.34
N ALA B 14 -11.52 -7.95 3.32
CA ALA B 14 -11.49 -6.55 3.73
C ALA B 14 -10.13 -6.18 4.30
N VAL B 15 -9.52 -7.12 5.03
CA VAL B 15 -8.22 -6.89 5.64
C VAL B 15 -7.20 -6.45 4.60
N ILE B 16 -7.45 -6.81 3.34
CA ILE B 16 -6.54 -6.45 2.26
C ILE B 16 -6.39 -4.93 2.15
N GLY B 17 -7.51 -4.25 1.94
CA GLY B 17 -7.47 -2.80 1.81
C GLY B 17 -6.96 -2.13 3.07
N GLY B 18 -7.39 -2.62 4.22
CA GLY B 18 -6.95 -2.05 5.48
C GLY B 18 -5.44 -1.94 5.58
N VAL B 19 -4.75 -3.04 5.31
CA VAL B 19 -3.30 -3.08 5.36
C VAL B 19 -2.69 -2.40 4.14
N ALA B 20 -3.09 -2.85 2.96
CA ALA B 20 -2.58 -2.29 1.71
C ALA B 20 -2.67 -0.76 1.73
N VAL B 21 -3.89 -0.25 1.85
CA VAL B 21 -4.11 1.19 1.88
C VAL B 21 -3.29 1.86 2.98
N GLY B 22 -3.38 1.31 4.19
CA GLY B 22 -2.64 1.86 5.31
C GLY B 22 -1.16 2.02 5.01
N VAL B 23 -0.61 1.10 4.22
CA VAL B 23 0.79 1.15 3.86
C VAL B 23 1.08 2.31 2.92
N VAL B 24 0.17 2.53 1.97
CA VAL B 24 0.33 3.62 1.00
C VAL B 24 0.46 4.96 1.71
N LEU B 25 -0.43 5.23 2.64
CA LEU B 25 -0.41 6.48 3.39
C LEU B 25 0.91 6.64 4.14
N LEU B 26 1.31 5.60 4.85
CA LEU B 26 2.55 5.62 5.62
C LEU B 26 3.73 5.95 4.72
N LEU B 27 3.72 5.40 3.51
CA LEU B 27 4.79 5.64 2.54
C LEU B 27 4.90 7.12 2.20
N VAL B 28 3.74 7.76 2.04
CA VAL B 28 3.69 9.18 1.71
C VAL B 28 4.40 10.02 2.76
N LEU B 29 3.95 9.89 4.02
CA LEU B 29 4.55 10.63 5.12
C LEU B 29 6.06 10.48 5.13
N ALA B 30 6.53 9.27 4.86
CA ALA B 30 7.95 8.98 4.83
C ALA B 30 8.66 9.80 3.77
N GLY B 31 8.45 9.43 2.50
CA GLY B 31 9.06 10.15 1.40
C GLY B 31 8.83 11.64 1.47
N VAL B 32 7.56 12.05 1.45
CA VAL B 32 7.20 13.46 1.52
C VAL B 32 7.71 14.10 2.80
N GLY B 33 8.04 13.26 3.78
CA GLY B 33 8.54 13.76 5.05
C GLY B 33 9.92 14.36 4.93
N PHE B 34 10.86 13.61 4.37
CA PHE B 34 12.23 14.08 4.20
C PHE B 34 12.40 14.77 2.85
N PHE B 35 11.55 14.41 1.90
CA PHE B 35 11.61 15.00 0.56
C PHE B 35 11.10 16.43 0.57
N ILE B 36 10.55 16.85 1.70
CA ILE B 36 10.02 18.21 1.84
C ILE B 36 11.02 19.12 2.55
N HIS B 37 11.97 18.51 3.24
CA HIS B 37 13.00 19.26 3.96
C HIS B 37 14.27 19.37 3.12
N ARG B 38 14.33 18.60 2.04
CA ARG B 38 15.50 18.61 1.17
C ARG B 38 15.68 19.98 0.53
N ARG B 39 14.72 20.37 -0.31
CA ARG B 39 14.78 21.66 -0.99
C ARG B 39 14.81 22.81 0.02
N ARG B 40 14.34 22.54 1.23
CA ARG B 40 14.30 23.55 2.29
C ARG B 40 13.38 24.70 1.90
N LYS B 41 12.08 24.48 2.01
CA LYS B 41 11.10 25.51 1.67
C LYS B 41 11.23 26.71 2.59
N GLU A 1 12.08 -7.49 -0.49
CA GLU A 1 11.26 -8.13 -1.51
C GLU A 1 9.77 -7.99 -1.20
N PHE A 2 8.95 -8.03 -2.24
CA PHE A 2 7.51 -7.91 -2.07
C PHE A 2 6.78 -9.05 -2.77
N GLN A 3 5.70 -9.53 -2.15
CA GLN A 3 4.92 -10.62 -2.71
C GLN A 3 3.42 -10.34 -2.58
N THR A 4 2.61 -11.35 -2.89
CA THR A 4 1.17 -11.22 -2.81
C THR A 4 0.54 -12.41 -2.08
N LEU A 5 -0.74 -12.28 -1.76
CA LEU A 5 -1.45 -13.35 -1.07
C LEU A 5 -2.42 -14.06 -2.00
N SER A 6 -3.18 -15.01 -1.46
CA SER A 6 -4.16 -15.76 -2.25
C SER A 6 -5.52 -15.75 -1.58
N PRO A 7 -6.31 -14.70 -1.85
CA PRO A 7 -7.65 -14.54 -1.28
C PRO A 7 -8.65 -15.55 -1.86
N GLU A 8 -9.81 -15.65 -1.24
CA GLU A 8 -10.84 -16.57 -1.68
C GLU A 8 -12.19 -16.24 -1.05
N GLY A 9 -13.14 -15.82 -1.88
CA GLY A 9 -14.46 -15.48 -1.37
C GLY A 9 -15.33 -14.83 -2.44
N SER A 10 -16.01 -13.76 -2.06
CA SER A 10 -16.88 -13.04 -2.99
C SER A 10 -16.14 -12.68 -4.27
N GLY A 11 -14.93 -12.13 -4.11
CA GLY A 11 -14.14 -11.75 -5.26
C GLY A 11 -14.16 -10.26 -5.50
N ASN A 12 -15.31 -9.63 -5.27
CA ASN A 12 -15.46 -8.19 -5.47
C ASN A 12 -14.54 -7.42 -4.53
N LEU A 13 -14.20 -8.04 -3.40
CA LEU A 13 -13.33 -7.40 -2.41
C LEU A 13 -11.86 -7.58 -2.81
N ALA A 14 -11.60 -8.56 -3.66
CA ALA A 14 -10.24 -8.83 -4.11
C ALA A 14 -9.67 -7.65 -4.91
N VAL A 15 -10.54 -6.99 -5.66
CA VAL A 15 -10.13 -5.85 -6.46
C VAL A 15 -9.44 -4.79 -5.61
N ILE A 16 -9.73 -4.80 -4.32
CA ILE A 16 -9.14 -3.84 -3.39
C ILE A 16 -7.62 -3.96 -3.37
N GLY A 17 -7.14 -5.15 -3.00
CA GLY A 17 -5.70 -5.37 -2.95
C GLY A 17 -5.03 -5.16 -4.30
N GLY A 18 -5.66 -5.64 -5.36
CA GLY A 18 -5.11 -5.49 -6.69
C GLY A 18 -4.75 -4.05 -7.00
N VAL A 19 -5.69 -3.14 -6.77
CA VAL A 19 -5.47 -1.72 -7.03
C VAL A 19 -4.60 -1.09 -5.94
N ALA A 20 -5.04 -1.24 -4.69
CA ALA A 20 -4.30 -0.69 -3.56
C ALA A 20 -2.82 -1.06 -3.63
N VAL A 21 -2.55 -2.36 -3.59
CA VAL A 21 -1.17 -2.87 -3.65
C VAL A 21 -0.46 -2.34 -4.89
N GLY A 22 -1.10 -2.50 -6.04
CA GLY A 22 -0.51 -2.03 -7.29
C GLY A 22 -0.05 -0.59 -7.21
N VAL A 23 -0.81 0.24 -6.49
CA VAL A 23 -0.47 1.64 -6.35
C VAL A 23 0.78 1.83 -5.50
N VAL A 24 0.91 1.03 -4.46
CA VAL A 24 2.07 1.09 -3.58
C VAL A 24 3.36 0.87 -4.34
N LEU A 25 3.41 -0.21 -5.13
CA LEU A 25 4.58 -0.53 -5.92
C LEU A 25 4.93 0.61 -6.87
N LEU A 26 3.93 1.11 -7.58
CA LEU A 26 4.13 2.21 -8.51
C LEU A 26 4.75 3.42 -7.82
N LEU A 27 4.28 3.69 -6.60
CA LEU A 27 4.78 4.82 -5.83
C LEU A 27 6.28 4.69 -5.58
N VAL A 28 6.72 3.46 -5.29
CA VAL A 28 8.13 3.21 -5.03
C VAL A 28 8.99 3.57 -6.23
N LEU A 29 8.69 2.96 -7.38
CA LEU A 29 9.44 3.22 -8.60
C LEU A 29 9.51 4.71 -8.89
N ALA A 30 8.47 5.44 -8.50
CA ALA A 30 8.42 6.88 -8.71
C ALA A 30 9.50 7.58 -7.90
N GLY A 31 9.32 7.63 -6.59
CA GLY A 31 10.29 8.28 -5.72
C GLY A 31 11.68 7.69 -5.86
N VAL A 32 11.79 6.38 -5.69
CA VAL A 32 13.07 5.70 -5.80
C VAL A 32 13.69 5.90 -7.18
N GLY A 33 12.84 5.99 -8.20
CA GLY A 33 13.31 6.19 -9.55
C GLY A 33 13.85 7.59 -9.77
N PHE A 34 13.41 8.54 -8.95
CA PHE A 34 13.85 9.92 -9.07
C PHE A 34 15.10 10.17 -8.22
N PHE A 35 15.20 9.46 -7.10
CA PHE A 35 16.34 9.59 -6.21
C PHE A 35 17.63 9.18 -6.90
N ILE A 36 17.49 8.46 -8.01
CA ILE A 36 18.64 8.00 -8.77
C ILE A 36 18.92 8.92 -9.95
N HIS A 37 17.88 9.55 -10.46
CA HIS A 37 18.01 10.47 -11.60
C HIS A 37 17.30 11.79 -11.32
N ARG A 38 17.64 12.42 -10.21
CA ARG A 38 17.03 13.68 -9.83
C ARG A 38 17.73 14.86 -10.50
N ARG A 39 19.01 14.66 -10.84
CA ARG A 39 19.80 15.69 -11.50
C ARG A 39 20.59 15.12 -12.67
N ARG A 40 20.09 14.02 -13.23
CA ARG A 40 20.76 13.37 -14.35
C ARG A 40 22.22 13.07 -14.02
N LYS A 41 22.46 12.62 -12.79
CA LYS A 41 23.81 12.29 -12.34
C LYS A 41 23.94 10.80 -12.06
N GLU B 1 -9.14 17.22 16.05
CA GLU B 1 -8.66 16.18 16.95
C GLU B 1 -8.93 14.79 16.34
N PHE B 2 -7.93 13.92 16.43
CA PHE B 2 -8.05 12.56 15.90
C PHE B 2 -8.17 11.54 17.03
N GLN B 3 -9.03 10.56 16.84
CA GLN B 3 -9.24 9.52 17.85
C GLN B 3 -9.14 8.13 17.22
N THR B 4 -9.48 7.11 18.00
CA THR B 4 -9.45 5.73 17.52
C THR B 4 -10.65 4.95 18.02
N LEU B 5 -11.12 4.02 17.20
CA LEU B 5 -12.28 3.19 17.54
C LEU B 5 -11.91 1.72 17.54
N SER B 6 -12.66 0.92 18.29
CA SER B 6 -12.42 -0.52 18.37
C SER B 6 -12.40 -1.15 16.99
N PRO B 7 -11.75 -2.31 16.87
CA PRO B 7 -11.65 -3.05 15.61
C PRO B 7 -12.99 -3.64 15.18
N GLU B 8 -13.06 -4.07 13.91
CA GLU B 8 -14.28 -4.66 13.38
C GLU B 8 -13.96 -5.85 12.49
N GLY B 9 -14.18 -7.05 13.00
CA GLY B 9 -13.91 -8.26 12.24
C GLY B 9 -15.13 -8.76 11.48
N SER B 10 -15.34 -8.21 10.29
CA SER B 10 -16.49 -8.60 9.48
C SER B 10 -16.15 -8.50 7.99
N GLY B 11 -14.88 -8.68 7.66
CA GLY B 11 -14.45 -8.61 6.28
C GLY B 11 -13.10 -9.27 6.06
N ASN B 12 -13.13 -10.55 5.71
CA ASN B 12 -11.90 -11.30 5.47
C ASN B 12 -11.08 -10.66 4.35
N LEU B 13 -11.77 -10.15 3.34
CA LEU B 13 -11.11 -9.52 2.20
C LEU B 13 -10.98 -8.01 2.43
N ALA B 14 -11.79 -7.48 3.34
CA ALA B 14 -11.76 -6.06 3.65
C ALA B 14 -10.43 -5.66 4.27
N VAL B 15 -9.86 -6.55 5.06
CA VAL B 15 -8.58 -6.29 5.71
C VAL B 15 -7.51 -5.92 4.69
N ILE B 16 -7.70 -6.34 3.45
CA ILE B 16 -6.77 -6.04 2.38
C ILE B 16 -6.60 -4.54 2.19
N GLY B 17 -7.70 -3.86 1.89
CA GLY B 17 -7.65 -2.42 1.69
C GLY B 17 -7.19 -1.68 2.93
N GLY B 18 -7.67 -2.11 4.09
CA GLY B 18 -7.28 -1.47 5.33
C GLY B 18 -5.78 -1.35 5.49
N VAL B 19 -5.08 -2.47 5.29
CA VAL B 19 -3.62 -2.48 5.41
C VAL B 19 -2.97 -1.88 4.18
N ALA B 20 -3.33 -2.39 3.01
CA ALA B 20 -2.77 -1.89 1.75
C ALA B 20 -2.86 -0.37 1.67
N VAL B 21 -4.09 0.15 1.74
CA VAL B 21 -4.31 1.58 1.67
C VAL B 21 -3.53 2.31 2.76
N GLY B 22 -3.66 1.84 3.99
CA GLY B 22 -2.96 2.45 5.11
C GLY B 22 -1.47 2.60 4.85
N VAL B 23 -0.89 1.61 4.16
CA VAL B 23 0.54 1.63 3.85
C VAL B 23 0.86 2.75 2.85
N VAL B 24 -0.01 2.93 1.87
CA VAL B 24 0.17 3.96 0.85
C VAL B 24 0.30 5.34 1.49
N LEU B 25 -0.64 5.67 2.37
CA LEU B 25 -0.64 6.95 3.05
C LEU B 25 0.66 7.16 3.82
N LEU B 26 1.05 6.15 4.59
CA LEU B 26 2.28 6.22 5.37
C LEU B 26 3.48 6.55 4.48
N LEU B 27 3.57 5.87 3.34
CA LEU B 27 4.66 6.10 2.41
C LEU B 27 4.73 7.57 1.99
N VAL B 28 3.57 8.17 1.79
CA VAL B 28 3.50 9.58 1.40
C VAL B 28 4.18 10.47 2.43
N LEU B 29 3.75 10.35 3.68
CA LEU B 29 4.31 11.16 4.76
C LEU B 29 5.83 11.05 4.77
N ALA B 30 6.34 9.86 4.49
CA ALA B 30 7.78 9.63 4.47
C ALA B 30 8.46 10.46 3.39
N GLY B 31 8.25 10.06 2.13
CA GLY B 31 8.85 10.78 1.02
C GLY B 31 8.55 12.27 1.07
N VAL B 32 7.27 12.61 1.14
CA VAL B 32 6.85 14.00 1.19
C VAL B 32 7.48 14.73 2.37
N GLY B 33 7.70 14.00 3.46
CA GLY B 33 8.31 14.59 4.63
C GLY B 33 9.76 14.95 4.42
N PHE B 34 10.42 14.22 3.52
CA PHE B 34 11.83 14.44 3.24
C PHE B 34 11.99 15.46 2.11
N PHE B 35 10.97 15.56 1.26
CA PHE B 35 11.00 16.49 0.14
C PHE B 35 10.67 17.91 0.60
N ILE B 36 10.63 18.11 1.91
CA ILE B 36 10.32 19.42 2.47
C ILE B 36 11.57 20.07 3.04
N HIS B 37 12.64 19.30 3.16
CA HIS B 37 13.91 19.80 3.70
C HIS B 37 15.06 19.46 2.77
N ARG B 38 14.74 19.21 1.50
CA ARG B 38 15.76 18.86 0.50
C ARG B 38 16.91 19.86 0.54
N ARG B 39 18.00 19.47 1.18
CA ARG B 39 19.17 20.34 1.28
C ARG B 39 18.92 21.48 2.26
N ARG B 40 17.94 22.32 1.94
CA ARG B 40 17.60 23.46 2.79
C ARG B 40 16.53 24.32 2.14
N LYS B 41 16.04 25.31 2.88
CA LYS B 41 15.01 26.21 2.37
C LYS B 41 15.61 27.54 1.92
N GLU A 1 10.66 -8.47 0.95
CA GLU A 1 10.41 -9.78 0.36
C GLU A 1 8.93 -9.99 0.11
N PHE A 2 8.26 -8.95 -0.35
CA PHE A 2 6.82 -9.01 -0.63
C PHE A 2 6.53 -8.53 -2.05
N GLN A 3 5.63 -9.25 -2.74
CA GLN A 3 5.27 -8.90 -4.11
C GLN A 3 4.11 -9.77 -4.59
N THR A 4 3.63 -9.47 -5.80
CA THR A 4 2.52 -10.23 -6.37
C THR A 4 2.56 -10.17 -7.90
N LEU A 5 2.20 -11.27 -8.54
CA LEU A 5 2.18 -11.34 -10.00
C LEU A 5 1.23 -12.43 -10.48
N SER A 6 0.26 -12.78 -9.65
CA SER A 6 -0.71 -13.81 -9.99
C SER A 6 -2.01 -13.20 -10.48
N PRO A 7 -2.78 -13.96 -11.27
CA PRO A 7 -4.05 -13.52 -11.82
C PRO A 7 -5.13 -13.36 -10.75
N GLU A 8 -6.01 -12.38 -10.93
CA GLU A 8 -7.08 -12.13 -9.98
C GLU A 8 -8.31 -11.57 -10.68
N GLY A 9 -9.30 -12.43 -10.92
CA GLY A 9 -10.52 -12.00 -11.58
C GLY A 9 -11.76 -12.63 -10.99
N SER A 10 -11.77 -12.78 -9.67
CA SER A 10 -12.90 -13.38 -8.98
C SER A 10 -12.96 -12.91 -7.53
N GLY A 11 -13.75 -11.87 -7.28
CA GLY A 11 -13.88 -11.35 -5.93
C GLY A 11 -14.09 -9.84 -5.91
N ASN A 12 -15.24 -9.43 -5.37
CA ASN A 12 -15.57 -8.01 -5.29
C ASN A 12 -14.61 -7.27 -4.36
N LEU A 13 -14.22 -7.96 -3.28
CA LEU A 13 -13.30 -7.37 -2.30
C LEU A 13 -11.85 -7.56 -2.72
N ALA A 14 -11.63 -8.52 -3.62
CA ALA A 14 -10.29 -8.79 -4.12
C ALA A 14 -9.72 -7.61 -4.89
N VAL A 15 -10.59 -6.91 -5.62
CA VAL A 15 -10.19 -5.76 -6.41
C VAL A 15 -9.47 -4.73 -5.54
N ILE A 16 -9.74 -4.77 -4.24
CA ILE A 16 -9.12 -3.83 -3.30
C ILE A 16 -7.60 -3.98 -3.30
N GLY A 17 -7.12 -5.18 -3.00
CA GLY A 17 -5.69 -5.42 -2.98
C GLY A 17 -5.04 -5.18 -4.32
N GLY A 18 -5.70 -5.63 -5.39
CA GLY A 18 -5.16 -5.45 -6.72
C GLY A 18 -4.79 -4.01 -7.01
N VAL A 19 -5.71 -3.09 -6.72
CA VAL A 19 -5.48 -1.67 -6.94
C VAL A 19 -4.59 -1.09 -5.86
N ALA A 20 -4.99 -1.26 -4.62
CA ALA A 20 -4.24 -0.75 -3.47
C ALA A 20 -2.77 -1.14 -3.57
N VAL A 21 -2.51 -2.44 -3.60
CA VAL A 21 -1.14 -2.94 -3.69
C VAL A 21 -0.45 -2.43 -4.95
N GLY A 22 -1.14 -2.54 -6.08
CA GLY A 22 -0.57 -2.08 -7.34
C GLY A 22 -0.07 -0.65 -7.25
N VAL A 23 -0.79 0.19 -6.51
CA VAL A 23 -0.42 1.59 -6.35
C VAL A 23 0.86 1.73 -5.54
N VAL A 24 0.97 0.93 -4.48
CA VAL A 24 2.15 0.97 -3.62
C VAL A 24 3.42 0.76 -4.44
N LEU A 25 3.47 -0.34 -5.17
CA LEU A 25 4.64 -0.66 -5.99
C LEU A 25 4.96 0.48 -6.95
N LEU A 26 3.94 0.97 -7.65
CA LEU A 26 4.11 2.06 -8.59
C LEU A 26 4.70 3.30 -7.91
N LEU A 27 4.28 3.52 -6.67
CA LEU A 27 4.76 4.67 -5.90
C LEU A 27 6.27 4.58 -5.68
N VAL A 28 6.76 3.37 -5.43
CA VAL A 28 8.18 3.15 -5.22
C VAL A 28 9.00 3.51 -6.46
N LEU A 29 8.65 2.90 -7.58
CA LEU A 29 9.35 3.16 -8.84
C LEU A 29 9.41 4.66 -9.12
N ALA A 30 8.33 5.36 -8.81
CA ALA A 30 8.27 6.80 -9.03
C ALA A 30 9.31 7.54 -8.18
N GLY A 31 9.07 7.60 -6.88
CA GLY A 31 9.98 8.26 -5.98
C GLY A 31 11.40 7.78 -6.13
N VAL A 32 11.60 6.47 -5.94
CA VAL A 32 12.94 5.88 -6.07
C VAL A 32 13.47 6.02 -7.49
N GLY A 33 12.59 6.36 -8.42
CA GLY A 33 12.99 6.51 -9.80
C GLY A 33 13.80 7.78 -10.03
N PHE A 34 13.30 8.90 -9.50
CA PHE A 34 13.98 10.18 -9.64
C PHE A 34 14.83 10.49 -8.42
N PHE A 35 14.47 9.90 -7.29
CA PHE A 35 15.21 10.11 -6.04
C PHE A 35 16.53 9.36 -6.07
N ILE A 36 16.72 8.54 -7.09
CA ILE A 36 17.95 7.76 -7.24
C ILE A 36 19.03 8.56 -7.97
N HIS A 37 18.60 9.54 -8.76
CA HIS A 37 19.52 10.38 -9.51
C HIS A 37 19.07 11.84 -9.49
N ARG A 38 18.38 12.23 -8.42
CA ARG A 38 17.89 13.59 -8.26
C ARG A 38 19.06 14.58 -8.17
N ARG A 39 20.25 14.05 -7.91
CA ARG A 39 21.44 14.89 -7.80
C ARG A 39 22.67 14.15 -8.32
N ARG A 40 22.56 13.59 -9.52
CA ARG A 40 23.66 12.86 -10.13
C ARG A 40 24.94 13.69 -10.11
N LYS A 41 26.02 13.10 -9.60
CA LYS A 41 27.30 13.79 -9.53
C LYS A 41 27.96 13.85 -10.90
N GLU B 1 -5.04 -14.82 9.60
CA GLU B 1 -4.04 -15.03 10.64
C GLU B 1 -4.66 -15.04 12.02
N PHE B 2 -5.69 -14.23 12.21
CA PHE B 2 -6.38 -14.14 13.49
C PHE B 2 -7.89 -14.09 13.28
N GLN B 3 -8.60 -14.99 13.97
CA GLN B 3 -10.06 -15.05 13.87
C GLN B 3 -10.68 -15.39 15.22
N THR B 4 -12.00 -15.59 15.22
CA THR B 4 -12.72 -15.93 16.45
C THR B 4 -13.68 -17.08 16.22
N LEU B 5 -14.27 -17.59 17.30
CA LEU B 5 -15.21 -18.69 17.22
C LEU B 5 -16.62 -18.22 17.55
N SER B 6 -17.04 -17.13 16.92
CA SER B 6 -18.38 -16.58 17.14
C SER B 6 -19.01 -16.12 15.82
N PRO B 7 -20.34 -16.05 15.80
CA PRO B 7 -21.09 -15.63 14.62
C PRO B 7 -20.90 -14.15 14.31
N GLU B 8 -19.79 -13.81 13.66
CA GLU B 8 -19.49 -12.43 13.31
C GLU B 8 -18.92 -12.34 11.90
N GLY B 9 -19.74 -11.89 10.96
CA GLY B 9 -19.28 -11.76 9.59
C GLY B 9 -18.95 -10.33 9.22
N SER B 10 -17.69 -10.09 8.89
CA SER B 10 -17.23 -8.74 8.53
C SER B 10 -16.70 -8.73 7.10
N GLY B 11 -15.59 -9.42 6.88
CA GLY B 11 -14.99 -9.47 5.56
C GLY B 11 -13.50 -9.71 5.60
N ASN B 12 -13.10 -10.98 5.47
CA ASN B 12 -11.69 -11.35 5.51
C ASN B 12 -10.92 -10.64 4.40
N LEU B 13 -11.62 -10.29 3.32
CA LEU B 13 -11.01 -9.61 2.19
C LEU B 13 -10.88 -8.12 2.46
N ALA B 14 -11.66 -7.63 3.42
CA ALA B 14 -11.62 -6.21 3.77
C ALA B 14 -10.27 -5.83 4.37
N VAL B 15 -9.67 -6.75 5.12
CA VAL B 15 -8.38 -6.50 5.74
C VAL B 15 -7.33 -6.11 4.70
N ILE B 16 -7.57 -6.49 3.44
CA ILE B 16 -6.66 -6.17 2.36
C ILE B 16 -6.49 -4.67 2.20
N GLY B 17 -7.60 -3.98 1.95
CA GLY B 17 -7.56 -2.54 1.79
C GLY B 17 -7.06 -1.83 3.03
N GLY B 18 -7.51 -2.28 4.20
CA GLY B 18 -7.09 -1.67 5.44
C GLY B 18 -5.59 -1.57 5.57
N VAL B 19 -4.91 -2.69 5.34
CA VAL B 19 -3.46 -2.73 5.43
C VAL B 19 -2.80 -2.10 4.20
N ALA B 20 -3.20 -2.58 3.03
CA ALA B 20 -2.66 -2.08 1.78
C ALA B 20 -2.73 -0.55 1.73
N VAL B 21 -3.95 -0.02 1.81
CA VAL B 21 -4.16 1.42 1.78
C VAL B 21 -3.35 2.12 2.87
N GLY B 22 -3.46 1.62 4.09
CA GLY B 22 -2.73 2.21 5.20
C GLY B 22 -1.25 2.34 4.91
N VAL B 23 -0.70 1.37 4.20
CA VAL B 23 0.72 1.39 3.85
C VAL B 23 1.04 2.52 2.88
N VAL B 24 0.16 2.72 1.90
CA VAL B 24 0.34 3.78 0.90
C VAL B 24 0.48 5.14 1.57
N LEU B 25 -0.45 5.46 2.47
CA LEU B 25 -0.43 6.73 3.18
C LEU B 25 0.88 6.91 3.93
N LEU B 26 1.29 5.87 4.64
CA LEU B 26 2.53 5.91 5.41
C LEU B 26 3.73 6.17 4.50
N LEU B 27 3.70 5.59 3.31
CA LEU B 27 4.78 5.75 2.34
C LEU B 27 4.94 7.22 1.95
N VAL B 28 3.81 7.91 1.81
CA VAL B 28 3.83 9.33 1.45
C VAL B 28 4.51 10.17 2.52
N LEU B 29 3.95 10.13 3.73
CA LEU B 29 4.50 10.88 4.85
C LEU B 29 6.00 10.60 5.02
N ALA B 30 6.41 9.40 4.64
CA ALA B 30 7.81 9.00 4.74
C ALA B 30 8.68 9.79 3.77
N GLY B 31 8.56 9.46 2.49
CA GLY B 31 9.34 10.14 1.46
C GLY B 31 9.10 11.64 1.47
N VAL B 32 7.85 12.04 1.34
CA VAL B 32 7.49 13.45 1.33
C VAL B 32 8.07 14.17 2.54
N GLY B 33 8.06 13.49 3.69
CA GLY B 33 8.58 14.07 4.91
C GLY B 33 10.03 14.50 4.79
N PHE B 34 10.86 13.58 4.30
CA PHE B 34 12.29 13.85 4.12
C PHE B 34 12.51 14.99 3.14
N PHE B 35 11.59 15.12 2.19
CA PHE B 35 11.68 16.16 1.17
C PHE B 35 11.30 17.52 1.74
N ILE B 36 11.86 17.83 2.91
CA ILE B 36 11.57 19.11 3.57
C ILE B 36 12.87 19.81 3.98
N HIS B 37 13.95 19.04 4.05
CA HIS B 37 15.25 19.59 4.42
C HIS B 37 16.39 18.76 3.82
N ARG B 38 16.22 18.34 2.56
CA ARG B 38 17.21 17.54 1.88
C ARG B 38 18.60 18.18 2.01
N ARG B 39 18.63 19.51 2.06
CA ARG B 39 19.88 20.24 2.17
C ARG B 39 19.73 21.44 3.09
N ARG B 40 19.26 21.20 4.31
CA ARG B 40 19.07 22.26 5.28
C ARG B 40 20.31 23.14 5.39
N LYS B 41 21.48 22.53 5.20
CA LYS B 41 22.74 23.24 5.28
C LYS B 41 23.56 23.04 4.01
N GLU A 1 8.89 -1.68 6.68
CA GLU A 1 9.93 -2.66 6.39
C GLU A 1 9.36 -4.08 6.44
N PHE A 2 8.45 -4.32 7.38
CA PHE A 2 7.84 -5.64 7.52
C PHE A 2 6.59 -5.76 6.64
N GLN A 3 6.39 -6.94 6.08
CA GLN A 3 5.23 -7.19 5.21
C GLN A 3 5.18 -8.65 4.80
N THR A 4 4.09 -9.02 4.12
CA THR A 4 3.91 -10.40 3.67
C THR A 4 2.97 -10.46 2.47
N LEU A 5 2.97 -11.59 1.78
CA LEU A 5 2.11 -11.78 0.61
C LEU A 5 0.87 -12.57 0.97
N SER A 6 -0.29 -11.95 0.78
CA SER A 6 -1.56 -12.61 1.09
C SER A 6 -2.38 -12.84 -0.18
N PRO A 7 -3.28 -13.83 -0.13
CA PRO A 7 -4.14 -14.18 -1.27
C PRO A 7 -5.18 -13.09 -1.55
N GLU A 8 -5.43 -12.84 -2.83
CA GLU A 8 -6.41 -11.83 -3.23
C GLU A 8 -7.05 -12.19 -4.56
N GLY A 9 -8.28 -12.70 -4.51
CA GLY A 9 -8.98 -13.08 -5.72
C GLY A 9 -10.19 -13.94 -5.44
N SER A 10 -10.99 -13.55 -4.46
CA SER A 10 -12.18 -14.30 -4.09
C SER A 10 -13.41 -13.77 -4.82
N GLY A 11 -13.75 -12.51 -4.55
CA GLY A 11 -14.90 -11.89 -5.19
C GLY A 11 -14.62 -10.47 -5.63
N ASN A 12 -15.42 -9.53 -5.14
CA ASN A 12 -15.26 -8.13 -5.49
C ASN A 12 -14.31 -7.42 -4.53
N LEU A 13 -14.15 -8.00 -3.34
CA LEU A 13 -13.27 -7.43 -2.32
C LEU A 13 -11.80 -7.61 -2.72
N ALA A 14 -11.55 -8.56 -3.62
CA ALA A 14 -10.20 -8.82 -4.08
C ALA A 14 -9.63 -7.65 -4.87
N VAL A 15 -10.50 -6.98 -5.62
CA VAL A 15 -10.09 -5.83 -6.42
C VAL A 15 -9.40 -4.77 -5.56
N ILE A 16 -9.68 -4.81 -4.26
CA ILE A 16 -9.09 -3.85 -3.33
C ILE A 16 -7.58 -3.96 -3.31
N GLY A 17 -7.08 -5.14 -2.96
CA GLY A 17 -5.64 -5.35 -2.91
C GLY A 17 -4.98 -5.14 -4.27
N GLY A 18 -5.61 -5.64 -5.32
CA GLY A 18 -5.07 -5.49 -6.66
C GLY A 18 -4.72 -4.05 -6.98
N VAL A 19 -5.66 -3.15 -6.75
CA VAL A 19 -5.46 -1.73 -7.03
C VAL A 19 -4.59 -1.09 -5.94
N ALA A 20 -5.02 -1.23 -4.69
CA ALA A 20 -4.28 -0.67 -3.57
C ALA A 20 -2.80 -1.03 -3.64
N VAL A 21 -2.51 -2.33 -3.59
CA VAL A 21 -1.14 -2.81 -3.65
C VAL A 21 -0.43 -2.30 -4.91
N GLY A 22 -1.08 -2.46 -6.05
CA GLY A 22 -0.50 -2.00 -7.30
C GLY A 22 -0.05 -0.55 -7.24
N VAL A 23 -0.81 0.26 -6.52
CA VAL A 23 -0.49 1.68 -6.38
C VAL A 23 0.77 1.89 -5.55
N VAL A 24 0.91 1.08 -4.50
CA VAL A 24 2.07 1.17 -3.62
C VAL A 24 3.37 0.93 -4.40
N LEU A 25 3.40 -0.14 -5.17
CA LEU A 25 4.57 -0.48 -5.96
C LEU A 25 4.93 0.64 -6.93
N LEU A 26 3.92 1.15 -7.63
CA LEU A 26 4.13 2.24 -8.58
C LEU A 26 4.77 3.45 -7.89
N LEU A 27 4.26 3.78 -6.71
CA LEU A 27 4.77 4.92 -5.95
C LEU A 27 6.27 4.76 -5.69
N VAL A 28 6.69 3.53 -5.39
CA VAL A 28 8.09 3.26 -5.12
C VAL A 28 8.96 3.61 -6.33
N LEU A 29 8.66 3.02 -7.47
CA LEU A 29 9.41 3.27 -8.70
C LEU A 29 9.53 4.77 -8.96
N ALA A 30 8.51 5.52 -8.56
CA ALA A 30 8.50 6.96 -8.75
C ALA A 30 9.55 7.63 -7.86
N GLY A 31 9.25 7.74 -6.57
CA GLY A 31 10.16 8.35 -5.64
C GLY A 31 11.57 7.77 -5.73
N VAL A 32 11.67 6.46 -5.71
CA VAL A 32 12.96 5.78 -5.79
C VAL A 32 13.62 6.04 -7.14
N GLY A 33 12.80 6.04 -8.20
CA GLY A 33 13.34 6.27 -9.54
C GLY A 33 13.94 7.66 -9.69
N PHE A 34 13.53 8.57 -8.82
CA PHE A 34 14.04 9.94 -8.86
C PHE A 34 15.26 10.10 -7.98
N PHE A 35 15.32 9.32 -6.90
CA PHE A 35 16.43 9.37 -5.97
C PHE A 35 17.63 8.60 -6.51
N ILE A 36 17.49 8.07 -7.73
CA ILE A 36 18.56 7.31 -8.35
C ILE A 36 19.35 8.17 -9.33
N HIS A 37 18.83 9.36 -9.62
CA HIS A 37 19.49 10.28 -10.54
C HIS A 37 19.71 11.63 -9.87
N ARG A 38 18.79 12.02 -9.00
CA ARG A 38 18.88 13.30 -8.30
C ARG A 38 20.27 13.47 -7.70
N ARG A 39 20.87 14.65 -7.92
CA ARG A 39 22.20 14.94 -7.40
C ARG A 39 23.18 13.84 -7.77
N ARG A 40 23.10 13.37 -9.01
CA ARG A 40 23.99 12.31 -9.48
C ARG A 40 25.43 12.56 -9.04
N LYS A 41 26.08 11.51 -8.53
CA LYS A 41 27.45 11.62 -8.07
C LYS A 41 27.70 12.95 -7.36
N GLU B 1 -10.46 -29.01 10.61
CA GLU B 1 -9.36 -28.08 10.68
C GLU B 1 -9.84 -26.66 10.95
N PHE B 2 -10.45 -26.04 9.95
CA PHE B 2 -10.97 -24.68 10.09
C PHE B 2 -12.39 -24.59 9.56
N GLN B 3 -13.27 -23.99 10.36
CA GLN B 3 -14.67 -23.83 9.97
C GLN B 3 -15.43 -23.01 11.00
N THR B 4 -16.72 -22.78 10.74
CA THR B 4 -17.56 -22.01 11.64
C THR B 4 -19.03 -22.38 11.48
N LEU B 5 -19.86 -21.90 12.39
CA LEU B 5 -21.29 -22.17 12.34
C LEU B 5 -22.08 -21.11 13.10
N SER B 6 -21.51 -19.91 13.19
CA SER B 6 -22.15 -18.80 13.88
C SER B 6 -22.18 -17.55 13.00
N PRO B 7 -23.14 -16.66 13.28
CA PRO B 7 -23.30 -15.42 12.52
C PRO B 7 -22.16 -14.43 12.79
N GLU B 8 -21.12 -14.50 11.97
CA GLU B 8 -19.98 -13.61 12.12
C GLU B 8 -19.47 -13.14 10.77
N GLY B 9 -18.23 -12.66 10.73
CA GLY B 9 -17.65 -12.18 9.49
C GLY B 9 -17.29 -10.71 9.54
N SER B 10 -15.99 -10.42 9.60
CA SER B 10 -15.52 -9.04 9.67
C SER B 10 -14.78 -8.66 8.39
N GLY B 11 -15.27 -9.18 7.27
CA GLY B 11 -14.65 -8.89 5.99
C GLY B 11 -13.23 -9.40 5.90
N ASN B 12 -13.09 -10.70 5.63
CA ASN B 12 -11.76 -11.31 5.52
C ASN B 12 -10.95 -10.67 4.40
N LEU B 13 -11.65 -10.16 3.40
CA LEU B 13 -10.99 -9.51 2.27
C LEU B 13 -10.86 -8.00 2.49
N ALA B 14 -11.69 -7.48 3.38
CA ALA B 14 -11.67 -6.05 3.69
C ALA B 14 -10.34 -5.64 4.31
N VAL B 15 -9.77 -6.53 5.12
CA VAL B 15 -8.48 -6.27 5.76
C VAL B 15 -7.43 -5.88 4.75
N ILE B 16 -7.61 -6.31 3.50
CA ILE B 16 -6.67 -6.01 2.43
C ILE B 16 -6.53 -4.49 2.25
N GLY B 17 -7.64 -3.83 1.93
CA GLY B 17 -7.62 -2.40 1.73
C GLY B 17 -7.14 -1.65 2.97
N GLY B 18 -7.60 -2.08 4.14
CA GLY B 18 -7.22 -1.42 5.37
C GLY B 18 -5.71 -1.30 5.51
N VAL B 19 -5.00 -2.40 5.32
CA VAL B 19 -3.55 -2.41 5.42
C VAL B 19 -2.91 -1.80 4.17
N ALA B 20 -3.27 -2.32 3.01
CA ALA B 20 -2.73 -1.82 1.76
C ALA B 20 -2.84 -0.30 1.68
N VAL B 21 -4.07 0.20 1.72
CA VAL B 21 -4.31 1.64 1.66
C VAL B 21 -3.53 2.38 2.75
N GLY B 22 -3.64 1.90 3.98
CA GLY B 22 -2.95 2.53 5.09
C GLY B 22 -1.47 2.70 4.82
N VAL B 23 -0.89 1.72 4.13
CA VAL B 23 0.54 1.76 3.80
C VAL B 23 0.84 2.86 2.79
N VAL B 24 -0.06 3.05 1.83
CA VAL B 24 0.11 4.07 0.81
C VAL B 24 0.18 5.46 1.43
N LEU B 25 -0.75 5.75 2.33
CA LEU B 25 -0.80 7.05 3.00
C LEU B 25 0.49 7.31 3.77
N LEU B 26 0.93 6.30 4.53
CA LEU B 26 2.16 6.42 5.31
C LEU B 26 3.35 6.75 4.43
N LEU B 27 3.42 6.09 3.28
CA LEU B 27 4.51 6.32 2.33
C LEU B 27 4.55 7.78 1.88
N VAL B 28 3.38 8.35 1.66
CA VAL B 28 3.27 9.74 1.23
C VAL B 28 3.92 10.68 2.24
N LEU B 29 3.42 10.64 3.48
CA LEU B 29 3.96 11.48 4.54
C LEU B 29 5.48 11.36 4.63
N ALA B 30 5.99 10.17 4.35
CA ALA B 30 7.42 9.91 4.40
C ALA B 30 8.15 10.75 3.36
N GLY B 31 8.08 10.34 2.11
CA GLY B 31 8.75 11.07 1.03
C GLY B 31 8.36 12.53 1.01
N VAL B 32 7.06 12.80 0.94
CA VAL B 32 6.56 14.17 0.90
C VAL B 32 7.04 14.96 2.11
N GLY B 33 7.08 14.29 3.27
CA GLY B 33 7.52 14.95 4.48
C GLY B 33 8.98 15.35 4.43
N PHE B 34 9.76 14.64 3.62
CA PHE B 34 11.19 14.93 3.48
C PHE B 34 11.43 15.92 2.35
N PHE B 35 10.56 15.90 1.34
CA PHE B 35 10.68 16.81 0.21
C PHE B 35 10.44 18.25 0.63
N ILE B 36 9.79 18.42 1.77
CA ILE B 36 9.49 19.76 2.28
C ILE B 36 10.59 20.25 3.21
N HIS B 37 11.37 19.31 3.75
CA HIS B 37 12.46 19.65 4.65
C HIS B 37 13.72 20.01 3.88
N ARG B 38 13.81 19.52 2.64
CA ARG B 38 14.97 19.80 1.79
C ARG B 38 15.06 21.28 1.46
N ARG B 39 13.92 21.96 1.51
CA ARG B 39 13.87 23.39 1.22
C ARG B 39 13.12 24.15 2.31
N ARG B 40 13.54 23.94 3.56
CA ARG B 40 12.91 24.60 4.70
C ARG B 40 12.83 26.11 4.47
N LYS B 41 13.79 26.64 3.73
CA LYS B 41 13.84 28.07 3.44
C LYS B 41 12.50 28.54 2.87
N GLU A 1 7.26 -2.93 7.73
CA GLU A 1 5.92 -3.45 7.50
C GLU A 1 5.66 -3.60 6.00
N PHE A 2 5.95 -4.79 5.48
CA PHE A 2 5.74 -5.08 4.07
C PHE A 2 5.03 -6.41 3.88
N GLN A 3 4.11 -6.45 2.92
CA GLN A 3 3.35 -7.67 2.63
C GLN A 3 3.34 -7.97 1.14
N THR A 4 3.58 -9.23 0.80
CA THR A 4 3.59 -9.65 -0.60
C THR A 4 3.21 -11.12 -0.74
N LEU A 5 2.89 -11.54 -1.96
CA LEU A 5 2.51 -12.91 -2.23
C LEU A 5 1.36 -13.35 -1.33
N SER A 6 0.23 -12.65 -1.43
CA SER A 6 -0.95 -12.96 -0.62
C SER A 6 -2.14 -13.31 -1.50
N PRO A 7 -3.07 -14.10 -0.95
CA PRO A 7 -4.28 -14.52 -1.67
C PRO A 7 -5.24 -13.37 -1.91
N GLU A 8 -5.43 -13.01 -3.18
CA GLU A 8 -6.33 -11.92 -3.54
C GLU A 8 -7.08 -12.25 -4.83
N GLY A 9 -8.36 -12.62 -4.68
CA GLY A 9 -9.16 -12.96 -5.84
C GLY A 9 -10.42 -13.72 -5.47
N SER A 10 -11.05 -13.31 -4.38
CA SER A 10 -12.27 -13.96 -3.91
C SER A 10 -13.49 -13.48 -4.70
N GLY A 11 -13.75 -12.18 -4.63
CA GLY A 11 -14.88 -11.62 -5.34
C GLY A 11 -14.66 -10.16 -5.72
N ASN A 12 -15.52 -9.29 -5.22
CA ASN A 12 -15.42 -7.86 -5.50
C ASN A 12 -14.44 -7.18 -4.55
N LEU A 13 -14.23 -7.80 -3.39
CA LEU A 13 -13.33 -7.24 -2.38
C LEU A 13 -11.87 -7.45 -2.80
N ALA A 14 -11.65 -8.38 -3.71
CA ALA A 14 -10.31 -8.66 -4.20
C ALA A 14 -9.73 -7.47 -4.95
N VAL A 15 -10.59 -6.75 -5.66
CA VAL A 15 -10.17 -5.59 -6.43
C VAL A 15 -9.44 -4.58 -5.54
N ILE A 16 -9.70 -4.65 -4.25
CA ILE A 16 -9.06 -3.74 -3.29
C ILE A 16 -7.55 -3.90 -3.31
N GLY A 17 -7.08 -5.11 -3.02
CA GLY A 17 -5.65 -5.37 -3.01
C GLY A 17 -5.01 -5.12 -4.36
N GLY A 18 -5.69 -5.55 -5.42
CA GLY A 18 -5.15 -5.35 -6.76
C GLY A 18 -4.77 -3.92 -7.02
N VAL A 19 -5.68 -3.00 -6.74
CA VAL A 19 -5.43 -1.57 -6.95
C VAL A 19 -4.53 -1.01 -5.87
N ALA A 20 -4.93 -1.20 -4.62
CA ALA A 20 -4.15 -0.70 -3.48
C ALA A 20 -2.69 -1.11 -3.59
N VAL A 21 -2.44 -2.41 -3.61
CA VAL A 21 -1.09 -2.94 -3.72
C VAL A 21 -0.38 -2.39 -4.95
N GLY A 22 -1.06 -2.47 -6.10
CA GLY A 22 -0.48 -1.98 -7.34
C GLY A 22 0.01 -0.55 -7.22
N VAL A 23 -0.74 0.27 -6.48
CA VAL A 23 -0.36 1.66 -6.30
C VAL A 23 0.92 1.79 -5.48
N VAL A 24 1.06 0.94 -4.47
CA VAL A 24 2.24 0.95 -3.61
C VAL A 24 3.51 0.72 -4.43
N LEU A 25 3.52 -0.34 -5.22
CA LEU A 25 4.67 -0.68 -6.04
C LEU A 25 5.02 0.49 -6.97
N LEU A 26 4.01 1.08 -7.58
CA LEU A 26 4.22 2.21 -8.48
C LEU A 26 4.85 3.39 -7.75
N LEU A 27 4.44 3.60 -6.51
CA LEU A 27 4.97 4.69 -5.70
C LEU A 27 6.47 4.53 -5.48
N VAL A 28 6.91 3.29 -5.28
CA VAL A 28 8.32 3.01 -5.06
C VAL A 28 9.15 3.37 -6.29
N LEU A 29 8.85 2.72 -7.41
CA LEU A 29 9.56 2.98 -8.65
C LEU A 29 9.54 4.47 -9.00
N ALA A 30 8.51 5.17 -8.54
CA ALA A 30 8.37 6.60 -8.79
C ALA A 30 9.40 7.39 -8.00
N GLY A 31 9.16 7.54 -6.70
CA GLY A 31 10.07 8.28 -5.86
C GLY A 31 11.50 7.75 -5.93
N VAL A 32 11.66 6.45 -5.71
CA VAL A 32 12.98 5.83 -5.76
C VAL A 32 13.63 6.04 -7.12
N GLY A 33 12.86 5.90 -8.18
CA GLY A 33 13.38 6.07 -9.52
C GLY A 33 13.85 7.49 -9.76
N PHE A 34 13.32 8.43 -9.00
CA PHE A 34 13.69 9.84 -9.15
C PHE A 34 14.82 10.20 -8.19
N PHE A 35 14.85 9.53 -7.04
CA PHE A 35 15.87 9.78 -6.03
C PHE A 35 17.24 9.27 -6.49
N ILE A 36 17.23 8.52 -7.59
CA ILE A 36 18.47 7.96 -8.14
C ILE A 36 19.02 8.86 -9.24
N HIS A 37 18.15 9.66 -9.84
CA HIS A 37 18.56 10.57 -10.91
C HIS A 37 19.13 11.87 -10.34
N ARG A 38 18.73 12.18 -9.11
CA ARG A 38 19.20 13.40 -8.45
C ARG A 38 20.69 13.31 -8.14
N ARG A 39 21.10 12.18 -7.56
CA ARG A 39 22.51 11.97 -7.20
C ARG A 39 23.30 11.48 -8.41
N ARG A 40 22.63 10.73 -9.29
CA ARG A 40 23.28 10.19 -10.48
C ARG A 40 24.46 9.30 -10.09
N LYS A 41 24.16 8.19 -9.42
CA LYS A 41 25.21 7.25 -8.99
C LYS A 41 26.22 7.94 -8.09
N GLU B 1 -33.67 -34.02 10.96
CA GLU B 1 -32.64 -33.95 12.00
C GLU B 1 -32.19 -32.51 12.21
N PHE B 2 -31.76 -31.86 11.12
CA PHE B 2 -31.31 -30.48 11.18
C PHE B 2 -32.07 -29.60 10.19
N GLN B 3 -32.39 -28.39 10.61
CA GLN B 3 -33.12 -27.45 9.76
C GLN B 3 -32.45 -26.09 9.75
N THR B 4 -33.12 -25.11 9.14
CA THR B 4 -32.58 -23.76 9.05
C THR B 4 -31.15 -23.75 8.53
N LEU B 5 -30.50 -22.60 8.58
CA LEU B 5 -29.13 -22.47 8.11
C LEU B 5 -28.28 -21.67 9.10
N SER B 6 -27.04 -22.10 9.29
CA SER B 6 -26.13 -21.43 10.21
C SER B 6 -25.03 -20.69 9.44
N PRO B 7 -24.46 -19.66 10.08
CA PRO B 7 -23.40 -18.85 9.49
C PRO B 7 -22.09 -19.62 9.35
N GLU B 8 -21.59 -19.71 8.13
CA GLU B 8 -20.34 -20.42 7.87
C GLU B 8 -19.46 -19.64 6.90
N GLY B 9 -18.48 -18.93 7.44
CA GLY B 9 -17.58 -18.14 6.61
C GLY B 9 -18.18 -16.82 6.20
N SER B 10 -17.33 -15.85 5.89
CA SER B 10 -17.78 -14.52 5.49
C SER B 10 -16.88 -13.94 4.40
N GLY B 11 -15.57 -14.07 4.60
CA GLY B 11 -14.62 -13.55 3.64
C GLY B 11 -13.88 -12.33 4.15
N ASN B 12 -12.72 -12.55 4.77
CA ASN B 12 -11.92 -11.47 5.31
C ASN B 12 -11.08 -10.81 4.21
N LEU B 13 -11.75 -10.25 3.22
CA LEU B 13 -11.07 -9.59 2.11
C LEU B 13 -10.88 -8.11 2.39
N ALA B 14 -11.68 -7.57 3.31
CA ALA B 14 -11.59 -6.17 3.67
C ALA B 14 -10.23 -5.83 4.28
N VAL B 15 -9.68 -6.78 5.02
CA VAL B 15 -8.38 -6.59 5.66
C VAL B 15 -7.32 -6.19 4.63
N ILE B 16 -7.54 -6.56 3.38
CA ILE B 16 -6.61 -6.24 2.31
C ILE B 16 -6.42 -4.72 2.18
N GLY B 17 -7.53 -4.01 1.93
CA GLY B 17 -7.46 -2.57 1.79
C GLY B 17 -6.93 -1.90 3.05
N GLY B 18 -7.39 -2.36 4.21
CA GLY B 18 -6.94 -1.77 5.46
C GLY B 18 -5.43 -1.70 5.57
N VAL B 19 -4.78 -2.83 5.32
CA VAL B 19 -3.32 -2.90 5.39
C VAL B 19 -2.68 -2.25 4.17
N ALA B 20 -3.09 -2.70 2.99
CA ALA B 20 -2.56 -2.16 1.74
C ALA B 20 -2.60 -0.64 1.73
N VAL B 21 -3.81 -0.09 1.83
CA VAL B 21 -4.00 1.36 1.83
C VAL B 21 -3.18 2.01 2.94
N GLY B 22 -3.29 1.47 4.15
CA GLY B 22 -2.55 2.02 5.27
C GLY B 22 -1.07 2.16 4.98
N VAL B 23 -0.53 1.20 4.21
CA VAL B 23 0.89 1.22 3.86
C VAL B 23 1.20 2.37 2.91
N VAL B 24 0.32 2.60 1.95
CA VAL B 24 0.50 3.67 0.98
C VAL B 24 0.68 5.02 1.67
N LEU B 25 -0.28 5.37 2.52
CA LEU B 25 -0.23 6.64 3.25
C LEU B 25 1.07 6.75 4.04
N LEU B 26 1.41 5.71 4.78
CA LEU B 26 2.63 5.69 5.58
C LEU B 26 3.86 5.96 4.71
N LEU B 27 3.85 5.40 3.50
CA LEU B 27 4.95 5.58 2.57
C LEU B 27 5.14 7.06 2.21
N VAL B 28 4.03 7.77 2.05
CA VAL B 28 4.07 9.18 1.72
C VAL B 28 4.77 9.99 2.81
N LEU B 29 4.28 9.86 4.04
CA LEU B 29 4.87 10.56 5.17
C LEU B 29 6.37 10.35 5.23
N ALA B 30 6.81 9.12 4.99
CA ALA B 30 8.22 8.79 5.01
C ALA B 30 9.00 9.64 4.01
N GLY B 31 8.82 9.35 2.72
CA GLY B 31 9.52 10.10 1.69
C GLY B 31 9.31 11.60 1.82
N VAL B 32 8.06 12.03 1.61
CA VAL B 32 7.72 13.45 1.71
C VAL B 32 8.25 14.05 2.99
N GLY B 33 8.40 13.21 4.02
CA GLY B 33 8.89 13.69 5.30
C GLY B 33 10.30 14.24 5.21
N PHE B 34 11.26 13.36 4.92
CA PHE B 34 12.65 13.77 4.81
C PHE B 34 12.92 14.48 3.48
N PHE B 35 12.03 14.26 2.52
CA PHE B 35 12.16 14.88 1.21
C PHE B 35 11.81 16.36 1.26
N ILE B 36 11.33 16.80 2.42
CA ILE B 36 10.96 18.20 2.60
C ILE B 36 12.20 19.10 2.63
N HIS B 37 13.35 18.50 2.87
CA HIS B 37 14.61 19.25 2.92
C HIS B 37 15.45 18.98 1.68
N ARG B 38 16.76 19.14 1.81
CA ARG B 38 17.67 18.92 0.68
C ARG B 38 17.48 19.99 -0.39
N ARG B 39 16.37 19.90 -1.11
CA ARG B 39 16.07 20.87 -2.17
C ARG B 39 15.10 21.92 -1.68
N ARG B 40 15.27 22.36 -0.43
CA ARG B 40 14.41 23.37 0.16
C ARG B 40 14.25 24.57 -0.77
N LYS B 41 15.31 24.86 -1.52
CA LYS B 41 15.30 25.98 -2.45
C LYS B 41 14.89 27.27 -1.74
N GLU A 1 13.13 -5.83 0.63
CA GLU A 1 11.71 -5.55 0.78
C GLU A 1 10.87 -6.60 0.05
N PHE A 2 10.18 -7.44 0.83
CA PHE A 2 9.35 -8.49 0.27
C PHE A 2 7.89 -8.07 0.25
N GLN A 3 7.19 -8.41 -0.82
CA GLN A 3 5.77 -8.06 -0.95
C GLN A 3 4.94 -9.30 -1.29
N THR A 4 3.67 -9.08 -1.61
CA THR A 4 2.77 -10.18 -1.95
C THR A 4 1.96 -9.85 -3.20
N LEU A 5 2.29 -10.53 -4.30
CA LEU A 5 1.60 -10.31 -5.57
C LEU A 5 0.84 -11.57 -5.99
N SER A 6 -0.36 -11.75 -5.42
CA SER A 6 -1.18 -12.91 -5.74
C SER A 6 -2.52 -12.48 -6.31
N PRO A 7 -2.56 -12.26 -7.64
CA PRO A 7 -3.77 -11.83 -8.34
C PRO A 7 -4.82 -12.95 -8.41
N GLU A 8 -6.02 -12.65 -7.93
CA GLU A 8 -7.10 -13.62 -7.93
C GLU A 8 -8.39 -13.00 -8.46
N GLY A 9 -8.71 -13.30 -9.71
CA GLY A 9 -9.91 -12.76 -10.33
C GLY A 9 -11.17 -13.16 -9.57
N SER A 10 -12.31 -12.67 -10.05
CA SER A 10 -13.59 -12.99 -9.41
C SER A 10 -13.54 -12.68 -7.91
N GLY A 11 -13.65 -11.40 -7.57
CA GLY A 11 -13.63 -11.00 -6.17
C GLY A 11 -13.95 -9.54 -5.99
N ASN A 12 -15.19 -9.25 -5.62
CA ASN A 12 -15.62 -7.87 -5.41
C ASN A 12 -14.69 -7.15 -4.44
N LEU A 13 -14.21 -7.88 -3.44
CA LEU A 13 -13.31 -7.31 -2.44
C LEU A 13 -11.85 -7.52 -2.85
N ALA A 14 -11.61 -8.46 -3.75
CA ALA A 14 -10.27 -8.74 -4.23
C ALA A 14 -9.69 -7.56 -4.99
N VAL A 15 -10.54 -6.85 -5.72
CA VAL A 15 -10.13 -5.69 -6.50
C VAL A 15 -9.42 -4.67 -5.62
N ILE A 16 -9.71 -4.72 -4.32
CA ILE A 16 -9.10 -3.80 -3.37
C ILE A 16 -7.58 -3.94 -3.36
N GLY A 17 -7.10 -5.14 -3.04
CA GLY A 17 -5.67 -5.38 -3.00
C GLY A 17 -5.01 -5.14 -4.35
N GLY A 18 -5.65 -5.60 -5.41
CA GLY A 18 -5.10 -5.42 -6.75
C GLY A 18 -4.73 -3.98 -7.03
N VAL A 19 -5.66 -3.06 -6.77
CA VAL A 19 -5.41 -1.64 -7.00
C VAL A 19 -4.55 -1.05 -5.89
N ALA A 20 -4.98 -1.23 -4.65
CA ALA A 20 -4.23 -0.70 -3.51
C ALA A 20 -2.76 -1.10 -3.59
N VAL A 21 -2.49 -2.40 -3.58
CA VAL A 21 -1.13 -2.90 -3.66
C VAL A 21 -0.41 -2.37 -4.89
N GLY A 22 -1.06 -2.48 -6.04
CA GLY A 22 -0.47 -2.00 -7.28
C GLY A 22 0.01 -0.57 -7.18
N VAL A 23 -0.74 0.25 -6.44
CA VAL A 23 -0.39 1.65 -6.27
C VAL A 23 0.87 1.81 -5.43
N VAL A 24 0.99 0.98 -4.39
CA VAL A 24 2.15 1.01 -3.51
C VAL A 24 3.44 0.79 -4.29
N LEU A 25 3.48 -0.29 -5.06
CA LEU A 25 4.65 -0.62 -5.86
C LEU A 25 5.02 0.53 -6.80
N LEU A 26 4.02 1.06 -7.48
CA LEU A 26 4.23 2.16 -8.41
C LEU A 26 4.82 3.38 -7.69
N LEU A 27 4.34 3.63 -6.47
CA LEU A 27 4.82 4.75 -5.68
C LEU A 27 6.32 4.64 -5.43
N VAL A 28 6.79 3.41 -5.18
CA VAL A 28 8.20 3.18 -4.92
C VAL A 28 9.05 3.54 -6.14
N LEU A 29 8.77 2.88 -7.27
CA LEU A 29 9.51 3.13 -8.50
C LEU A 29 9.53 4.63 -8.83
N ALA A 30 8.47 5.34 -8.40
CA ALA A 30 8.38 6.77 -8.65
C ALA A 30 9.45 7.54 -7.88
N GLY A 31 9.25 7.67 -6.58
CA GLY A 31 10.21 8.39 -5.75
C GLY A 31 11.61 7.83 -5.88
N VAL A 32 11.75 6.52 -5.69
CA VAL A 32 13.05 5.86 -5.78
C VAL A 32 13.65 6.04 -7.17
N GLY A 33 12.78 6.07 -8.18
CA GLY A 33 13.25 6.22 -9.54
C GLY A 33 13.80 7.61 -9.81
N PHE A 34 13.36 8.59 -9.03
CA PHE A 34 13.82 9.96 -9.19
C PHE A 34 15.02 10.24 -8.28
N PHE A 35 15.08 9.53 -7.16
CA PHE A 35 16.16 9.70 -6.21
C PHE A 35 17.49 9.20 -6.79
N ILE A 36 17.40 8.47 -7.89
CA ILE A 36 18.59 7.92 -8.54
C ILE A 36 19.00 8.78 -9.73
N HIS A 37 18.05 9.55 -10.26
CA HIS A 37 18.32 10.43 -11.40
C HIS A 37 18.57 11.85 -10.94
N ARG A 38 18.09 12.19 -9.75
CA ARG A 38 18.27 13.52 -9.19
C ARG A 38 19.74 13.79 -8.89
N ARG A 39 20.22 14.96 -9.30
CA ARG A 39 21.61 15.35 -9.08
C ARG A 39 22.56 14.32 -9.70
N ARG A 40 22.12 13.70 -10.80
CA ARG A 40 22.93 12.70 -11.48
C ARG A 40 23.62 11.78 -10.49
N LYS A 41 24.66 11.09 -10.94
CA LYS A 41 25.40 10.17 -10.08
C LYS A 41 26.37 10.93 -9.18
N GLU B 1 -18.33 -26.54 14.99
CA GLU B 1 -18.78 -26.83 13.63
C GLU B 1 -19.96 -25.94 13.24
N PHE B 2 -20.73 -25.52 14.24
CA PHE B 2 -21.89 -24.66 14.00
C PHE B 2 -21.46 -23.35 13.37
N GLN B 3 -22.29 -22.83 12.46
CA GLN B 3 -21.99 -21.58 11.79
C GLN B 3 -23.23 -21.04 11.08
N THR B 4 -23.09 -19.91 10.41
CA THR B 4 -24.19 -19.29 9.69
C THR B 4 -23.68 -18.41 8.55
N LEU B 5 -24.61 -17.85 7.78
CA LEU B 5 -24.26 -17.00 6.65
C LEU B 5 -23.40 -17.75 5.65
N SER B 6 -22.96 -17.04 4.60
CA SER B 6 -22.13 -17.64 3.57
C SER B 6 -20.87 -18.27 4.17
N PRO B 7 -20.30 -19.25 3.47
CA PRO B 7 -19.09 -19.95 3.92
C PRO B 7 -17.85 -19.05 3.86
N GLU B 8 -17.94 -17.97 3.10
CA GLU B 8 -16.83 -17.03 2.97
C GLU B 8 -17.33 -15.62 2.68
N GLY B 9 -17.30 -14.77 3.70
CA GLY B 9 -17.75 -13.40 3.54
C GLY B 9 -17.91 -12.68 4.86
N SER B 10 -16.90 -12.79 5.73
CA SER B 10 -16.92 -12.15 7.03
C SER B 10 -15.92 -11.01 7.10
N GLY B 11 -15.71 -10.34 5.98
CA GLY B 11 -14.77 -9.23 5.94
C GLY B 11 -13.34 -9.69 5.88
N ASN B 12 -13.12 -10.92 5.41
CA ASN B 12 -11.79 -11.48 5.31
C ASN B 12 -10.99 -10.80 4.20
N LEU B 13 -11.70 -10.28 3.20
CA LEU B 13 -11.07 -9.60 2.08
C LEU B 13 -10.93 -8.10 2.36
N ALA B 14 -11.72 -7.61 3.30
CA ALA B 14 -11.68 -6.20 3.66
C ALA B 14 -10.34 -5.82 4.26
N VAL B 15 -9.76 -6.75 5.03
CA VAL B 15 -8.47 -6.51 5.67
C VAL B 15 -7.41 -6.11 4.64
N ILE B 16 -7.63 -6.49 3.39
CA ILE B 16 -6.70 -6.18 2.32
C ILE B 16 -6.54 -4.67 2.17
N GLY B 17 -7.64 -3.97 1.90
CA GLY B 17 -7.58 -2.54 1.75
C GLY B 17 -7.10 -1.83 2.99
N GLY B 18 -7.57 -2.29 4.15
CA GLY B 18 -7.16 -1.68 5.40
C GLY B 18 -5.66 -1.58 5.54
N VAL B 19 -4.97 -2.69 5.31
CA VAL B 19 -3.52 -2.73 5.41
C VAL B 19 -2.86 -2.08 4.19
N ALA B 20 -3.24 -2.57 3.00
CA ALA B 20 -2.70 -2.04 1.76
C ALA B 20 -2.78 -0.52 1.72
N VAL B 21 -4.00 0.00 1.80
CA VAL B 21 -4.21 1.45 1.78
C VAL B 21 -3.43 2.13 2.88
N GLY B 22 -3.55 1.62 4.10
CA GLY B 22 -2.85 2.20 5.23
C GLY B 22 -1.37 2.36 4.97
N VAL B 23 -0.79 1.41 4.25
CA VAL B 23 0.64 1.45 3.93
C VAL B 23 0.95 2.58 2.95
N VAL B 24 0.06 2.77 1.98
CA VAL B 24 0.24 3.82 0.99
C VAL B 24 0.35 5.19 1.64
N LEU B 25 -0.60 5.49 2.53
CA LEU B 25 -0.62 6.77 3.23
C LEU B 25 0.67 6.97 4.02
N LEU B 26 1.08 5.95 4.76
CA LEU B 26 2.30 6.01 5.56
C LEU B 26 3.51 6.30 4.68
N LEU B 27 3.54 5.69 3.49
CA LEU B 27 4.64 5.89 2.56
C LEU B 27 4.75 7.35 2.15
N VAL B 28 3.61 7.99 1.94
CA VAL B 28 3.58 9.40 1.55
C VAL B 28 4.23 10.29 2.61
N LEU B 29 3.69 10.25 3.82
CA LEU B 29 4.22 11.04 4.92
C LEU B 29 5.73 10.82 5.08
N ALA B 30 6.16 9.58 4.87
CA ALA B 30 7.58 9.24 4.99
C ALA B 30 8.41 10.04 3.98
N GLY B 31 8.34 9.64 2.72
CA GLY B 31 9.09 10.32 1.68
C GLY B 31 8.83 11.80 1.66
N VAL B 32 7.60 12.18 1.38
CA VAL B 32 7.21 13.59 1.33
C VAL B 32 7.69 14.34 2.58
N GLY B 33 7.58 13.67 3.74
CA GLY B 33 8.00 14.28 4.98
C GLY B 33 9.41 14.83 4.91
N PHE B 34 10.36 13.96 4.58
CA PHE B 34 11.76 14.36 4.49
C PHE B 34 12.04 15.07 3.16
N PHE B 35 11.12 14.89 2.20
CA PHE B 35 11.27 15.50 0.89
C PHE B 35 11.33 17.02 1.00
N ILE B 36 10.86 17.55 2.13
CA ILE B 36 10.86 18.99 2.36
C ILE B 36 12.24 19.47 2.82
N HIS B 37 13.03 18.55 3.36
CA HIS B 37 14.37 18.89 3.84
C HIS B 37 15.39 18.76 2.71
N ARG B 38 15.01 18.08 1.64
CA ARG B 38 15.88 17.89 0.49
C ARG B 38 16.13 19.21 -0.23
N ARG B 39 15.04 19.90 -0.57
CA ARG B 39 15.14 21.18 -1.27
C ARG B 39 14.73 22.33 -0.35
N ARG B 40 15.04 22.20 0.93
CA ARG B 40 14.70 23.23 1.91
C ARG B 40 13.26 23.69 1.73
N LYS B 41 12.92 24.81 2.35
CA LYS B 41 11.58 25.37 2.26
C LYS B 41 11.46 26.36 1.10
N GLU A 1 10.60 -6.17 5.24
CA GLU A 1 10.48 -4.77 4.89
C GLU A 1 9.59 -4.59 3.67
N PHE A 2 9.69 -5.52 2.72
CA PHE A 2 8.90 -5.47 1.50
C PHE A 2 7.87 -6.60 1.47
N GLN A 3 6.66 -6.28 1.02
CA GLN A 3 5.59 -7.27 0.94
C GLN A 3 4.83 -7.14 -0.38
N THR A 4 4.48 -8.28 -0.97
CA THR A 4 3.74 -8.28 -2.23
C THR A 4 2.85 -9.52 -2.34
N LEU A 5 1.56 -9.28 -2.48
CA LEU A 5 0.60 -10.38 -2.59
C LEU A 5 -0.22 -10.26 -3.88
N SER A 6 -0.17 -11.30 -4.70
CA SER A 6 -0.90 -11.32 -5.96
C SER A 6 -2.38 -11.04 -5.74
N PRO A 7 -3.04 -10.53 -6.79
CA PRO A 7 -4.47 -10.21 -6.73
C PRO A 7 -5.35 -11.44 -6.66
N GLU A 8 -5.66 -11.87 -5.43
CA GLU A 8 -6.49 -13.06 -5.24
C GLU A 8 -7.22 -12.98 -3.90
N GLY A 9 -8.53 -12.72 -3.97
CA GLY A 9 -9.33 -12.63 -2.76
C GLY A 9 -10.41 -13.68 -2.69
N SER A 10 -11.56 -13.38 -3.28
CA SER A 10 -12.69 -14.31 -3.28
C SER A 10 -13.83 -13.79 -4.14
N GLY A 11 -14.12 -12.50 -4.02
CA GLY A 11 -15.18 -11.90 -4.80
C GLY A 11 -14.82 -10.52 -5.32
N ASN A 12 -15.59 -9.52 -4.92
CA ASN A 12 -15.34 -8.14 -5.34
C ASN A 12 -14.37 -7.44 -4.39
N LEU A 13 -14.19 -8.02 -3.21
CA LEU A 13 -13.29 -7.46 -2.21
C LEU A 13 -11.83 -7.63 -2.63
N ALA A 14 -11.59 -8.57 -3.53
CA ALA A 14 -10.24 -8.84 -4.02
C ALA A 14 -9.71 -7.65 -4.81
N VAL A 15 -10.59 -6.97 -5.53
CA VAL A 15 -10.20 -5.82 -6.33
C VAL A 15 -9.49 -4.77 -5.48
N ILE A 16 -9.74 -4.81 -4.17
CA ILE A 16 -9.12 -3.87 -3.24
C ILE A 16 -7.60 -3.99 -3.27
N GLY A 17 -7.10 -5.18 -2.95
CA GLY A 17 -5.67 -5.42 -2.94
C GLY A 17 -5.04 -5.16 -4.29
N GLY A 18 -5.69 -5.65 -5.35
CA GLY A 18 -5.18 -5.47 -6.69
C GLY A 18 -4.82 -4.02 -6.98
N VAL A 19 -5.76 -3.13 -6.72
CA VAL A 19 -5.55 -1.70 -6.96
C VAL A 19 -4.65 -1.09 -5.89
N ALA A 20 -5.05 -1.26 -4.64
CA ALA A 20 -4.28 -0.72 -3.51
C ALA A 20 -2.81 -1.10 -3.62
N VAL A 21 -2.53 -2.40 -3.61
CA VAL A 21 -1.16 -2.89 -3.71
C VAL A 21 -0.48 -2.36 -4.96
N GLY A 22 -1.16 -2.49 -6.09
CA GLY A 22 -0.59 -2.02 -7.35
C GLY A 22 -0.13 -0.57 -7.27
N VAL A 23 -0.87 0.24 -6.51
CA VAL A 23 -0.52 1.65 -6.35
C VAL A 23 0.76 1.82 -5.55
N VAL A 24 0.90 1.01 -4.51
CA VAL A 24 2.09 1.07 -3.66
C VAL A 24 3.36 0.86 -4.47
N LEU A 25 3.41 -0.25 -5.22
CA LEU A 25 4.56 -0.56 -6.04
C LEU A 25 4.88 0.59 -7.00
N LEU A 26 3.85 1.08 -7.69
CA LEU A 26 4.02 2.18 -8.63
C LEU A 26 4.63 3.40 -7.95
N LEU A 27 4.23 3.64 -6.71
CA LEU A 27 4.73 4.78 -5.95
C LEU A 27 6.24 4.66 -5.74
N VAL A 28 6.70 3.44 -5.49
CA VAL A 28 8.12 3.19 -5.28
C VAL A 28 8.95 3.56 -6.50
N LEU A 29 8.59 2.98 -7.65
CA LEU A 29 9.28 3.25 -8.90
C LEU A 29 9.39 4.75 -9.15
N ALA A 30 8.33 5.47 -8.81
CA ALA A 30 8.30 6.91 -9.00
C ALA A 30 9.37 7.59 -8.16
N GLY A 31 9.15 7.65 -6.84
CA GLY A 31 10.10 8.27 -5.95
C GLY A 31 11.50 7.74 -6.13
N VAL A 32 11.67 6.43 -5.97
CA VAL A 32 12.97 5.80 -6.12
C VAL A 32 13.49 5.95 -7.54
N GLY A 33 12.62 6.33 -8.46
CA GLY A 33 13.01 6.50 -9.84
C GLY A 33 13.85 7.75 -10.05
N PHE A 34 13.38 8.88 -9.52
CA PHE A 34 14.09 10.14 -9.65
C PHE A 34 14.99 10.40 -8.45
N PHE A 35 14.52 9.98 -7.27
CA PHE A 35 15.27 10.16 -6.03
C PHE A 35 16.61 9.42 -6.12
N ILE A 36 16.71 8.48 -7.05
CA ILE A 36 17.94 7.71 -7.22
C ILE A 36 18.88 8.39 -8.20
N HIS A 37 18.31 9.13 -9.15
CA HIS A 37 19.10 9.83 -10.15
C HIS A 37 19.10 11.33 -9.88
N ARG A 38 19.32 11.72 -8.63
CA ARG A 38 19.34 13.12 -8.25
C ARG A 38 20.75 13.70 -8.36
N ARG A 39 21.75 12.83 -8.25
CA ARG A 39 23.14 13.25 -8.33
C ARG A 39 23.76 12.82 -9.66
N ARG A 40 23.17 11.80 -10.27
CA ARG A 40 23.67 11.29 -11.55
C ARG A 40 25.19 11.27 -11.57
N LYS A 41 25.79 10.89 -10.45
CA LYS A 41 27.24 10.83 -10.34
C LYS A 41 27.80 9.66 -11.14
N GLU B 1 -22.19 -19.35 5.80
CA GLU B 1 -21.84 -19.03 7.18
C GLU B 1 -20.36 -19.33 7.45
N PHE B 2 -19.48 -18.64 6.74
CA PHE B 2 -18.05 -18.83 6.89
C PHE B 2 -17.55 -18.17 8.18
N GLN B 3 -16.70 -18.89 8.92
CA GLN B 3 -16.16 -18.39 10.17
C GLN B 3 -15.10 -19.35 10.72
N THR B 4 -14.32 -18.85 11.67
CA THR B 4 -13.25 -19.66 12.28
C THR B 4 -12.96 -19.18 13.70
N LEU B 5 -13.96 -19.28 14.58
CA LEU B 5 -13.81 -18.86 15.97
C LEU B 5 -13.34 -17.41 16.04
N SER B 6 -13.95 -16.55 15.24
CA SER B 6 -13.61 -15.14 15.23
C SER B 6 -14.85 -14.27 15.36
N PRO B 7 -14.65 -13.05 15.88
CA PRO B 7 -15.75 -12.09 16.08
C PRO B 7 -16.30 -11.55 14.77
N GLU B 8 -15.54 -11.75 13.69
CA GLU B 8 -15.95 -11.28 12.37
C GLU B 8 -15.72 -12.36 11.32
N GLY B 9 -16.80 -12.99 10.88
CA GLY B 9 -16.69 -14.04 9.88
C GLY B 9 -17.21 -13.60 8.53
N SER B 10 -17.32 -12.29 8.33
CA SER B 10 -17.81 -11.75 7.08
C SER B 10 -17.05 -10.48 6.70
N GLY B 11 -15.75 -10.63 6.42
CA GLY B 11 -14.94 -9.49 6.05
C GLY B 11 -13.45 -9.78 6.15
N ASN B 12 -13.04 -10.93 5.62
CA ASN B 12 -11.63 -11.33 5.66
C ASN B 12 -10.85 -10.66 4.53
N LEU B 13 -11.55 -10.31 3.46
CA LEU B 13 -10.92 -9.66 2.32
C LEU B 13 -10.78 -8.16 2.56
N ALA B 14 -11.58 -7.63 3.47
CA ALA B 14 -11.55 -6.21 3.79
C ALA B 14 -10.19 -5.82 4.39
N VAL B 15 -9.60 -6.73 5.16
CA VAL B 15 -8.31 -6.49 5.78
C VAL B 15 -7.26 -6.08 4.75
N ILE B 16 -7.49 -6.48 3.50
CA ILE B 16 -6.56 -6.16 2.42
C ILE B 16 -6.43 -4.65 2.26
N GLY B 17 -7.54 -3.98 1.98
CA GLY B 17 -7.52 -2.54 1.81
C GLY B 17 -7.01 -1.82 3.04
N GLY B 18 -7.46 -2.26 4.21
CA GLY B 18 -7.03 -1.63 5.45
C GLY B 18 -5.52 -1.51 5.56
N VAL B 19 -4.83 -2.63 5.34
CA VAL B 19 -3.38 -2.65 5.42
C VAL B 19 -2.76 -2.02 4.18
N ALA B 20 -3.14 -2.52 3.00
CA ALA B 20 -2.62 -2.01 1.74
C ALA B 20 -2.72 -0.49 1.69
N VAL B 21 -3.93 0.03 1.78
CA VAL B 21 -4.16 1.47 1.74
C VAL B 21 -3.36 2.18 2.83
N GLY B 22 -3.46 1.67 4.06
CA GLY B 22 -2.73 2.28 5.16
C GLY B 22 -1.25 2.43 4.87
N VAL B 23 -0.69 1.46 4.15
CA VAL B 23 0.74 1.49 3.81
C VAL B 23 1.03 2.61 2.82
N VAL B 24 0.13 2.82 1.86
CA VAL B 24 0.29 3.85 0.86
C VAL B 24 0.42 5.23 1.51
N LEU B 25 -0.55 5.57 2.36
CA LEU B 25 -0.54 6.85 3.04
C LEU B 25 0.76 7.05 3.82
N LEU B 26 1.16 6.02 4.56
CA LEU B 26 2.39 6.08 5.35
C LEU B 26 3.60 6.36 4.47
N LEU B 27 3.58 5.77 3.27
CA LEU B 27 4.68 5.94 2.32
C LEU B 27 4.83 7.41 1.92
N VAL B 28 3.69 8.08 1.73
CA VAL B 28 3.70 9.49 1.35
C VAL B 28 4.35 10.35 2.43
N LEU B 29 3.78 10.31 3.63
CA LEU B 29 4.30 11.09 4.75
C LEU B 29 5.81 10.85 4.92
N ALA B 30 6.24 9.63 4.65
CA ALA B 30 7.65 9.28 4.77
C ALA B 30 8.50 10.10 3.81
N GLY B 31 8.45 9.74 2.53
CA GLY B 31 9.22 10.45 1.53
C GLY B 31 8.97 11.95 1.56
N VAL B 32 7.71 12.34 1.36
CA VAL B 32 7.35 13.75 1.36
C VAL B 32 7.77 14.42 2.66
N GLY B 33 7.85 13.64 3.73
CA GLY B 33 8.25 14.18 5.02
C GLY B 33 9.74 14.43 5.10
N PHE B 34 10.50 13.73 4.28
CA PHE B 34 11.96 13.88 4.27
C PHE B 34 12.39 14.91 3.23
N PHE B 35 11.54 15.13 2.23
CA PHE B 35 11.83 16.09 1.18
C PHE B 35 11.62 17.52 1.66
N ILE B 36 11.16 17.65 2.91
CA ILE B 36 10.92 18.96 3.49
C ILE B 36 12.15 19.48 4.23
N HIS B 37 13.06 18.56 4.55
CA HIS B 37 14.29 18.92 5.25
C HIS B 37 15.49 18.20 4.65
N ARG B 38 15.27 17.52 3.52
CA ARG B 38 16.33 16.79 2.85
C ARG B 38 17.57 17.67 2.65
N ARG B 39 18.58 17.44 3.48
CA ARG B 39 19.81 18.22 3.40
C ARG B 39 19.61 19.64 3.92
N ARG B 40 18.72 20.39 3.27
CA ARG B 40 18.44 21.75 3.66
C ARG B 40 17.46 22.41 2.69
N LYS B 41 16.75 23.42 3.16
CA LYS B 41 15.78 24.14 2.34
C LYS B 41 16.49 25.08 1.37
N GLU A 1 12.44 -1.52 0.84
CA GLU A 1 11.14 -2.02 1.26
C GLU A 1 10.56 -2.96 0.22
N PHE A 2 11.43 -3.74 -0.43
CA PHE A 2 11.00 -4.69 -1.45
C PHE A 2 10.70 -6.05 -0.84
N GLN A 3 9.45 -6.48 -0.96
CA GLN A 3 9.03 -7.77 -0.42
C GLN A 3 8.26 -8.57 -1.46
N THR A 4 7.70 -9.70 -1.03
CA THR A 4 6.94 -10.56 -1.93
C THR A 4 5.72 -11.15 -1.21
N LEU A 5 4.53 -10.84 -1.73
CA LEU A 5 3.30 -11.34 -1.14
C LEU A 5 2.57 -12.26 -2.12
N SER A 6 1.64 -13.06 -1.60
CA SER A 6 0.88 -13.98 -2.42
C SER A 6 -0.48 -13.39 -2.78
N PRO A 7 -1.07 -13.88 -3.89
CA PRO A 7 -2.37 -13.41 -4.37
C PRO A 7 -3.51 -13.86 -3.45
N GLU A 8 -4.52 -13.01 -3.32
CA GLU A 8 -5.68 -13.31 -2.48
C GLU A 8 -6.93 -12.61 -2.99
N GLY A 9 -7.81 -13.37 -3.64
CA GLY A 9 -9.03 -12.81 -4.17
C GLY A 9 -10.22 -13.74 -3.99
N SER A 10 -11.34 -13.19 -3.53
CA SER A 10 -12.55 -13.97 -3.31
C SER A 10 -13.66 -13.53 -4.27
N GLY A 11 -13.83 -12.22 -4.38
CA GLY A 11 -14.86 -11.68 -5.26
C GLY A 11 -14.61 -10.24 -5.66
N ASN A 12 -15.50 -9.35 -5.25
CA ASN A 12 -15.35 -7.93 -5.57
C ASN A 12 -14.40 -7.25 -4.61
N LEU A 13 -14.23 -7.84 -3.43
CA LEU A 13 -13.34 -7.29 -2.41
C LEU A 13 -11.88 -7.48 -2.81
N ALA A 14 -11.64 -8.42 -3.73
CA ALA A 14 -10.29 -8.70 -4.18
C ALA A 14 -9.72 -7.50 -4.96
N VAL A 15 -10.58 -6.80 -5.68
CA VAL A 15 -10.15 -5.64 -6.46
C VAL A 15 -9.44 -4.62 -5.57
N ILE A 16 -9.71 -4.67 -4.28
CA ILE A 16 -9.10 -3.75 -3.33
C ILE A 16 -7.58 -3.91 -3.33
N GLY A 17 -7.10 -5.11 -3.02
CA GLY A 17 -5.68 -5.36 -2.99
C GLY A 17 -5.01 -5.11 -4.33
N GLY A 18 -5.67 -5.56 -5.40
CA GLY A 18 -5.12 -5.37 -6.74
C GLY A 18 -4.75 -3.93 -7.02
N VAL A 19 -5.67 -3.02 -6.74
CA VAL A 19 -5.43 -1.60 -6.96
C VAL A 19 -4.54 -1.01 -5.87
N ALA A 20 -4.96 -1.19 -4.62
CA ALA A 20 -4.20 -0.69 -3.48
C ALA A 20 -2.73 -1.08 -3.58
N VAL A 21 -2.48 -2.39 -3.58
CA VAL A 21 -1.12 -2.90 -3.66
C VAL A 21 -0.40 -2.37 -4.90
N GLY A 22 -1.07 -2.48 -6.05
CA GLY A 22 -0.49 -1.99 -7.29
C GLY A 22 0.00 -0.57 -7.19
N VAL A 23 -0.74 0.26 -6.46
CA VAL A 23 -0.37 1.66 -6.28
C VAL A 23 0.90 1.80 -5.46
N VAL A 24 1.02 0.97 -4.42
CA VAL A 24 2.19 1.00 -3.56
C VAL A 24 3.47 0.77 -4.35
N LEU A 25 3.49 -0.31 -5.14
CA LEU A 25 4.65 -0.64 -5.95
C LEU A 25 5.02 0.51 -6.88
N LEU A 26 4.00 1.08 -7.53
CA LEU A 26 4.22 2.19 -8.45
C LEU A 26 4.84 3.38 -7.72
N LEU A 27 4.40 3.61 -6.49
CA LEU A 27 4.91 4.72 -5.69
C LEU A 27 6.42 4.58 -5.46
N VAL A 28 6.86 3.35 -5.23
CA VAL A 28 8.27 3.07 -5.00
C VAL A 28 9.11 3.42 -6.22
N LEU A 29 8.82 2.76 -7.34
CA LEU A 29 9.55 3.01 -8.57
C LEU A 29 9.56 4.49 -8.92
N ALA A 30 8.52 5.19 -8.50
CA ALA A 30 8.40 6.63 -8.76
C ALA A 30 9.46 7.41 -7.99
N GLY A 31 9.26 7.55 -6.68
CA GLY A 31 10.21 8.27 -5.85
C GLY A 31 11.61 7.70 -5.94
N VAL A 32 11.73 6.39 -5.73
CA VAL A 32 13.03 5.73 -5.77
C VAL A 32 13.67 5.90 -7.14
N GLY A 33 12.85 5.90 -8.18
CA GLY A 33 13.37 6.06 -9.53
C GLY A 33 13.81 7.47 -9.83
N PHE A 34 13.32 8.42 -9.03
CA PHE A 34 13.67 9.82 -9.21
C PHE A 34 14.83 10.21 -8.29
N PHE A 35 14.92 9.55 -7.15
CA PHE A 35 15.98 9.82 -6.18
C PHE A 35 17.35 9.45 -6.75
N ILE A 36 17.34 8.72 -7.87
CA ILE A 36 18.57 8.30 -8.51
C ILE A 36 18.87 9.14 -9.75
N HIS A 37 17.82 9.71 -10.32
CA HIS A 37 17.96 10.56 -11.51
C HIS A 37 17.17 11.85 -11.37
N ARG A 38 17.30 12.48 -10.20
CA ARG A 38 16.59 13.73 -9.93
C ARG A 38 17.07 14.84 -10.86
N ARG A 39 18.26 14.67 -11.41
CA ARG A 39 18.85 15.65 -12.32
C ARG A 39 19.77 14.99 -13.33
N ARG A 40 19.31 13.88 -13.91
CA ARG A 40 20.10 13.15 -14.90
C ARG A 40 20.67 14.10 -15.96
N LYS A 41 21.93 13.91 -16.29
CA LYS A 41 22.59 14.74 -17.29
C LYS A 41 22.00 14.50 -18.68
N GLU B 1 5.37 -20.25 19.96
CA GLU B 1 3.96 -20.61 19.85
C GLU B 1 3.58 -20.85 18.39
N PHE B 2 3.20 -22.09 18.09
CA PHE B 2 2.81 -22.46 16.73
C PHE B 2 1.38 -23.00 16.71
N GLN B 3 0.48 -22.27 16.06
CA GLN B 3 -0.92 -22.66 15.96
C GLN B 3 -1.70 -21.71 15.05
N THR B 4 -2.98 -22.00 14.87
CA THR B 4 -3.84 -21.18 14.03
C THR B 4 -5.30 -21.31 14.43
N LEU B 5 -6.02 -20.19 14.44
CA LEU B 5 -7.43 -20.19 14.81
C LEU B 5 -8.29 -20.61 13.62
N SER B 6 -9.61 -20.62 13.83
CA SER B 6 -10.55 -21.00 12.77
C SER B 6 -11.52 -19.87 12.49
N PRO B 7 -11.10 -18.94 11.61
CA PRO B 7 -11.91 -17.79 11.21
C PRO B 7 -13.12 -18.18 10.37
N GLU B 8 -13.91 -17.19 9.97
CA GLU B 8 -15.10 -17.45 9.16
C GLU B 8 -15.27 -16.36 8.10
N GLY B 9 -16.46 -16.29 7.52
CA GLY B 9 -16.73 -15.30 6.50
C GLY B 9 -17.45 -14.08 7.05
N SER B 10 -16.70 -12.99 7.23
CA SER B 10 -17.28 -11.75 7.75
C SER B 10 -16.42 -10.55 7.36
N GLY B 11 -16.05 -10.50 6.08
CA GLY B 11 -15.25 -9.39 5.58
C GLY B 11 -13.76 -9.65 5.74
N ASN B 12 -13.32 -10.83 5.35
CA ASN B 12 -11.91 -11.20 5.45
C ASN B 12 -11.09 -10.52 4.36
N LEU B 13 -11.75 -10.20 3.24
CA LEU B 13 -11.08 -9.55 2.12
C LEU B 13 -10.91 -8.06 2.39
N ALA B 14 -11.73 -7.53 3.29
CA ALA B 14 -11.67 -6.11 3.64
C ALA B 14 -10.32 -5.75 4.26
N VAL B 15 -9.76 -6.68 5.03
CA VAL B 15 -8.47 -6.46 5.68
C VAL B 15 -7.40 -6.07 4.66
N ILE B 16 -7.61 -6.46 3.41
CA ILE B 16 -6.67 -6.13 2.34
C ILE B 16 -6.50 -4.63 2.21
N GLY B 17 -7.60 -3.93 1.92
CA GLY B 17 -7.54 -2.49 1.76
C GLY B 17 -7.04 -1.79 3.01
N GLY B 18 -7.52 -2.23 4.17
CA GLY B 18 -7.10 -1.63 5.42
C GLY B 18 -5.60 -1.55 5.55
N VAL B 19 -4.93 -2.67 5.33
CA VAL B 19 -3.47 -2.73 5.44
C VAL B 19 -2.81 -2.09 4.20
N ALA B 20 -3.20 -2.57 3.03
CA ALA B 20 -2.64 -2.05 1.78
C ALA B 20 -2.71 -0.53 1.74
N VAL B 21 -3.92 0.01 1.83
CA VAL B 21 -4.12 1.46 1.80
C VAL B 21 -3.32 2.14 2.90
N GLY B 22 -3.44 1.63 4.12
CA GLY B 22 -2.72 2.20 5.25
C GLY B 22 -1.24 2.34 4.97
N VAL B 23 -0.68 1.37 4.24
CA VAL B 23 0.74 1.38 3.91
C VAL B 23 1.06 2.52 2.95
N VAL B 24 0.20 2.73 1.97
CA VAL B 24 0.39 3.78 0.98
C VAL B 24 0.55 5.14 1.66
N LEU B 25 -0.40 5.48 2.51
CA LEU B 25 -0.36 6.77 3.21
C LEU B 25 0.93 6.91 4.01
N LEU B 26 1.27 5.87 4.76
CA LEU B 26 2.49 5.87 5.56
C LEU B 26 3.72 6.14 4.70
N LEU B 27 3.72 5.58 3.49
CA LEU B 27 4.83 5.75 2.57
C LEU B 27 5.00 7.22 2.19
N VAL B 28 3.88 7.91 2.01
CA VAL B 28 3.90 9.32 1.65
C VAL B 28 4.59 10.16 2.73
N LEU B 29 4.09 10.06 3.95
CA LEU B 29 4.65 10.80 5.08
C LEU B 29 6.16 10.59 5.16
N ALA B 30 6.60 9.35 4.91
CA ALA B 30 8.01 9.02 4.95
C ALA B 30 8.79 9.80 3.90
N GLY B 31 8.62 9.41 2.64
CA GLY B 31 9.32 10.08 1.56
C GLY B 31 9.13 11.59 1.60
N VAL B 32 7.88 12.04 1.55
CA VAL B 32 7.58 13.46 1.57
C VAL B 32 8.03 14.09 2.89
N GLY B 33 8.32 13.25 3.88
CA GLY B 33 8.75 13.75 5.16
C GLY B 33 10.18 14.30 5.13
N PHE B 34 11.09 13.53 4.55
CA PHE B 34 12.48 13.94 4.45
C PHE B 34 12.76 14.60 3.09
N PHE B 35 11.97 14.24 2.09
CA PHE B 35 12.13 14.79 0.75
C PHE B 35 11.65 16.24 0.71
N ILE B 36 11.02 16.68 1.79
CA ILE B 36 10.52 18.06 1.88
C ILE B 36 11.51 18.96 2.61
N HIS B 37 12.38 18.34 3.39
CA HIS B 37 13.39 19.10 4.15
C HIS B 37 14.73 19.09 3.43
N ARG B 38 14.95 18.06 2.62
CA ARG B 38 16.20 17.93 1.87
C ARG B 38 16.27 18.95 0.75
N ARG B 39 17.43 19.59 0.61
CA ARG B 39 17.63 20.59 -0.43
C ARG B 39 16.58 21.70 -0.32
N ARG B 40 16.08 21.92 0.89
CA ARG B 40 15.08 22.95 1.12
C ARG B 40 14.02 22.94 0.02
N LYS B 41 13.29 24.05 -0.10
CA LYS B 41 12.26 24.17 -1.11
C LYS B 41 12.75 24.98 -2.30
N GLU A 1 13.65 -10.00 0.14
CA GLU A 1 13.83 -11.29 -0.51
C GLU A 1 12.62 -12.20 -0.26
N PHE A 2 11.98 -12.02 0.89
CA PHE A 2 10.82 -12.83 1.25
C PHE A 2 9.54 -12.15 0.81
N GLN A 3 8.65 -12.92 0.19
CA GLN A 3 7.37 -12.39 -0.30
C GLN A 3 6.26 -13.40 -0.09
N THR A 4 5.09 -13.11 -0.66
CA THR A 4 3.93 -14.00 -0.53
C THR A 4 3.08 -13.97 -1.79
N LEU A 5 3.74 -13.98 -2.95
CA LEU A 5 3.04 -13.96 -4.22
C LEU A 5 2.15 -12.73 -4.34
N SER A 6 1.39 -12.65 -5.42
CA SER A 6 0.50 -11.52 -5.66
C SER A 6 -0.76 -11.65 -4.80
N PRO A 7 -1.41 -10.50 -4.55
CA PRO A 7 -2.64 -10.45 -3.74
C PRO A 7 -3.83 -11.08 -4.46
N GLU A 8 -4.48 -12.02 -3.78
CA GLU A 8 -5.64 -12.70 -4.34
C GLU A 8 -6.78 -12.76 -3.34
N GLY A 9 -7.76 -11.86 -3.50
CA GLY A 9 -8.89 -11.82 -2.60
C GLY A 9 -9.84 -12.98 -2.82
N SER A 10 -11.13 -12.66 -2.94
CA SER A 10 -12.15 -13.69 -3.17
C SER A 10 -13.12 -13.26 -4.26
N GLY A 11 -13.67 -12.06 -4.13
CA GLY A 11 -14.61 -11.55 -5.11
C GLY A 11 -14.42 -10.08 -5.37
N ASN A 12 -15.46 -9.29 -5.12
CA ASN A 12 -15.42 -7.85 -5.34
C ASN A 12 -14.43 -7.19 -4.37
N LEU A 13 -14.20 -7.83 -3.24
CA LEU A 13 -13.27 -7.31 -2.25
C LEU A 13 -11.82 -7.52 -2.68
N ALA A 14 -11.62 -8.45 -3.61
CA ALA A 14 -10.28 -8.74 -4.12
C ALA A 14 -9.71 -7.56 -4.89
N VAL A 15 -10.59 -6.85 -5.60
CA VAL A 15 -10.18 -5.68 -6.38
C VAL A 15 -9.44 -4.67 -5.51
N ILE A 16 -9.69 -4.72 -4.20
CA ILE A 16 -9.06 -3.80 -3.26
C ILE A 16 -7.54 -3.96 -3.30
N GLY A 17 -7.06 -5.17 -3.00
CA GLY A 17 -5.63 -5.43 -3.01
C GLY A 17 -5.00 -5.18 -4.36
N GLY A 18 -5.67 -5.62 -5.41
CA GLY A 18 -5.15 -5.44 -6.75
C GLY A 18 -4.78 -4.00 -7.04
N VAL A 19 -5.70 -3.08 -6.74
CA VAL A 19 -5.45 -1.65 -6.96
C VAL A 19 -4.55 -1.08 -5.89
N ALA A 20 -4.94 -1.27 -4.63
CA ALA A 20 -4.17 -0.76 -3.50
C ALA A 20 -2.70 -1.16 -3.62
N VAL A 21 -2.45 -2.46 -3.63
CA VAL A 21 -1.08 -2.97 -3.76
C VAL A 21 -0.40 -2.44 -5.01
N GLY A 22 -1.09 -2.54 -6.14
CA GLY A 22 -0.54 -2.07 -7.39
C GLY A 22 -0.04 -0.64 -7.30
N VAL A 23 -0.74 0.19 -6.54
CA VAL A 23 -0.37 1.59 -6.37
C VAL A 23 0.92 1.72 -5.56
N VAL A 24 1.04 0.90 -4.52
CA VAL A 24 2.23 0.93 -3.67
C VAL A 24 3.50 0.71 -4.49
N LEU A 25 3.51 -0.36 -5.29
CA LEU A 25 4.66 -0.68 -6.12
C LEU A 25 4.99 0.47 -7.06
N LEU A 26 3.97 0.99 -7.73
CA LEU A 26 4.15 2.11 -8.66
C LEU A 26 4.76 3.31 -7.95
N LEU A 27 4.34 3.55 -6.71
CA LEU A 27 4.84 4.66 -5.93
C LEU A 27 6.35 4.55 -5.73
N VAL A 28 6.82 3.34 -5.48
CA VAL A 28 8.24 3.09 -5.28
C VAL A 28 9.05 3.47 -6.52
N LEU A 29 8.72 2.85 -7.64
CA LEU A 29 9.42 3.11 -8.90
C LEU A 29 9.46 4.61 -9.19
N ALA A 30 8.36 5.30 -8.90
CA ALA A 30 8.27 6.73 -9.12
C ALA A 30 9.29 7.48 -8.26
N GLY A 31 9.02 7.55 -6.96
CA GLY A 31 9.91 8.25 -6.06
C GLY A 31 11.35 7.77 -6.19
N VAL A 32 11.57 6.47 -5.98
CA VAL A 32 12.91 5.90 -6.07
C VAL A 32 13.47 6.05 -7.48
N GLY A 33 12.59 6.35 -8.44
CA GLY A 33 13.02 6.53 -9.81
C GLY A 33 13.82 7.80 -10.01
N PHE A 34 13.27 8.92 -9.54
CA PHE A 34 13.94 10.22 -9.68
C PHE A 34 14.78 10.52 -8.44
N PHE A 35 14.38 9.97 -7.31
CA PHE A 35 15.10 10.18 -6.06
C PHE A 35 16.45 9.45 -6.08
N ILE A 36 16.66 8.65 -7.10
CA ILE A 36 17.91 7.89 -7.24
C ILE A 36 18.82 8.53 -8.29
N HIS A 37 18.23 9.30 -9.20
CA HIS A 37 18.98 9.96 -10.25
C HIS A 37 18.42 11.36 -10.52
N ARG A 38 18.16 12.10 -9.45
CA ARG A 38 17.63 13.45 -9.57
C ARG A 38 18.56 14.32 -10.42
N ARG A 39 19.84 13.96 -10.46
CA ARG A 39 20.81 14.72 -11.23
C ARG A 39 21.94 13.80 -11.70
N ARG A 40 21.57 12.67 -12.30
CA ARG A 40 22.55 11.72 -12.81
C ARG A 40 23.60 12.41 -13.67
N LYS A 41 24.86 12.05 -13.46
CA LYS A 41 25.96 12.63 -14.21
C LYS A 41 25.87 12.25 -15.69
N GLU B 1 -9.49 12.69 17.47
CA GLU B 1 -9.99 11.51 18.17
C GLU B 1 -10.51 10.48 17.17
N PHE B 2 -9.69 9.48 16.86
CA PHE B 2 -10.06 8.43 15.92
C PHE B 2 -9.96 7.06 16.57
N GLN B 3 -11.04 6.30 16.50
CA GLN B 3 -11.07 4.96 17.09
C GLN B 3 -11.76 3.97 16.16
N THR B 4 -11.19 2.77 16.03
CA THR B 4 -11.76 1.74 15.17
C THR B 4 -11.41 0.35 15.68
N LEU B 5 -12.33 -0.24 16.43
CA LEU B 5 -12.12 -1.58 16.99
C LEU B 5 -13.29 -2.50 16.64
N SER B 6 -13.87 -2.28 15.46
CA SER B 6 -15.00 -3.10 15.01
C SER B 6 -14.80 -3.55 13.57
N PRO B 7 -15.42 -4.69 13.21
CA PRO B 7 -15.32 -5.25 11.87
C PRO B 7 -16.05 -4.42 10.83
N GLU B 8 -15.50 -4.36 9.62
CA GLU B 8 -16.10 -3.58 8.55
C GLU B 8 -15.91 -4.29 7.20
N GLY B 9 -16.11 -3.55 6.12
CA GLY B 9 -15.95 -4.11 4.79
C GLY B 9 -16.96 -5.20 4.50
N SER B 10 -16.47 -6.42 4.26
CA SER B 10 -17.33 -7.54 3.96
C SER B 10 -16.96 -8.76 4.82
N GLY B 11 -15.72 -9.20 4.69
CA GLY B 11 -15.25 -10.34 5.46
C GLY B 11 -13.78 -10.28 5.77
N ASN B 12 -13.03 -11.27 5.30
CA ASN B 12 -11.59 -11.32 5.53
C ASN B 12 -10.83 -10.60 4.41
N LEU B 13 -11.53 -10.34 3.32
CA LEU B 13 -10.92 -9.66 2.18
C LEU B 13 -10.76 -8.16 2.45
N ALA B 14 -11.53 -7.66 3.42
CA ALA B 14 -11.48 -6.25 3.78
C ALA B 14 -10.11 -5.88 4.36
N VAL B 15 -9.52 -6.81 5.11
CA VAL B 15 -8.22 -6.59 5.71
C VAL B 15 -7.18 -6.19 4.67
N ILE B 16 -7.44 -6.56 3.42
CA ILE B 16 -6.53 -6.24 2.33
C ILE B 16 -6.36 -4.73 2.19
N GLY B 17 -7.46 -4.03 1.95
CA GLY B 17 -7.41 -2.59 1.80
C GLY B 17 -6.88 -1.90 3.04
N GLY B 18 -7.33 -2.36 4.21
CA GLY B 18 -6.89 -1.76 5.46
C GLY B 18 -5.38 -1.67 5.56
N VAL B 19 -4.71 -2.79 5.31
CA VAL B 19 -3.25 -2.83 5.38
C VAL B 19 -2.63 -2.20 4.14
N ALA B 20 -3.03 -2.68 2.97
CA ALA B 20 -2.52 -2.14 1.72
C ALA B 20 -2.59 -0.62 1.68
N VAL B 21 -3.80 -0.09 1.79
CA VAL B 21 -4.01 1.35 1.77
C VAL B 21 -3.18 2.04 2.87
N GLY B 22 -3.28 1.52 4.09
CA GLY B 22 -2.53 2.09 5.20
C GLY B 22 -1.06 2.23 4.89
N VAL B 23 -0.51 1.27 4.16
CA VAL B 23 0.90 1.30 3.80
C VAL B 23 1.20 2.43 2.83
N VAL B 24 0.30 2.63 1.87
CA VAL B 24 0.47 3.70 0.88
C VAL B 24 0.62 5.06 1.54
N LEU B 25 -0.28 5.37 2.46
CA LEU B 25 -0.24 6.64 3.18
C LEU B 25 1.07 6.80 3.92
N LEU B 26 1.48 5.76 4.62
CA LEU B 26 2.73 5.80 5.38
C LEU B 26 3.92 6.06 4.47
N LEU B 27 3.88 5.47 3.27
CA LEU B 27 4.96 5.65 2.31
C LEU B 27 5.11 7.12 1.92
N VAL B 28 3.98 7.81 1.78
CA VAL B 28 3.98 9.22 1.41
C VAL B 28 4.68 10.06 2.48
N LEU B 29 4.15 10.02 3.69
CA LEU B 29 4.72 10.77 4.80
C LEU B 29 6.21 10.49 4.93
N ALA B 30 6.60 9.23 4.76
CA ALA B 30 8.00 8.84 4.86
C ALA B 30 8.84 9.55 3.82
N GLY B 31 8.72 9.12 2.57
CA GLY B 31 9.48 9.74 1.49
C GLY B 31 9.33 11.24 1.45
N VAL B 32 8.11 11.71 1.19
CA VAL B 32 7.83 13.13 1.14
C VAL B 32 8.39 13.85 2.36
N GLY B 33 8.27 13.21 3.51
CA GLY B 33 8.76 13.80 4.74
C GLY B 33 10.20 14.26 4.63
N PHE B 34 11.09 13.36 4.23
CA PHE B 34 12.50 13.68 4.08
C PHE B 34 12.77 14.33 2.72
N PHE B 35 11.82 14.17 1.81
CA PHE B 35 11.96 14.73 0.46
C PHE B 35 11.98 16.27 0.52
N ILE B 36 11.58 16.82 1.65
CA ILE B 36 11.55 18.27 1.82
C ILE B 36 12.93 18.80 2.19
N HIS B 37 13.72 17.99 2.87
CA HIS B 37 15.06 18.38 3.27
C HIS B 37 16.09 17.33 2.84
N ARG B 38 15.92 16.81 1.63
CA ARG B 38 16.83 15.79 1.11
C ARG B 38 17.96 16.43 0.32
N ARG B 39 19.20 16.08 0.67
CA ARG B 39 20.37 16.62 -0.01
C ARG B 39 20.37 18.15 0.05
N ARG B 40 19.69 18.70 1.05
CA ARG B 40 19.60 20.15 1.22
C ARG B 40 19.31 20.83 -0.11
N LYS B 41 19.52 22.15 -0.16
CA LYS B 41 19.27 22.92 -1.37
C LYS B 41 20.39 22.69 -2.39
N GLU A 1 -34.95 -8.17 18.73
CA GLU A 1 -33.62 -8.09 18.15
C GLU A 1 -33.67 -8.23 16.64
N PHE A 2 -32.96 -7.44 15.83
CA PHE A 2 -32.98 -7.52 14.38
C PHE A 2 -31.98 -8.55 13.86
N GLN A 3 -32.27 -8.98 12.64
CA GLN A 3 -31.59 -10.01 11.86
C GLN A 3 -30.20 -9.47 11.56
N THR A 4 -29.30 -10.44 11.46
CA THR A 4 -27.91 -10.19 11.09
C THR A 4 -27.76 -10.52 9.61
N LEU A 5 -27.43 -9.57 8.74
CA LEU A 5 -27.21 -9.58 7.31
C LEU A 5 -25.74 -9.30 7.05
N SER A 6 -25.04 -10.40 6.72
CA SER A 6 -23.70 -10.36 6.16
C SER A 6 -23.91 -9.93 4.70
N PRO A 7 -23.08 -8.98 4.27
CA PRO A 7 -23.13 -8.54 2.87
C PRO A 7 -22.69 -9.57 1.84
N GLU A 8 -22.92 -9.37 0.55
CA GLU A 8 -22.51 -10.15 -0.60
C GLU A 8 -21.01 -9.97 -0.81
N GLY A 9 -20.39 -11.13 -0.96
CA GLY A 9 -18.99 -11.20 -1.31
C GLY A 9 -18.91 -11.67 -2.75
N SER A 10 -18.79 -10.71 -3.66
CA SER A 10 -18.76 -10.96 -5.08
C SER A 10 -17.38 -11.15 -5.70
N GLY A 11 -16.41 -10.59 -4.98
CA GLY A 11 -15.02 -10.46 -5.36
C GLY A 11 -14.58 -9.02 -5.63
N ASN A 12 -15.56 -8.12 -5.72
CA ASN A 12 -15.48 -6.68 -5.86
C ASN A 12 -14.51 -5.96 -4.95
N LEU A 13 -14.24 -6.39 -3.72
CA LEU A 13 -13.30 -5.76 -2.82
C LEU A 13 -11.97 -6.49 -2.84
N ALA A 14 -11.89 -7.64 -3.53
CA ALA A 14 -10.66 -8.37 -3.74
C ALA A 14 -9.70 -7.59 -4.62
N VAL A 15 -10.25 -6.87 -5.62
CA VAL A 15 -9.57 -5.98 -6.54
C VAL A 15 -8.71 -4.94 -5.86
N ILE A 16 -9.11 -4.40 -4.70
CA ILE A 16 -8.24 -3.55 -3.92
C ILE A 16 -6.84 -4.11 -3.65
N GLY A 17 -6.74 -5.43 -3.42
CA GLY A 17 -5.48 -6.12 -3.18
C GLY A 17 -4.57 -6.27 -4.37
N GLY A 18 -5.10 -6.22 -5.59
CA GLY A 18 -4.35 -5.98 -6.81
C GLY A 18 -3.87 -4.56 -6.98
N VAL A 19 -4.82 -3.61 -6.89
CA VAL A 19 -4.72 -2.20 -7.18
C VAL A 19 -3.84 -1.53 -6.13
N ALA A 20 -4.09 -1.57 -4.83
CA ALA A 20 -3.42 -0.83 -3.78
C ALA A 20 -2.03 -1.40 -3.53
N VAL A 21 -1.84 -2.70 -3.68
CA VAL A 21 -0.54 -3.32 -3.49
C VAL A 21 0.29 -3.04 -4.73
N GLY A 22 -0.32 -2.72 -5.88
CA GLY A 22 0.35 -2.19 -7.05
C GLY A 22 0.69 -0.70 -6.91
N VAL A 23 -0.02 0.03 -6.04
CA VAL A 23 0.38 1.38 -5.70
C VAL A 23 1.55 1.40 -4.74
N VAL A 24 1.63 0.40 -3.84
CA VAL A 24 2.82 0.10 -3.09
C VAL A 24 4.07 -0.18 -3.91
N LEU A 25 3.82 -0.95 -4.97
CA LEU A 25 4.84 -1.28 -5.96
C LEU A 25 5.19 0.00 -6.73
N LEU A 26 4.28 0.95 -6.94
CA LEU A 26 4.53 2.20 -7.63
C LEU A 26 5.36 3.14 -6.76
N LEU A 27 4.97 3.33 -5.48
CA LEU A 27 5.64 4.20 -4.55
C LEU A 27 7.04 3.74 -4.17
N VAL A 28 7.31 2.44 -4.30
CA VAL A 28 8.68 1.98 -4.39
C VAL A 28 9.19 2.59 -5.69
N LEU A 29 8.97 1.90 -6.81
CA LEU A 29 9.60 1.96 -8.13
C LEU A 29 9.70 3.32 -8.79
N ALA A 30 8.58 4.04 -8.90
CA ALA A 30 8.44 5.44 -9.27
C ALA A 30 9.15 6.41 -8.34
N GLY A 31 9.15 6.14 -7.03
CA GLY A 31 9.78 6.91 -5.98
C GLY A 31 11.31 6.93 -6.10
N VAL A 32 11.83 5.73 -5.89
CA VAL A 32 13.24 5.41 -5.90
C VAL A 32 13.97 5.86 -7.16
N GLY A 33 13.25 5.99 -8.26
CA GLY A 33 13.63 6.53 -9.55
C GLY A 33 13.36 8.03 -9.61
N PHE A 34 12.55 8.71 -8.81
CA PHE A 34 12.29 10.13 -8.70
C PHE A 34 13.39 10.87 -7.96
N PHE A 35 13.99 10.28 -6.94
CA PHE A 35 15.14 10.81 -6.24
C PHE A 35 16.48 10.63 -6.92
N ILE A 36 16.46 10.17 -8.17
CA ILE A 36 17.50 9.94 -9.16
C ILE A 36 17.14 10.56 -10.51
N HIS A 37 15.96 11.15 -10.61
CA HIS A 37 15.40 11.98 -11.66
C HIS A 37 15.15 13.37 -11.11
N ARG A 38 16.24 13.99 -10.65
CA ARG A 38 16.40 15.41 -10.41
C ARG A 38 17.70 15.81 -11.09
N ARG A 39 18.08 17.08 -11.07
CA ARG A 39 19.30 17.68 -11.60
C ARG A 39 20.35 17.71 -10.49
N ARG A 40 19.92 18.00 -9.26
CA ARG A 40 20.74 17.87 -8.06
C ARG A 40 20.37 16.54 -7.43
N LYS A 41 20.85 15.43 -8.00
CA LYS A 41 20.63 14.05 -7.59
C LYS A 41 21.38 13.65 -6.33
N GLU B 1 -36.07 -1.06 15.15
CA GLU B 1 -35.31 -2.22 15.62
C GLU B 1 -33.82 -2.06 15.29
N PHE B 2 -32.98 -2.78 16.04
CA PHE B 2 -31.53 -2.69 16.02
C PHE B 2 -31.03 -4.04 16.50
N GLN B 3 -29.71 -4.26 16.50
CA GLN B 3 -29.09 -5.41 17.11
C GLN B 3 -27.76 -5.07 17.78
N THR B 4 -27.10 -6.07 18.38
CA THR B 4 -25.83 -5.97 19.06
C THR B 4 -24.93 -7.16 18.80
N LEU B 5 -25.44 -8.17 18.06
CA LEU B 5 -24.81 -9.45 17.84
C LEU B 5 -23.57 -9.27 16.97
N SER B 6 -23.59 -8.40 15.97
CA SER B 6 -22.48 -8.04 15.11
C SER B 6 -22.43 -6.56 14.77
N PRO B 7 -21.27 -5.96 15.03
CA PRO B 7 -21.24 -4.51 15.10
C PRO B 7 -21.46 -3.79 13.77
N GLU B 8 -21.31 -2.46 13.79
CA GLU B 8 -21.35 -1.72 12.55
C GLU B 8 -19.99 -1.76 11.88
N GLY B 9 -19.98 -2.60 10.83
CA GLY B 9 -18.99 -2.63 9.78
C GLY B 9 -19.70 -2.93 8.47
N SER B 10 -18.97 -3.31 7.44
CA SER B 10 -19.46 -3.54 6.09
C SER B 10 -18.95 -4.73 5.26
N GLY B 11 -18.41 -5.80 5.83
CA GLY B 11 -17.89 -6.94 5.10
C GLY B 11 -16.48 -7.25 5.58
N ASN B 12 -15.83 -8.33 5.17
CA ASN B 12 -14.63 -8.95 5.73
C ASN B 12 -13.42 -8.96 4.82
N LEU B 13 -13.45 -8.20 3.71
CA LEU B 13 -12.32 -7.93 2.82
C LEU B 13 -11.79 -6.50 2.92
N ALA B 14 -12.42 -5.57 3.64
CA ALA B 14 -11.94 -4.22 3.84
C ALA B 14 -10.53 -3.99 4.40
N VAL B 15 -10.10 -4.99 5.17
CA VAL B 15 -8.74 -5.13 5.69
C VAL B 15 -7.68 -5.08 4.61
N ILE B 16 -8.02 -5.46 3.38
CA ILE B 16 -7.20 -5.58 2.20
C ILE B 16 -6.59 -4.24 1.81
N GLY B 17 -7.41 -3.22 2.08
CA GLY B 17 -7.06 -1.83 1.87
C GLY B 17 -6.80 -1.11 3.20
N GLY B 18 -6.74 -1.77 4.35
CA GLY B 18 -6.26 -1.22 5.60
C GLY B 18 -4.83 -1.72 5.76
N VAL B 19 -4.55 -2.92 5.25
CA VAL B 19 -3.26 -3.52 4.97
C VAL B 19 -2.46 -2.68 3.97
N ALA B 20 -2.86 -2.71 2.69
CA ALA B 20 -2.12 -2.05 1.65
C ALA B 20 -2.10 -0.54 1.64
N VAL B 21 -3.23 0.15 1.86
CA VAL B 21 -3.25 1.59 1.84
C VAL B 21 -2.71 2.16 3.14
N GLY B 22 -2.65 1.32 4.18
CA GLY B 22 -1.97 1.76 5.38
C GLY B 22 -0.45 1.70 5.24
N VAL B 23 0.06 0.70 4.52
CA VAL B 23 1.44 0.64 4.07
C VAL B 23 1.71 1.89 3.24
N VAL B 24 0.94 2.42 2.29
CA VAL B 24 0.98 3.70 1.61
C VAL B 24 1.15 4.84 2.60
N LEU B 25 0.43 4.91 3.73
CA LEU B 25 0.56 5.92 4.77
C LEU B 25 1.94 5.90 5.41
N LEU B 26 2.43 4.71 5.73
CA LEU B 26 3.72 4.54 6.36
C LEU B 26 4.81 4.81 5.33
N LEU B 27 4.66 4.34 4.08
CA LEU B 27 5.55 4.30 2.94
C LEU B 27 5.91 5.72 2.48
N VAL B 28 4.89 6.57 2.37
CA VAL B 28 5.15 7.96 2.04
C VAL B 28 5.92 8.75 3.07
N LEU B 29 5.57 8.65 4.35
CA LEU B 29 6.28 9.22 5.47
C LEU B 29 7.74 8.80 5.61
N ALA B 30 8.03 7.57 5.15
CA ALA B 30 9.35 7.01 4.96
C ALA B 30 10.07 7.67 3.81
N GLY B 31 9.33 8.23 2.84
CA GLY B 31 9.75 9.08 1.73
C GLY B 31 10.13 10.50 2.12
N VAL B 32 9.25 11.22 2.85
CA VAL B 32 9.48 12.49 3.49
C VAL B 32 10.56 12.29 4.55
N GLY B 33 10.58 11.16 5.26
CA GLY B 33 11.71 10.87 6.11
C GLY B 33 13.09 11.09 5.49
N PHE B 34 13.31 10.42 4.35
CA PHE B 34 14.55 10.37 3.62
C PHE B 34 14.81 11.66 2.85
N PHE B 35 13.74 12.39 2.49
CA PHE B 35 13.87 13.53 1.62
C PHE B 35 14.43 14.78 2.27
N ILE B 36 14.17 14.87 3.58
CA ILE B 36 14.59 15.84 4.58
C ILE B 36 16.09 16.03 4.46
N HIS B 37 16.83 14.92 4.45
CA HIS B 37 18.27 14.88 4.31
C HIS B 37 18.67 13.54 3.71
N ARG B 38 18.92 13.39 2.42
CA ARG B 38 19.04 12.15 1.69
C ARG B 38 20.41 11.51 1.88
N ARG B 39 21.37 12.14 2.55
CA ARG B 39 22.79 11.90 2.76
C ARG B 39 23.57 12.72 1.74
N ARG B 40 23.06 12.56 0.51
CA ARG B 40 23.42 13.28 -0.70
C ARG B 40 22.65 14.59 -0.71
N LYS B 41 23.34 15.68 -1.05
CA LYS B 41 22.91 17.05 -0.99
C LYS B 41 23.51 17.90 -2.11
N GLU A 1 6.74 -33.51 4.34
CA GLU A 1 6.51 -32.58 3.22
C GLU A 1 6.09 -31.22 3.78
N PHE A 2 6.84 -30.16 3.44
CA PHE A 2 6.58 -28.75 3.63
C PHE A 2 5.65 -28.14 2.60
N GLN A 3 4.42 -27.87 3.03
CA GLN A 3 3.43 -27.19 2.21
C GLN A 3 3.25 -25.81 2.81
N THR A 4 2.95 -24.76 2.02
CA THR A 4 2.64 -23.39 2.37
C THR A 4 1.51 -23.03 1.40
N LEU A 5 0.35 -23.64 1.58
CA LEU A 5 -0.88 -23.55 0.82
C LEU A 5 -1.79 -22.50 1.45
N SER A 6 -2.42 -21.66 0.61
CA SER A 6 -3.37 -20.62 0.96
C SER A 6 -4.73 -21.25 1.26
N PRO A 7 -5.61 -20.55 1.96
CA PRO A 7 -6.93 -21.00 2.34
C PRO A 7 -7.93 -20.80 1.19
N GLU A 8 -9.09 -21.43 1.34
CA GLU A 8 -10.17 -21.30 0.38
C GLU A 8 -10.70 -19.88 0.52
N GLY A 9 -11.53 -19.53 -0.47
CA GLY A 9 -12.43 -18.40 -0.44
C GLY A 9 -12.26 -17.68 -1.76
N SER A 10 -13.25 -16.85 -2.08
CA SER A 10 -13.32 -16.04 -3.27
C SER A 10 -13.88 -14.66 -2.99
N GLY A 11 -13.13 -13.60 -3.32
CA GLY A 11 -13.41 -12.21 -3.07
C GLY A 11 -13.62 -11.45 -4.38
N ASN A 12 -14.58 -10.54 -4.40
CA ASN A 12 -14.63 -9.50 -5.41
C ASN A 12 -14.09 -8.17 -4.91
N LEU A 13 -13.98 -7.96 -3.59
CA LEU A 13 -13.15 -6.98 -2.93
C LEU A 13 -11.67 -7.32 -2.95
N ALA A 14 -11.30 -8.41 -3.62
CA ALA A 14 -9.97 -8.72 -4.12
C ALA A 14 -9.52 -7.67 -5.13
N VAL A 15 -10.38 -7.07 -5.93
CA VAL A 15 -10.08 -6.03 -6.90
C VAL A 15 -9.52 -4.79 -6.22
N ILE A 16 -9.95 -4.44 -5.00
CA ILE A 16 -9.30 -3.47 -4.15
C ILE A 16 -7.83 -3.81 -3.94
N GLY A 17 -7.45 -5.04 -3.58
CA GLY A 17 -6.13 -5.29 -3.04
C GLY A 17 -5.10 -5.03 -4.12
N GLY A 18 -5.37 -5.30 -5.39
CA GLY A 18 -4.37 -4.97 -6.38
C GLY A 18 -4.33 -3.50 -6.78
N VAL A 19 -5.43 -2.75 -6.63
CA VAL A 19 -5.48 -1.33 -6.82
C VAL A 19 -4.59 -0.66 -5.78
N ALA A 20 -4.95 -0.95 -4.53
CA ALA A 20 -4.29 -0.41 -3.37
C ALA A 20 -2.84 -0.85 -3.25
N VAL A 21 -2.45 -2.12 -3.45
CA VAL A 21 -1.08 -2.55 -3.27
C VAL A 21 -0.31 -2.23 -4.53
N GLY A 22 -1.02 -1.99 -5.64
CA GLY A 22 -0.30 -1.55 -6.81
C GLY A 22 0.16 -0.11 -6.74
N VAL A 23 -0.55 0.76 -6.02
CA VAL A 23 -0.12 2.09 -5.63
C VAL A 23 1.14 2.06 -4.78
N VAL A 24 1.17 1.19 -3.76
CA VAL A 24 2.29 0.86 -2.91
C VAL A 24 3.55 0.64 -3.75
N LEU A 25 3.45 -0.17 -4.82
CA LEU A 25 4.50 -0.63 -5.70
C LEU A 25 5.05 0.49 -6.55
N LEU A 26 4.17 1.13 -7.32
CA LEU A 26 4.35 2.41 -7.98
C LEU A 26 4.86 3.53 -7.08
N LEU A 27 4.58 3.54 -5.77
CA LEU A 27 4.89 4.70 -4.97
C LEU A 27 6.39 4.79 -4.69
N VAL A 28 7.01 3.63 -4.43
CA VAL A 28 8.43 3.53 -4.15
C VAL A 28 9.16 3.51 -5.47
N LEU A 29 8.63 2.88 -6.53
CA LEU A 29 9.13 2.98 -7.89
C LEU A 29 9.11 4.42 -8.40
N ALA A 30 8.24 5.30 -7.94
CA ALA A 30 8.39 6.74 -8.20
C ALA A 30 9.60 7.39 -7.57
N GLY A 31 10.02 6.87 -6.41
CA GLY A 31 11.13 7.42 -5.68
C GLY A 31 12.46 6.80 -6.09
N VAL A 32 12.50 5.54 -6.55
CA VAL A 32 13.68 4.85 -6.99
C VAL A 32 14.02 5.29 -8.40
N GLY A 33 13.04 5.88 -9.12
CA GLY A 33 13.16 6.43 -10.45
C GLY A 33 13.45 7.93 -10.29
N PHE A 34 13.53 8.46 -9.07
CA PHE A 34 13.69 9.88 -8.84
C PHE A 34 15.10 10.09 -8.29
N PHE A 35 15.52 9.40 -7.23
CA PHE A 35 16.83 9.55 -6.64
C PHE A 35 17.96 8.89 -7.42
N ILE A 36 17.87 8.89 -8.75
CA ILE A 36 18.94 8.65 -9.70
C ILE A 36 19.19 9.78 -10.69
N HIS A 37 18.21 10.63 -10.95
CA HIS A 37 18.22 11.63 -12.00
C HIS A 37 17.39 12.80 -11.52
N ARG A 38 18.02 13.83 -10.95
CA ARG A 38 17.39 15.05 -10.49
C ARG A 38 18.07 16.26 -11.10
N ARG A 39 17.34 17.06 -11.88
CA ARG A 39 17.71 18.35 -12.41
C ARG A 39 17.39 19.48 -11.46
N ARG A 40 16.41 19.24 -10.58
CA ARG A 40 15.96 20.15 -9.55
C ARG A 40 16.89 19.94 -8.37
N LYS A 41 17.11 20.95 -7.55
CA LYS A 41 17.41 20.77 -6.13
C LYS A 41 16.32 21.39 -5.26
N GLU B 1 -32.00 -21.68 28.12
CA GLU B 1 -31.12 -20.86 27.28
C GLU B 1 -31.94 -19.82 26.55
N PHE B 2 -31.28 -18.70 26.22
CA PHE B 2 -31.78 -17.68 25.32
C PHE B 2 -30.66 -16.94 24.61
N GLN B 3 -29.37 -17.24 24.67
CA GLN B 3 -28.29 -16.55 23.98
C GLN B 3 -27.67 -17.48 22.94
N THR B 4 -26.92 -16.95 21.98
CA THR B 4 -26.18 -17.72 21.01
C THR B 4 -24.82 -17.04 20.96
N LEU B 5 -23.72 -17.72 20.64
CA LEU B 5 -22.37 -17.25 20.36
C LEU B 5 -22.09 -17.60 18.90
N SER B 6 -22.98 -17.20 18.00
CA SER B 6 -22.82 -17.34 16.56
C SER B 6 -21.83 -16.42 15.86
N PRO B 7 -21.15 -16.88 14.81
CA PRO B 7 -20.14 -16.10 14.11
C PRO B 7 -20.85 -15.07 13.25
N GLU B 8 -20.50 -13.80 13.43
CA GLU B 8 -20.58 -12.71 12.48
C GLU B 8 -19.29 -12.56 11.70
N GLY B 9 -19.42 -12.55 10.37
CA GLY B 9 -18.38 -12.25 9.40
C GLY B 9 -19.04 -11.66 8.15
N SER B 10 -18.78 -10.40 7.80
CA SER B 10 -19.40 -9.77 6.67
C SER B 10 -18.45 -8.74 6.05
N GLY B 11 -17.31 -8.64 6.73
CA GLY B 11 -16.31 -7.68 6.29
C GLY B 11 -14.98 -8.37 6.08
N ASN B 12 -14.97 -9.60 5.57
CA ASN B 12 -13.80 -10.45 5.50
C ASN B 12 -12.79 -10.01 4.45
N LEU B 13 -13.16 -9.35 3.35
CA LEU B 13 -12.19 -8.91 2.35
C LEU B 13 -12.12 -7.41 2.51
N ALA B 14 -13.09 -6.61 2.96
CA ALA B 14 -13.08 -5.18 3.15
C ALA B 14 -11.99 -4.58 4.02
N VAL B 15 -11.41 -5.45 4.85
CA VAL B 15 -10.22 -5.10 5.61
C VAL B 15 -9.07 -4.62 4.73
N ILE B 16 -8.97 -5.04 3.47
CA ILE B 16 -7.94 -4.67 2.50
C ILE B 16 -7.99 -3.17 2.20
N GLY B 17 -9.18 -2.57 2.30
CA GLY B 17 -9.56 -1.21 1.97
C GLY B 17 -9.27 -0.26 3.12
N GLY B 18 -8.82 -0.82 4.23
CA GLY B 18 -8.33 -0.04 5.34
C GLY B 18 -6.84 -0.32 5.52
N VAL B 19 -6.39 -1.57 5.58
CA VAL B 19 -4.98 -1.94 5.53
C VAL B 19 -4.16 -1.45 4.35
N ALA B 20 -4.52 -1.60 3.07
CA ALA B 20 -3.65 -1.31 1.95
C ALA B 20 -3.73 0.15 1.54
N VAL B 21 -4.90 0.77 1.62
CA VAL B 21 -5.06 2.21 1.56
C VAL B 21 -4.44 2.97 2.72
N GLY B 22 -4.34 2.31 3.87
CA GLY B 22 -3.85 2.91 5.08
C GLY B 22 -2.33 2.87 5.04
N VAL B 23 -1.76 1.76 4.55
CA VAL B 23 -0.36 1.70 4.21
C VAL B 23 0.03 2.71 3.14
N VAL B 24 -0.88 3.06 2.22
CA VAL B 24 -0.71 4.15 1.29
C VAL B 24 -0.63 5.49 2.00
N LEU B 25 -1.50 5.82 2.96
CA LEU B 25 -1.53 7.02 3.77
C LEU B 25 -0.21 7.19 4.50
N LEU B 26 0.27 6.16 5.21
CA LEU B 26 1.57 6.10 5.85
C LEU B 26 2.76 6.20 4.89
N LEU B 27 2.80 5.46 3.78
CA LEU B 27 3.78 5.60 2.72
C LEU B 27 3.83 7.00 2.11
N VAL B 28 2.72 7.69 1.88
CA VAL B 28 2.72 8.98 1.27
C VAL B 28 3.24 9.98 2.30
N LEU B 29 2.99 9.89 3.61
CA LEU B 29 3.62 10.80 4.55
C LEU B 29 5.06 10.40 4.83
N ALA B 30 5.36 9.10 4.70
CA ALA B 30 6.73 8.62 4.70
C ALA B 30 7.53 9.07 3.48
N GLY B 31 6.90 9.21 2.31
CA GLY B 31 7.38 9.53 0.99
C GLY B 31 7.69 11.01 0.88
N VAL B 32 6.72 11.84 1.29
CA VAL B 32 6.90 13.27 1.41
C VAL B 32 8.00 13.49 2.45
N GLY B 33 8.05 12.74 3.55
CA GLY B 33 8.88 13.00 4.71
C GLY B 33 10.30 12.58 4.35
N PHE B 34 10.48 11.55 3.52
CA PHE B 34 11.75 11.16 2.96
C PHE B 34 12.19 12.18 1.92
N PHE B 35 11.37 12.65 0.98
CA PHE B 35 11.60 13.63 -0.06
C PHE B 35 11.97 15.02 0.46
N ILE B 36 11.22 15.50 1.42
CA ILE B 36 11.67 16.70 2.11
C ILE B 36 13.09 16.61 2.69
N HIS B 37 13.49 15.49 3.26
CA HIS B 37 14.77 15.19 3.87
C HIS B 37 15.92 15.32 2.89
N ARG B 38 15.75 14.71 1.71
CA ARG B 38 16.66 14.73 0.60
C ARG B 38 16.74 16.09 -0.10
N ARG B 39 16.43 17.17 0.61
CA ARG B 39 16.32 18.56 0.25
C ARG B 39 16.84 19.38 1.42
N ARG B 40 17.42 18.80 2.46
CA ARG B 40 18.09 19.51 3.52
C ARG B 40 19.55 19.92 3.32
N LYS B 41 20.13 19.62 2.16
CA LYS B 41 21.54 19.82 1.82
C LYS B 41 21.55 20.16 0.34
#